data_2YVM
# 
_entry.id   2YVM 
# 
_audit_conform.dict_name       mmcif_pdbx.dic 
_audit_conform.dict_version    5.388 
_audit_conform.dict_location   http://mmcif.pdb.org/dictionaries/ascii/mmcif_pdbx.dic 
# 
loop_
_database_2.database_id 
_database_2.database_code 
_database_2.pdbx_database_accession 
_database_2.pdbx_DOI 
PDB   2YVM         pdb_00002yvm 10.2210/pdb2yvm/pdb 
RCSB  RCSB027190   ?            ?                   
WWPDB D_1000027190 ?            ?                   
# 
loop_
_pdbx_audit_revision_history.ordinal 
_pdbx_audit_revision_history.data_content_type 
_pdbx_audit_revision_history.major_revision 
_pdbx_audit_revision_history.minor_revision 
_pdbx_audit_revision_history.revision_date 
1 'Structure model' 1 0 2008-02-26 
2 'Structure model' 1 1 2011-07-13 
3 'Structure model' 1 2 2024-03-13 
# 
_pdbx_audit_revision_details.ordinal             1 
_pdbx_audit_revision_details.revision_ordinal    1 
_pdbx_audit_revision_details.data_content_type   'Structure model' 
_pdbx_audit_revision_details.provider            repository 
_pdbx_audit_revision_details.type                'Initial release' 
_pdbx_audit_revision_details.description         ? 
_pdbx_audit_revision_details.details             ? 
# 
loop_
_pdbx_audit_revision_group.ordinal 
_pdbx_audit_revision_group.revision_ordinal 
_pdbx_audit_revision_group.data_content_type 
_pdbx_audit_revision_group.group 
1 2 'Structure model' 'Derived calculations'      
2 2 'Structure model' 'Source and taxonomy'       
3 2 'Structure model' 'Version format compliance' 
4 3 'Structure model' 'Data collection'           
5 3 'Structure model' 'Database references'       
6 3 'Structure model' 'Derived calculations'      
# 
loop_
_pdbx_audit_revision_category.ordinal 
_pdbx_audit_revision_category.revision_ordinal 
_pdbx_audit_revision_category.data_content_type 
_pdbx_audit_revision_category.category 
1 3 'Structure model' chem_comp_atom 
2 3 'Structure model' chem_comp_bond 
3 3 'Structure model' database_2     
4 3 'Structure model' struct_site    
# 
loop_
_pdbx_audit_revision_item.ordinal 
_pdbx_audit_revision_item.revision_ordinal 
_pdbx_audit_revision_item.data_content_type 
_pdbx_audit_revision_item.item 
1 3 'Structure model' '_database_2.pdbx_DOI'                
2 3 'Structure model' '_database_2.pdbx_database_accession' 
3 3 'Structure model' '_struct_site.pdbx_auth_asym_id'      
4 3 'Structure model' '_struct_site.pdbx_auth_comp_id'      
5 3 'Structure model' '_struct_site.pdbx_auth_seq_id'       
# 
_pdbx_database_status.status_code                     REL 
_pdbx_database_status.entry_id                        2YVM 
_pdbx_database_status.recvd_initial_deposition_date   2007-04-13 
_pdbx_database_status.deposit_site                    PDBJ 
_pdbx_database_status.process_site                    PDBJ 
_pdbx_database_status.status_code_sf                  REL 
_pdbx_database_status.status_code_mr                  ? 
_pdbx_database_status.SG_entry                        Y 
_pdbx_database_status.pdb_format_compatible           Y 
_pdbx_database_status.status_code_cs                  ? 
_pdbx_database_status.status_code_nmr_data            ? 
_pdbx_database_status.methods_development_category    ? 
# 
loop_
_pdbx_database_related.db_name 
_pdbx_database_related.db_id 
_pdbx_database_related.details 
_pdbx_database_related.content_type 
PDB      2YVN           . unspecified 
PDB      2YVO           . unspecified 
PDB      2YVP           . unspecified 
TargetDB ttk003001256.1 . unspecified 
# 
loop_
_audit_author.name 
_audit_author.pdbx_ordinal 
'Wakamatsu, T.'                                          1 
'Nakagawa, N.'                                           2 
'Kuramitsu, S.'                                          3 
'Yokoyama, S.'                                           4 
'Masui, R.'                                              5 
'RIKEN Structural Genomics/Proteomics Initiative (RSGI)' 6 
# 
_citation.id                        primary 
_citation.title                     
'Structural basis for different substrate specificities of two ADP-ribose pyrophosphatases from Thermus thermophilus HB8' 
_citation.journal_abbrev            J.Bacteriol. 
_citation.journal_volume            190 
_citation.page_first                1108 
_citation.page_last                 1117 
_citation.year                      2008 
_citation.journal_id_ASTM           JOBAAY 
_citation.country                   US 
_citation.journal_id_ISSN           0021-9193 
_citation.journal_id_CSD            0767 
_citation.book_publisher            ? 
_citation.pdbx_database_id_PubMed   18039767 
_citation.pdbx_database_id_DOI      10.1128/JB.01522-07 
# 
loop_
_citation_author.citation_id 
_citation_author.name 
_citation_author.ordinal 
_citation_author.identifier_ORCID 
primary 'Wakamatsu, T.' 1 ? 
primary 'Nakagawa, N.'  2 ? 
primary 'Kuramitsu, S.' 3 ? 
primary 'Masui, R.'     4 ? 
# 
loop_
_entity.id 
_entity.type 
_entity.src_method 
_entity.pdbx_description 
_entity.formula_weight 
_entity.pdbx_number_of_molecules 
_entity.pdbx_ec 
_entity.pdbx_mutation 
_entity.pdbx_fragment 
_entity.details 
1 polymer     man 'MutT/nudix family protein' 20336.439 1   3.6.1.- ? ? ? 
2 non-polymer syn 'MAGNESIUM ION'             24.305    2   ?       ? ? ? 
3 water       nat water                       18.015    129 ?       ? ? ? 
# 
_entity_name_com.entity_id   1 
_entity_name_com.name        NDX2 
# 
_entity_poly.entity_id                      1 
_entity_poly.type                           'polypeptide(L)' 
_entity_poly.nstd_linkage                   no 
_entity_poly.nstd_monomer                   no 
_entity_poly.pdbx_seq_one_letter_code       
;MSPWERILLEEILSEPVRLVKERVRTHTGRELTYVYRPGPVAASFVLPVTERGTALLVRQYRHPTGKFLLEVPAGKVDEG
ETPEAAARRELREEVGAEAETLIPLPSFHPQPSFTAVVFHPFLALKARVVTPPTLEEGELLESLELPLTEVYALLAKGEI
QDASTALTLFYAEPHLKRLGLL
;
_entity_poly.pdbx_seq_one_letter_code_can   
;MSPWERILLEEILSEPVRLVKERVRTHTGRELTYVYRPGPVAASFVLPVTERGTALLVRQYRHPTGKFLLEVPAGKVDEG
ETPEAAARRELREEVGAEAETLIPLPSFHPQPSFTAVVFHPFLALKARVVTPPTLEEGELLESLELPLTEVYALLAKGEI
QDASTALTLFYAEPHLKRLGLL
;
_entity_poly.pdbx_strand_id                 A 
_entity_poly.pdbx_target_identifier         ttk003001256.1 
# 
loop_
_pdbx_entity_nonpoly.entity_id 
_pdbx_entity_nonpoly.name 
_pdbx_entity_nonpoly.comp_id 
2 'MAGNESIUM ION' MG  
3 water           HOH 
# 
loop_
_entity_poly_seq.entity_id 
_entity_poly_seq.num 
_entity_poly_seq.mon_id 
_entity_poly_seq.hetero 
1 1   MET n 
1 2   SER n 
1 3   PRO n 
1 4   TRP n 
1 5   GLU n 
1 6   ARG n 
1 7   ILE n 
1 8   LEU n 
1 9   LEU n 
1 10  GLU n 
1 11  GLU n 
1 12  ILE n 
1 13  LEU n 
1 14  SER n 
1 15  GLU n 
1 16  PRO n 
1 17  VAL n 
1 18  ARG n 
1 19  LEU n 
1 20  VAL n 
1 21  LYS n 
1 22  GLU n 
1 23  ARG n 
1 24  VAL n 
1 25  ARG n 
1 26  THR n 
1 27  HIS n 
1 28  THR n 
1 29  GLY n 
1 30  ARG n 
1 31  GLU n 
1 32  LEU n 
1 33  THR n 
1 34  TYR n 
1 35  VAL n 
1 36  TYR n 
1 37  ARG n 
1 38  PRO n 
1 39  GLY n 
1 40  PRO n 
1 41  VAL n 
1 42  ALA n 
1 43  ALA n 
1 44  SER n 
1 45  PHE n 
1 46  VAL n 
1 47  LEU n 
1 48  PRO n 
1 49  VAL n 
1 50  THR n 
1 51  GLU n 
1 52  ARG n 
1 53  GLY n 
1 54  THR n 
1 55  ALA n 
1 56  LEU n 
1 57  LEU n 
1 58  VAL n 
1 59  ARG n 
1 60  GLN n 
1 61  TYR n 
1 62  ARG n 
1 63  HIS n 
1 64  PRO n 
1 65  THR n 
1 66  GLY n 
1 67  LYS n 
1 68  PHE n 
1 69  LEU n 
1 70  LEU n 
1 71  GLU n 
1 72  VAL n 
1 73  PRO n 
1 74  ALA n 
1 75  GLY n 
1 76  LYS n 
1 77  VAL n 
1 78  ASP n 
1 79  GLU n 
1 80  GLY n 
1 81  GLU n 
1 82  THR n 
1 83  PRO n 
1 84  GLU n 
1 85  ALA n 
1 86  ALA n 
1 87  ALA n 
1 88  ARG n 
1 89  ARG n 
1 90  GLU n 
1 91  LEU n 
1 92  ARG n 
1 93  GLU n 
1 94  GLU n 
1 95  VAL n 
1 96  GLY n 
1 97  ALA n 
1 98  GLU n 
1 99  ALA n 
1 100 GLU n 
1 101 THR n 
1 102 LEU n 
1 103 ILE n 
1 104 PRO n 
1 105 LEU n 
1 106 PRO n 
1 107 SER n 
1 108 PHE n 
1 109 HIS n 
1 110 PRO n 
1 111 GLN n 
1 112 PRO n 
1 113 SER n 
1 114 PHE n 
1 115 THR n 
1 116 ALA n 
1 117 VAL n 
1 118 VAL n 
1 119 PHE n 
1 120 HIS n 
1 121 PRO n 
1 122 PHE n 
1 123 LEU n 
1 124 ALA n 
1 125 LEU n 
1 126 LYS n 
1 127 ALA n 
1 128 ARG n 
1 129 VAL n 
1 130 VAL n 
1 131 THR n 
1 132 PRO n 
1 133 PRO n 
1 134 THR n 
1 135 LEU n 
1 136 GLU n 
1 137 GLU n 
1 138 GLY n 
1 139 GLU n 
1 140 LEU n 
1 141 LEU n 
1 142 GLU n 
1 143 SER n 
1 144 LEU n 
1 145 GLU n 
1 146 LEU n 
1 147 PRO n 
1 148 LEU n 
1 149 THR n 
1 150 GLU n 
1 151 VAL n 
1 152 TYR n 
1 153 ALA n 
1 154 LEU n 
1 155 LEU n 
1 156 ALA n 
1 157 LYS n 
1 158 GLY n 
1 159 GLU n 
1 160 ILE n 
1 161 GLN n 
1 162 ASP n 
1 163 ALA n 
1 164 SER n 
1 165 THR n 
1 166 ALA n 
1 167 LEU n 
1 168 THR n 
1 169 LEU n 
1 170 PHE n 
1 171 TYR n 
1 172 ALA n 
1 173 GLU n 
1 174 PRO n 
1 175 HIS n 
1 176 LEU n 
1 177 LYS n 
1 178 ARG n 
1 179 LEU n 
1 180 GLY n 
1 181 LEU n 
1 182 LEU n 
# 
_entity_src_gen.entity_id                          1 
_entity_src_gen.pdbx_src_id                        1 
_entity_src_gen.pdbx_alt_source_flag               sample 
_entity_src_gen.pdbx_seq_type                      ? 
_entity_src_gen.pdbx_beg_seq_num                   ? 
_entity_src_gen.pdbx_end_seq_num                   ? 
_entity_src_gen.gene_src_common_name               ? 
_entity_src_gen.gene_src_genus                     Thermus 
_entity_src_gen.pdbx_gene_src_gene                 ndx2 
_entity_src_gen.gene_src_species                   'Thermus thermophilus' 
_entity_src_gen.gene_src_strain                    HB8 
_entity_src_gen.gene_src_tissue                    ? 
_entity_src_gen.gene_src_tissue_fraction           ? 
_entity_src_gen.gene_src_details                   ? 
_entity_src_gen.pdbx_gene_src_fragment             ? 
_entity_src_gen.pdbx_gene_src_scientific_name      'Thermus thermophilus' 
_entity_src_gen.pdbx_gene_src_ncbi_taxonomy_id     300852 
_entity_src_gen.pdbx_gene_src_variant              ? 
_entity_src_gen.pdbx_gene_src_cell_line            ? 
_entity_src_gen.pdbx_gene_src_atcc                 ? 
_entity_src_gen.pdbx_gene_src_organ                ? 
_entity_src_gen.pdbx_gene_src_organelle            ? 
_entity_src_gen.pdbx_gene_src_cell                 ? 
_entity_src_gen.pdbx_gene_src_cellular_location    ? 
_entity_src_gen.host_org_common_name               ? 
_entity_src_gen.pdbx_host_org_scientific_name      'Escherichia coli BL21(DE3)' 
_entity_src_gen.pdbx_host_org_ncbi_taxonomy_id     469008 
_entity_src_gen.host_org_genus                     Escherichia 
_entity_src_gen.pdbx_host_org_gene                 ? 
_entity_src_gen.pdbx_host_org_organ                ? 
_entity_src_gen.host_org_species                   'Escherichia coli' 
_entity_src_gen.pdbx_host_org_tissue               ? 
_entity_src_gen.pdbx_host_org_tissue_fraction      ? 
_entity_src_gen.pdbx_host_org_strain               'BL21(DE3)' 
_entity_src_gen.pdbx_host_org_variant              ? 
_entity_src_gen.pdbx_host_org_cell_line            ? 
_entity_src_gen.pdbx_host_org_atcc                 ? 
_entity_src_gen.pdbx_host_org_culture_collection   ? 
_entity_src_gen.pdbx_host_org_cell                 ? 
_entity_src_gen.pdbx_host_org_organelle            ? 
_entity_src_gen.pdbx_host_org_cellular_location    ? 
_entity_src_gen.pdbx_host_org_vector_type          PLASMID 
_entity_src_gen.pdbx_host_org_vector               ? 
_entity_src_gen.host_org_details                   ? 
_entity_src_gen.expression_system_id               ? 
_entity_src_gen.plasmid_name                       pET11a 
_entity_src_gen.plasmid_details                    ? 
_entity_src_gen.pdbx_description                   ? 
# 
loop_
_chem_comp.id 
_chem_comp.type 
_chem_comp.mon_nstd_flag 
_chem_comp.name 
_chem_comp.pdbx_synonyms 
_chem_comp.formula 
_chem_comp.formula_weight 
ALA 'L-peptide linking' y ALANINE         ? 'C3 H7 N O2'     89.093  
ARG 'L-peptide linking' y ARGININE        ? 'C6 H15 N4 O2 1' 175.209 
ASP 'L-peptide linking' y 'ASPARTIC ACID' ? 'C4 H7 N O4'     133.103 
GLN 'L-peptide linking' y GLUTAMINE       ? 'C5 H10 N2 O3'   146.144 
GLU 'L-peptide linking' y 'GLUTAMIC ACID' ? 'C5 H9 N O4'     147.129 
GLY 'peptide linking'   y GLYCINE         ? 'C2 H5 N O2'     75.067  
HIS 'L-peptide linking' y HISTIDINE       ? 'C6 H10 N3 O2 1' 156.162 
HOH non-polymer         . WATER           ? 'H2 O'           18.015  
ILE 'L-peptide linking' y ISOLEUCINE      ? 'C6 H13 N O2'    131.173 
LEU 'L-peptide linking' y LEUCINE         ? 'C6 H13 N O2'    131.173 
LYS 'L-peptide linking' y LYSINE          ? 'C6 H15 N2 O2 1' 147.195 
MET 'L-peptide linking' y METHIONINE      ? 'C5 H11 N O2 S'  149.211 
MG  non-polymer         . 'MAGNESIUM ION' ? 'Mg 2'           24.305  
PHE 'L-peptide linking' y PHENYLALANINE   ? 'C9 H11 N O2'    165.189 
PRO 'L-peptide linking' y PROLINE         ? 'C5 H9 N O2'     115.130 
SER 'L-peptide linking' y SERINE          ? 'C3 H7 N O3'     105.093 
THR 'L-peptide linking' y THREONINE       ? 'C4 H9 N O3'     119.119 
TRP 'L-peptide linking' y TRYPTOPHAN      ? 'C11 H12 N2 O2'  204.225 
TYR 'L-peptide linking' y TYROSINE        ? 'C9 H11 N O3'    181.189 
VAL 'L-peptide linking' y VALINE          ? 'C5 H11 N O2'    117.146 
# 
loop_
_pdbx_poly_seq_scheme.asym_id 
_pdbx_poly_seq_scheme.entity_id 
_pdbx_poly_seq_scheme.seq_id 
_pdbx_poly_seq_scheme.mon_id 
_pdbx_poly_seq_scheme.ndb_seq_num 
_pdbx_poly_seq_scheme.pdb_seq_num 
_pdbx_poly_seq_scheme.auth_seq_num 
_pdbx_poly_seq_scheme.pdb_mon_id 
_pdbx_poly_seq_scheme.auth_mon_id 
_pdbx_poly_seq_scheme.pdb_strand_id 
_pdbx_poly_seq_scheme.pdb_ins_code 
_pdbx_poly_seq_scheme.hetero 
A 1 1   MET 1   1   1   MET MET A . n 
A 1 2   SER 2   2   2   SER SER A . n 
A 1 3   PRO 3   3   3   PRO PRO A . n 
A 1 4   TRP 4   4   4   TRP TRP A . n 
A 1 5   GLU 5   5   5   GLU GLU A . n 
A 1 6   ARG 6   6   6   ARG ARG A . n 
A 1 7   ILE 7   7   7   ILE ILE A . n 
A 1 8   LEU 8   8   8   LEU LEU A . n 
A 1 9   LEU 9   9   9   LEU LEU A . n 
A 1 10  GLU 10  10  10  GLU GLU A . n 
A 1 11  GLU 11  11  11  GLU GLU A . n 
A 1 12  ILE 12  12  12  ILE ILE A . n 
A 1 13  LEU 13  13  13  LEU LEU A . n 
A 1 14  SER 14  14  14  SER SER A . n 
A 1 15  GLU 15  15  15  GLU GLU A . n 
A 1 16  PRO 16  16  16  PRO PRO A . n 
A 1 17  VAL 17  17  17  VAL VAL A . n 
A 1 18  ARG 18  18  18  ARG ARG A . n 
A 1 19  LEU 19  19  19  LEU LEU A . n 
A 1 20  VAL 20  20  20  VAL VAL A . n 
A 1 21  LYS 21  21  21  LYS LYS A . n 
A 1 22  GLU 22  22  22  GLU GLU A . n 
A 1 23  ARG 23  23  23  ARG ARG A . n 
A 1 24  VAL 24  24  24  VAL VAL A . n 
A 1 25  ARG 25  25  25  ARG ARG A . n 
A 1 26  THR 26  26  26  THR THR A . n 
A 1 27  HIS 27  27  27  HIS HIS A . n 
A 1 28  THR 28  28  28  THR THR A . n 
A 1 29  GLY 29  29  29  GLY GLY A . n 
A 1 30  ARG 30  30  30  ARG ARG A . n 
A 1 31  GLU 31  31  31  GLU GLU A . n 
A 1 32  LEU 32  32  32  LEU LEU A . n 
A 1 33  THR 33  33  33  THR THR A . n 
A 1 34  TYR 34  34  34  TYR TYR A . n 
A 1 35  VAL 35  35  35  VAL VAL A . n 
A 1 36  TYR 36  36  36  TYR TYR A . n 
A 1 37  ARG 37  37  37  ARG ARG A . n 
A 1 38  PRO 38  38  38  PRO PRO A . n 
A 1 39  GLY 39  39  39  GLY GLY A . n 
A 1 40  PRO 40  40  40  PRO PRO A . n 
A 1 41  VAL 41  41  41  VAL VAL A . n 
A 1 42  ALA 42  42  42  ALA ALA A . n 
A 1 43  ALA 43  43  43  ALA ALA A . n 
A 1 44  SER 44  44  44  SER SER A . n 
A 1 45  PHE 45  45  45  PHE PHE A . n 
A 1 46  VAL 46  46  46  VAL VAL A . n 
A 1 47  LEU 47  47  47  LEU LEU A . n 
A 1 48  PRO 48  48  48  PRO PRO A . n 
A 1 49  VAL 49  49  49  VAL VAL A . n 
A 1 50  THR 50  50  50  THR THR A . n 
A 1 51  GLU 51  51  51  GLU GLU A . n 
A 1 52  ARG 52  52  52  ARG ARG A . n 
A 1 53  GLY 53  53  53  GLY GLY A . n 
A 1 54  THR 54  54  54  THR THR A . n 
A 1 55  ALA 55  55  55  ALA ALA A . n 
A 1 56  LEU 56  56  56  LEU LEU A . n 
A 1 57  LEU 57  57  57  LEU LEU A . n 
A 1 58  VAL 58  58  58  VAL VAL A . n 
A 1 59  ARG 59  59  59  ARG ARG A . n 
A 1 60  GLN 60  60  60  GLN GLN A . n 
A 1 61  TYR 61  61  61  TYR TYR A . n 
A 1 62  ARG 62  62  62  ARG ARG A . n 
A 1 63  HIS 63  63  63  HIS HIS A . n 
A 1 64  PRO 64  64  64  PRO PRO A . n 
A 1 65  THR 65  65  65  THR THR A . n 
A 1 66  GLY 66  66  66  GLY GLY A . n 
A 1 67  LYS 67  67  67  LYS LYS A . n 
A 1 68  PHE 68  68  68  PHE PHE A . n 
A 1 69  LEU 69  69  69  LEU LEU A . n 
A 1 70  LEU 70  70  70  LEU LEU A . n 
A 1 71  GLU 71  71  71  GLU GLU A . n 
A 1 72  VAL 72  72  72  VAL VAL A . n 
A 1 73  PRO 73  73  73  PRO PRO A . n 
A 1 74  ALA 74  74  74  ALA ALA A . n 
A 1 75  GLY 75  75  75  GLY GLY A . n 
A 1 76  LYS 76  76  76  LYS LYS A . n 
A 1 77  VAL 77  77  77  VAL VAL A . n 
A 1 78  ASP 78  78  78  ASP ASP A . n 
A 1 79  GLU 79  79  79  GLU GLU A . n 
A 1 80  GLY 80  80  80  GLY GLY A . n 
A 1 81  GLU 81  81  81  GLU GLU A . n 
A 1 82  THR 82  82  82  THR THR A . n 
A 1 83  PRO 83  83  83  PRO PRO A . n 
A 1 84  GLU 84  84  84  GLU GLU A . n 
A 1 85  ALA 85  85  85  ALA ALA A . n 
A 1 86  ALA 86  86  86  ALA ALA A . n 
A 1 87  ALA 87  87  87  ALA ALA A . n 
A 1 88  ARG 88  88  88  ARG ARG A . n 
A 1 89  ARG 89  89  89  ARG ARG A . n 
A 1 90  GLU 90  90  90  GLU GLU A . n 
A 1 91  LEU 91  91  91  LEU LEU A . n 
A 1 92  ARG 92  92  92  ARG ARG A . n 
A 1 93  GLU 93  93  93  GLU GLU A . n 
A 1 94  GLU 94  94  94  GLU GLU A . n 
A 1 95  VAL 95  95  95  VAL VAL A . n 
A 1 96  GLY 96  96  96  GLY GLY A . n 
A 1 97  ALA 97  97  97  ALA ALA A . n 
A 1 98  GLU 98  98  98  GLU GLU A . n 
A 1 99  ALA 99  99  99  ALA ALA A . n 
A 1 100 GLU 100 100 100 GLU GLU A . n 
A 1 101 THR 101 101 101 THR THR A . n 
A 1 102 LEU 102 102 102 LEU LEU A . n 
A 1 103 ILE 103 103 103 ILE ILE A . n 
A 1 104 PRO 104 104 104 PRO PRO A . n 
A 1 105 LEU 105 105 105 LEU LEU A . n 
A 1 106 PRO 106 106 106 PRO PRO A . n 
A 1 107 SER 107 107 107 SER SER A . n 
A 1 108 PHE 108 108 108 PHE PHE A . n 
A 1 109 HIS 109 109 109 HIS HIS A . n 
A 1 110 PRO 110 110 110 PRO PRO A . n 
A 1 111 GLN 111 111 111 GLN GLN A . n 
A 1 112 PRO 112 112 112 PRO PRO A . n 
A 1 113 SER 113 113 113 SER SER A . n 
A 1 114 PHE 114 114 114 PHE PHE A . n 
A 1 115 THR 115 115 115 THR THR A . n 
A 1 116 ALA 116 116 116 ALA ALA A . n 
A 1 117 VAL 117 117 117 VAL VAL A . n 
A 1 118 VAL 118 118 118 VAL VAL A . n 
A 1 119 PHE 119 119 119 PHE PHE A . n 
A 1 120 HIS 120 120 120 HIS HIS A . n 
A 1 121 PRO 121 121 121 PRO PRO A . n 
A 1 122 PHE 122 122 122 PHE PHE A . n 
A 1 123 LEU 123 123 123 LEU LEU A . n 
A 1 124 ALA 124 124 124 ALA ALA A . n 
A 1 125 LEU 125 125 125 LEU LEU A . n 
A 1 126 LYS 126 126 126 LYS LYS A . n 
A 1 127 ALA 127 127 127 ALA ALA A . n 
A 1 128 ARG 128 128 128 ARG ARG A . n 
A 1 129 VAL 129 129 129 VAL VAL A . n 
A 1 130 VAL 130 130 130 VAL VAL A . n 
A 1 131 THR 131 131 131 THR THR A . n 
A 1 132 PRO 132 132 132 PRO PRO A . n 
A 1 133 PRO 133 133 133 PRO PRO A . n 
A 1 134 THR 134 134 134 THR THR A . n 
A 1 135 LEU 135 135 135 LEU LEU A . n 
A 1 136 GLU 136 136 136 GLU GLU A . n 
A 1 137 GLU 137 137 137 GLU GLU A . n 
A 1 138 GLY 138 138 138 GLY GLY A . n 
A 1 139 GLU 139 139 139 GLU GLU A . n 
A 1 140 LEU 140 140 140 LEU LEU A . n 
A 1 141 LEU 141 141 141 LEU LEU A . n 
A 1 142 GLU 142 142 142 GLU GLU A . n 
A 1 143 SER 143 143 143 SER SER A . n 
A 1 144 LEU 144 144 144 LEU LEU A . n 
A 1 145 GLU 145 145 145 GLU GLU A . n 
A 1 146 LEU 146 146 146 LEU LEU A . n 
A 1 147 PRO 147 147 147 PRO PRO A . n 
A 1 148 LEU 148 148 148 LEU LEU A . n 
A 1 149 THR 149 149 149 THR THR A . n 
A 1 150 GLU 150 150 150 GLU GLU A . n 
A 1 151 VAL 151 151 151 VAL VAL A . n 
A 1 152 TYR 152 152 152 TYR TYR A . n 
A 1 153 ALA 153 153 153 ALA ALA A . n 
A 1 154 LEU 154 154 154 LEU LEU A . n 
A 1 155 LEU 155 155 155 LEU LEU A . n 
A 1 156 ALA 156 156 156 ALA ALA A . n 
A 1 157 LYS 157 157 157 LYS LYS A . n 
A 1 158 GLY 158 158 158 GLY GLY A . n 
A 1 159 GLU 159 159 159 GLU GLU A . n 
A 1 160 ILE 160 160 160 ILE ILE A . n 
A 1 161 GLN 161 161 161 GLN GLN A . n 
A 1 162 ASP 162 162 162 ASP ASP A . n 
A 1 163 ALA 163 163 163 ALA ALA A . n 
A 1 164 SER 164 164 164 SER SER A . n 
A 1 165 THR 165 165 165 THR THR A . n 
A 1 166 ALA 166 166 166 ALA ALA A . n 
A 1 167 LEU 167 167 167 LEU LEU A . n 
A 1 168 THR 168 168 168 THR THR A . n 
A 1 169 LEU 169 169 169 LEU LEU A . n 
A 1 170 PHE 170 170 170 PHE PHE A . n 
A 1 171 TYR 171 171 171 TYR TYR A . n 
A 1 172 ALA 172 172 172 ALA ALA A . n 
A 1 173 GLU 173 173 173 GLU GLU A . n 
A 1 174 PRO 174 174 174 PRO PRO A . n 
A 1 175 HIS 175 175 175 HIS HIS A . n 
A 1 176 LEU 176 176 176 LEU LEU A . n 
A 1 177 LYS 177 177 177 LYS LYS A . n 
A 1 178 ARG 178 178 178 ARG ARG A . n 
A 1 179 LEU 179 179 179 LEU LEU A . n 
A 1 180 GLY 180 180 180 GLY GLY A . n 
A 1 181 LEU 181 181 181 LEU LEU A . n 
A 1 182 LEU 182 182 182 LEU LEU A . n 
# 
loop_
_pdbx_nonpoly_scheme.asym_id 
_pdbx_nonpoly_scheme.entity_id 
_pdbx_nonpoly_scheme.mon_id 
_pdbx_nonpoly_scheme.ndb_seq_num 
_pdbx_nonpoly_scheme.pdb_seq_num 
_pdbx_nonpoly_scheme.auth_seq_num 
_pdbx_nonpoly_scheme.pdb_mon_id 
_pdbx_nonpoly_scheme.auth_mon_id 
_pdbx_nonpoly_scheme.pdb_strand_id 
_pdbx_nonpoly_scheme.pdb_ins_code 
B 2 MG  1   1001 1001 MG  MG  A . 
C 2 MG  1   1002 1002 MG  MG  A . 
D 3 HOH 1   1003 1    HOH HOH A . 
D 3 HOH 2   1004 2    HOH HOH A . 
D 3 HOH 3   1005 3    HOH HOH A . 
D 3 HOH 4   1006 4    HOH HOH A . 
D 3 HOH 5   1007 5    HOH HOH A . 
D 3 HOH 6   1008 6    HOH HOH A . 
D 3 HOH 7   1009 7    HOH HOH A . 
D 3 HOH 8   1010 8    HOH HOH A . 
D 3 HOH 9   1011 9    HOH HOH A . 
D 3 HOH 10  1012 10   HOH HOH A . 
D 3 HOH 11  1013 11   HOH HOH A . 
D 3 HOH 12  1014 12   HOH HOH A . 
D 3 HOH 13  1015 13   HOH HOH A . 
D 3 HOH 14  1016 14   HOH HOH A . 
D 3 HOH 15  1017 15   HOH HOH A . 
D 3 HOH 16  1018 16   HOH HOH A . 
D 3 HOH 17  1019 17   HOH HOH A . 
D 3 HOH 18  1020 18   HOH HOH A . 
D 3 HOH 19  1021 19   HOH HOH A . 
D 3 HOH 20  1022 20   HOH HOH A . 
D 3 HOH 21  1023 21   HOH HOH A . 
D 3 HOH 22  1024 22   HOH HOH A . 
D 3 HOH 23  1025 23   HOH HOH A . 
D 3 HOH 24  1026 24   HOH HOH A . 
D 3 HOH 25  1027 25   HOH HOH A . 
D 3 HOH 26  1028 26   HOH HOH A . 
D 3 HOH 27  1029 27   HOH HOH A . 
D 3 HOH 28  1030 28   HOH HOH A . 
D 3 HOH 29  1031 29   HOH HOH A . 
D 3 HOH 30  1032 30   HOH HOH A . 
D 3 HOH 31  1033 31   HOH HOH A . 
D 3 HOH 32  1034 32   HOH HOH A . 
D 3 HOH 33  1035 33   HOH HOH A . 
D 3 HOH 34  1036 34   HOH HOH A . 
D 3 HOH 35  1037 35   HOH HOH A . 
D 3 HOH 36  1038 36   HOH HOH A . 
D 3 HOH 37  1039 37   HOH HOH A . 
D 3 HOH 38  1040 38   HOH HOH A . 
D 3 HOH 39  1041 39   HOH HOH A . 
D 3 HOH 40  1042 40   HOH HOH A . 
D 3 HOH 41  1043 41   HOH HOH A . 
D 3 HOH 42  1044 42   HOH HOH A . 
D 3 HOH 43  1045 43   HOH HOH A . 
D 3 HOH 44  1046 44   HOH HOH A . 
D 3 HOH 45  1047 45   HOH HOH A . 
D 3 HOH 46  1048 46   HOH HOH A . 
D 3 HOH 47  1049 47   HOH HOH A . 
D 3 HOH 48  1050 48   HOH HOH A . 
D 3 HOH 49  1051 49   HOH HOH A . 
D 3 HOH 50  1052 50   HOH HOH A . 
D 3 HOH 51  1053 51   HOH HOH A . 
D 3 HOH 52  1054 52   HOH HOH A . 
D 3 HOH 53  1055 53   HOH HOH A . 
D 3 HOH 54  1056 54   HOH HOH A . 
D 3 HOH 55  1057 55   HOH HOH A . 
D 3 HOH 56  1058 56   HOH HOH A . 
D 3 HOH 57  1059 57   HOH HOH A . 
D 3 HOH 58  1060 58   HOH HOH A . 
D 3 HOH 59  1061 59   HOH HOH A . 
D 3 HOH 60  1062 60   HOH HOH A . 
D 3 HOH 61  1063 61   HOH HOH A . 
D 3 HOH 62  1064 62   HOH HOH A . 
D 3 HOH 63  1065 63   HOH HOH A . 
D 3 HOH 64  1066 64   HOH HOH A . 
D 3 HOH 65  1067 65   HOH HOH A . 
D 3 HOH 66  1068 66   HOH HOH A . 
D 3 HOH 67  1069 67   HOH HOH A . 
D 3 HOH 68  1070 68   HOH HOH A . 
D 3 HOH 69  1071 69   HOH HOH A . 
D 3 HOH 70  1072 70   HOH HOH A . 
D 3 HOH 71  1073 71   HOH HOH A . 
D 3 HOH 72  1074 72   HOH HOH A . 
D 3 HOH 73  1075 73   HOH HOH A . 
D 3 HOH 74  1076 74   HOH HOH A . 
D 3 HOH 75  1077 75   HOH HOH A . 
D 3 HOH 76  1078 76   HOH HOH A . 
D 3 HOH 77  1079 77   HOH HOH A . 
D 3 HOH 78  1080 78   HOH HOH A . 
D 3 HOH 79  1081 79   HOH HOH A . 
D 3 HOH 80  1082 80   HOH HOH A . 
D 3 HOH 81  1083 81   HOH HOH A . 
D 3 HOH 82  1084 82   HOH HOH A . 
D 3 HOH 83  1085 83   HOH HOH A . 
D 3 HOH 84  1086 84   HOH HOH A . 
D 3 HOH 85  1087 85   HOH HOH A . 
D 3 HOH 86  1088 86   HOH HOH A . 
D 3 HOH 87  1089 87   HOH HOH A . 
D 3 HOH 88  1090 88   HOH HOH A . 
D 3 HOH 89  1091 89   HOH HOH A . 
D 3 HOH 90  1092 90   HOH HOH A . 
D 3 HOH 91  1093 91   HOH HOH A . 
D 3 HOH 92  1094 92   HOH HOH A . 
D 3 HOH 93  1095 93   HOH HOH A . 
D 3 HOH 94  1096 94   HOH HOH A . 
D 3 HOH 95  1097 95   HOH HOH A . 
D 3 HOH 96  1098 96   HOH HOH A . 
D 3 HOH 97  1099 97   HOH HOH A . 
D 3 HOH 98  1100 98   HOH HOH A . 
D 3 HOH 99  1101 99   HOH HOH A . 
D 3 HOH 100 1102 100  HOH HOH A . 
D 3 HOH 101 1103 101  HOH HOH A . 
D 3 HOH 102 1104 102  HOH HOH A . 
D 3 HOH 103 1105 103  HOH HOH A . 
D 3 HOH 104 1106 104  HOH HOH A . 
D 3 HOH 105 1107 105  HOH HOH A . 
D 3 HOH 106 1108 106  HOH HOH A . 
D 3 HOH 107 1109 107  HOH HOH A . 
D 3 HOH 108 1110 108  HOH HOH A . 
D 3 HOH 109 1111 109  HOH HOH A . 
D 3 HOH 110 1112 110  HOH HOH A . 
D 3 HOH 111 1113 111  HOH HOH A . 
D 3 HOH 112 1114 112  HOH HOH A . 
D 3 HOH 113 1115 113  HOH HOH A . 
D 3 HOH 114 1116 114  HOH HOH A . 
D 3 HOH 115 1117 115  HOH HOH A . 
D 3 HOH 116 1118 116  HOH HOH A . 
D 3 HOH 117 1119 117  HOH HOH A . 
D 3 HOH 118 1120 118  HOH HOH A . 
D 3 HOH 119 1121 119  HOH HOH A . 
D 3 HOH 120 1122 120  HOH HOH A . 
D 3 HOH 121 1123 121  HOH HOH A . 
D 3 HOH 122 1124 122  HOH HOH A . 
D 3 HOH 123 1125 123  HOH HOH A . 
D 3 HOH 124 1126 124  HOH HOH A . 
D 3 HOH 125 1127 125  HOH HOH A . 
D 3 HOH 126 1128 126  HOH HOH A . 
D 3 HOH 127 1129 127  HOH HOH A . 
D 3 HOH 128 1130 128  HOH HOH A . 
D 3 HOH 129 1131 129  HOH HOH A . 
# 
loop_
_software.name 
_software.classification 
_software.version 
_software.citation_id 
_software.pdbx_ordinal 
MLPHARE   phasing           .   ? 1 
CNS       refinement        1.1 ? 2 
HKL-2000  'data collection' .   ? 3 
HKL-2000  'data reduction'  .   ? 4 
SCALEPACK 'data scaling'    .   ? 5 
# 
_cell.entry_id           2YVM 
_cell.length_a           40.763 
_cell.length_b           101.176 
_cell.length_c           97.492 
_cell.angle_alpha        90.00 
_cell.angle_beta         90.00 
_cell.angle_gamma        90.00 
_cell.Z_PDB              8 
_cell.pdbx_unique_axis   ? 
_cell.length_a_esd       ? 
_cell.length_b_esd       ? 
_cell.length_c_esd       ? 
_cell.angle_alpha_esd    ? 
_cell.angle_beta_esd     ? 
_cell.angle_gamma_esd    ? 
# 
_symmetry.entry_id                         2YVM 
_symmetry.space_group_name_H-M             'C 2 2 21' 
_symmetry.pdbx_full_space_group_name_H-M   ? 
_symmetry.cell_setting                     ? 
_symmetry.Int_Tables_number                20 
_symmetry.space_group_name_Hall            ? 
# 
_exptl.entry_id          2YVM 
_exptl.method            'X-RAY DIFFRACTION' 
_exptl.crystals_number   2 
# 
_exptl_crystal.id                    1 
_exptl_crystal.density_meas          ? 
_exptl_crystal.density_Matthews      2.47 
_exptl_crystal.density_percent_sol   50.19 
_exptl_crystal.description           ? 
_exptl_crystal.F_000                 ? 
_exptl_crystal.preparation           ? 
# 
_exptl_crystal_grow.crystal_id      1 
_exptl_crystal_grow.method          'VAPOR DIFFUSION, HANGING DROP' 
_exptl_crystal_grow.temp            293 
_exptl_crystal_grow.temp_details    ? 
_exptl_crystal_grow.pH              6.5 
_exptl_crystal_grow.pdbx_details    
'0.05M MES, 0.08M MAGNESIUM ACETATE, 7%(W/V) PEG8000, 10%(W/V) GLYCEROL, pH 6.5, VAPOR DIFFUSION, HANGING DROP, temperature 293K' 
_exptl_crystal_grow.pdbx_pH_range   . 
# 
loop_
_diffrn.id 
_diffrn.ambient_temp 
_diffrn.ambient_temp_details 
_diffrn.crystal_id 
1   95  ? 1 
2   100 ? 1 
1,2 ?   ? 1 
# 
loop_
_diffrn_detector.diffrn_id 
_diffrn_detector.detector 
_diffrn_detector.type 
_diffrn_detector.pdbx_collection_date 
_diffrn_detector.details 
1 CCD 'ADSC QUANTUM 210'   2004-10-28 ? 
2 CCD 'RIGAKU JUPITER 210' 2004-11-17 ? 
# 
loop_
_diffrn_radiation.diffrn_id 
_diffrn_radiation.wavelength_id 
_diffrn_radiation.pdbx_monochromatic_or_laue_m_l 
_diffrn_radiation.monochromator 
_diffrn_radiation.pdbx_diffrn_protocol 
_diffrn_radiation.pdbx_scattering_type 
1 1 M 'TRANSPARENT DIAMOND DOUBLE CRYSTAL' 'SINGLE WAVELENGTH' x-ray 
2 1 M 'SI DOUBLE CRYSTAL'                  MAD                 x-ray 
# 
loop_
_diffrn_radiation_wavelength.id 
_diffrn_radiation_wavelength.wavelength 
_diffrn_radiation_wavelength.wt 
1 1.0000  1.0 
2 1.03985 1.0 
3 1.03940 1.0 
4 1.00000 1.0 
# 
loop_
_diffrn_source.diffrn_id 
_diffrn_source.source 
_diffrn_source.type 
_diffrn_source.pdbx_synchrotron_site 
_diffrn_source.pdbx_synchrotron_beamline 
_diffrn_source.pdbx_wavelength 
_diffrn_source.pdbx_wavelength_list 
1 SYNCHROTRON 'SPRING-8 BEAMLINE BL44B2' SPring-8 BL44B2 ? 1.0000                      
2 SYNCHROTRON 'SPRING-8 BEAMLINE BL26B2' SPring-8 BL26B2 ? '1.03985, 1.03940, 1.00000' 
# 
_reflns.entry_id                     2YVM 
_reflns.observed_criterion_sigma_I   -3.000 
_reflns.observed_criterion_sigma_F   ? 
_reflns.d_resolution_low             50 
_reflns.d_resolution_high            1.70 
_reflns.number_obs                   22707 
_reflns.number_all                   ? 
_reflns.percent_possible_obs         99.9 
_reflns.pdbx_Rmerge_I_obs            0.044 
_reflns.pdbx_Rsym_value              ? 
_reflns.pdbx_netI_over_sigmaI        48.0 
_reflns.B_iso_Wilson_estimate        15.3 
_reflns.pdbx_redundancy              7.0 
_reflns.R_free_details               ? 
_reflns.limit_h_max                  ? 
_reflns.limit_h_min                  ? 
_reflns.limit_k_max                  ? 
_reflns.limit_k_min                  ? 
_reflns.limit_l_max                  ? 
_reflns.limit_l_min                  ? 
_reflns.observed_criterion_F_max     ? 
_reflns.observed_criterion_F_min     ? 
_reflns.pdbx_chi_squared             ? 
_reflns.pdbx_scaling_rejects         ? 
_reflns.pdbx_ordinal                 1 
_reflns.pdbx_diffrn_id               1,2 
# 
_reflns_shell.d_res_high             1.70 
_reflns_shell.d_res_low              1.76 
_reflns_shell.percent_possible_all   99.8 
_reflns_shell.Rmerge_I_obs           0.239 
_reflns_shell.pdbx_Rsym_value        ? 
_reflns_shell.meanI_over_sigI_obs    7.000 
_reflns_shell.pdbx_redundancy        6.50 
_reflns_shell.percent_possible_obs   ? 
_reflns_shell.number_unique_all      ? 
_reflns_shell.number_measured_all    ? 
_reflns_shell.number_measured_obs    ? 
_reflns_shell.number_unique_obs      ? 
_reflns_shell.pdbx_chi_squared       ? 
_reflns_shell.pdbx_ordinal           1 
_reflns_shell.pdbx_diffrn_id         1,2 
# 
_refine.entry_id                                 2YVM 
_refine.ls_number_reflns_obs                     20354 
_refine.ls_number_reflns_all                     22599 
_refine.pdbx_ls_sigma_I                          ? 
_refine.pdbx_ls_sigma_F                          0.00 
_refine.pdbx_data_cutoff_high_absF               ? 
_refine.pdbx_data_cutoff_low_absF                ? 
_refine.pdbx_data_cutoff_high_rms_absF           ? 
_refine.ls_d_res_low                             25.99 
_refine.ls_d_res_high                            1.70 
_refine.ls_percent_reflns_obs                    99.9 
_refine.ls_R_factor_obs                          ? 
_refine.ls_R_factor_all                          ? 
_refine.ls_R_factor_R_work                       0.205 
_refine.ls_R_factor_R_free                       0.225 
_refine.ls_R_factor_R_free_error                 ? 
_refine.ls_R_factor_R_free_error_details         ? 
_refine.ls_percent_reflns_R_free                 ? 
_refine.ls_number_reflns_R_free                  2245 
_refine.ls_number_parameters                     ? 
_refine.ls_number_restraints                     ? 
_refine.occupancy_min                            ? 
_refine.occupancy_max                            ? 
_refine.correlation_coeff_Fo_to_Fc               ? 
_refine.correlation_coeff_Fo_to_Fc_free          ? 
_refine.B_iso_mean                               19.1 
_refine.aniso_B[1][1]                            6.03 
_refine.aniso_B[2][2]                            -2.14 
_refine.aniso_B[3][3]                            -3.89 
_refine.aniso_B[1][2]                            0.00 
_refine.aniso_B[1][3]                            0.00 
_refine.aniso_B[2][3]                            0.00 
_refine.solvent_model_details                    ? 
_refine.solvent_model_param_ksol                 ? 
_refine.solvent_model_param_bsol                 ? 
_refine.pdbx_solvent_vdw_probe_radii             ? 
_refine.pdbx_solvent_ion_probe_radii             ? 
_refine.pdbx_solvent_shrinkage_radii             ? 
_refine.pdbx_ls_cross_valid_method               THROUGHOUT 
_refine.details                                  ? 
_refine.pdbx_starting_model                      ? 
_refine.pdbx_method_to_determine_struct          MAD 
_refine.pdbx_isotropic_thermal_model             RESTRAINED 
_refine.pdbx_stereochemistry_target_values       'Engh & Huber' 
_refine.pdbx_stereochem_target_val_spec_case     ? 
_refine.pdbx_R_Free_selection_details            RANDOM 
_refine.pdbx_overall_ESU_R                       ? 
_refine.pdbx_overall_ESU_R_Free                  ? 
_refine.overall_SU_ML                            ? 
_refine.overall_SU_B                             ? 
_refine.ls_redundancy_reflns_obs                 ? 
_refine.B_iso_min                                ? 
_refine.B_iso_max                                ? 
_refine.overall_SU_R_Cruickshank_DPI             ? 
_refine.overall_SU_R_free                        ? 
_refine.ls_wR_factor_R_free                      ? 
_refine.ls_wR_factor_R_work                      ? 
_refine.overall_FOM_free_R_set                   ? 
_refine.overall_FOM_work_R_set                   ? 
_refine.pdbx_overall_phase_error                 ? 
_refine.pdbx_refine_id                           'X-RAY DIFFRACTION' 
_refine.pdbx_diffrn_id                           1 
_refine.pdbx_TLS_residual_ADP_flag               ? 
_refine.pdbx_overall_SU_R_free_Cruickshank_DPI   ? 
_refine.pdbx_overall_SU_R_Blow_DPI               ? 
_refine.pdbx_overall_SU_R_free_Blow_DPI          ? 
# 
_refine_analyze.entry_id                        2YVM 
_refine_analyze.Luzzati_coordinate_error_obs    0.19 
_refine_analyze.Luzzati_sigma_a_obs             0.09 
_refine_analyze.Luzzati_d_res_low_obs           5.00 
_refine_analyze.Luzzati_coordinate_error_free   0.22 
_refine_analyze.Luzzati_sigma_a_free            0.15 
_refine_analyze.Luzzati_d_res_low_free          ? 
_refine_analyze.number_disordered_residues      ? 
_refine_analyze.occupancy_sum_hydrogen          ? 
_refine_analyze.occupancy_sum_non_hydrogen      ? 
_refine_analyze.pdbx_Luzzati_d_res_high_obs     ? 
_refine_analyze.pdbx_refine_id                  'X-RAY DIFFRACTION' 
# 
_refine_hist.pdbx_refine_id                   'X-RAY DIFFRACTION' 
_refine_hist.cycle_id                         LAST 
_refine_hist.pdbx_number_atoms_protein        1437 
_refine_hist.pdbx_number_atoms_nucleic_acid   0 
_refine_hist.pdbx_number_atoms_ligand         2 
_refine_hist.number_atoms_solvent             129 
_refine_hist.number_atoms_total               1568 
_refine_hist.d_res_high                       1.70 
_refine_hist.d_res_low                        25.99 
# 
loop_
_refine_ls_restr.type 
_refine_ls_restr.dev_ideal 
_refine_ls_restr.dev_ideal_target 
_refine_ls_restr.weight 
_refine_ls_restr.number 
_refine_ls_restr.pdbx_refine_id 
_refine_ls_restr.pdbx_restraint_function 
c_bond_d           0.010 ? ? ? 'X-RAY DIFFRACTION' ? 
c_angle_deg        1.6   ? ? ? 'X-RAY DIFFRACTION' ? 
c_dihedral_angle_d 24.8  ? ? ? 'X-RAY DIFFRACTION' ? 
c_improper_angle_d 1.14  ? ? ? 'X-RAY DIFFRACTION' ? 
c_mcbond_it        1.00  ? ? ? 'X-RAY DIFFRACTION' ? 
c_mcangle_it       1.66  ? ? ? 'X-RAY DIFFRACTION' ? 
c_scbond_it        1.53  ? ? ? 'X-RAY DIFFRACTION' ? 
c_scangle_it       2.33  ? ? ? 'X-RAY DIFFRACTION' ? 
# 
_refine_ls_shell.pdbx_total_number_of_bins_used   ? 
_refine_ls_shell.d_res_high                       1.70 
_refine_ls_shell.d_res_low                        1.81 
_refine_ls_shell.number_reflns_R_work             ? 
_refine_ls_shell.R_factor_R_work                  0.230 
_refine_ls_shell.percent_reflns_obs               99.9 
_refine_ls_shell.R_factor_R_free                  0.298 
_refine_ls_shell.R_factor_R_free_error            0.016 
_refine_ls_shell.percent_reflns_R_free            ? 
_refine_ls_shell.number_reflns_R_free             ? 
_refine_ls_shell.number_reflns_all                ? 
_refine_ls_shell.R_factor_all                     ? 
_refine_ls_shell.number_reflns_obs                3323 
_refine_ls_shell.redundancy_reflns_obs            ? 
_refine_ls_shell.pdbx_refine_id                   'X-RAY DIFFRACTION' 
# 
_struct.entry_id                  2YVM 
_struct.title                     'Crystal structure of NDX2 in complex with MG2+ from thermus thermophilus HB8' 
_struct.pdbx_model_details        ? 
_struct.pdbx_CASP_flag            ? 
_struct.pdbx_model_type_details   ? 
# 
_struct_keywords.entry_id        2YVM 
_struct_keywords.pdbx_keywords   HYDROLASE 
_struct_keywords.text            
;NUDIX PROTEIN, ADP-RIBOSE, FAD, THERMUS THERMOPHILUS, HYDROLASE, Structural Genomics, NPPSFA, National Project on Protein Structural and Functional Analyses, RIKEN Structural Genomics/Proteomics Initiative, RSGI
;
# 
loop_
_struct_asym.id 
_struct_asym.pdbx_blank_PDB_chainid_flag 
_struct_asym.pdbx_modified 
_struct_asym.entity_id 
_struct_asym.details 
A N N 1 ? 
B N N 2 ? 
C N N 2 ? 
D N N 3 ? 
# 
_struct_ref.id                         1 
_struct_ref.db_name                    UNP 
_struct_ref.db_code                    Q5SJY9_THET8 
_struct_ref.entity_id                  1 
_struct_ref.pdbx_seq_one_letter_code   
;MSPWERILLEEILSEPVRLVKERVRTHTGRELTYVYRPGPVAASFVLPVTERGTALLVRQYRHPTGKFLLEVPAGKVDEG
ETPEAAARRELREEVGAEAETLIPLPSFHPQPSFTAVVFHPFLALKARVVTPPTLEEGELLESLELPLTEVYALLAKGEI
QDASTALTLFYAEPHLKRLGLL
;
_struct_ref.pdbx_align_begin           1 
_struct_ref.pdbx_db_accession          Q5SJY9 
_struct_ref.pdbx_db_isoform            ? 
# 
_struct_ref_seq.align_id                      1 
_struct_ref_seq.ref_id                        1 
_struct_ref_seq.pdbx_PDB_id_code              2YVM 
_struct_ref_seq.pdbx_strand_id                A 
_struct_ref_seq.seq_align_beg                 1 
_struct_ref_seq.pdbx_seq_align_beg_ins_code   ? 
_struct_ref_seq.seq_align_end                 182 
_struct_ref_seq.pdbx_seq_align_end_ins_code   ? 
_struct_ref_seq.pdbx_db_accession             Q5SJY9 
_struct_ref_seq.db_align_beg                  1 
_struct_ref_seq.pdbx_db_align_beg_ins_code    ? 
_struct_ref_seq.db_align_end                  182 
_struct_ref_seq.pdbx_db_align_end_ins_code    ? 
_struct_ref_seq.pdbx_auth_seq_align_beg       1 
_struct_ref_seq.pdbx_auth_seq_align_end       182 
# 
_pdbx_struct_assembly.id                   1 
_pdbx_struct_assembly.details              author_and_software_defined_assembly 
_pdbx_struct_assembly.method_details       PISA,PQS 
_pdbx_struct_assembly.oligomeric_details   dimeric 
_pdbx_struct_assembly.oligomeric_count     2 
# 
loop_
_pdbx_struct_assembly_prop.biol_id 
_pdbx_struct_assembly_prop.type 
_pdbx_struct_assembly_prop.value 
_pdbx_struct_assembly_prop.details 
1 'ABSA (A^2)' 5090  ? 
1 MORE         -74   ? 
1 'SSA (A^2)'  16180 ? 
# 
_pdbx_struct_assembly_gen.assembly_id       1 
_pdbx_struct_assembly_gen.oper_expression   1,2 
_pdbx_struct_assembly_gen.asym_id_list      A,B,C,D 
# 
loop_
_pdbx_struct_oper_list.id 
_pdbx_struct_oper_list.type 
_pdbx_struct_oper_list.name 
_pdbx_struct_oper_list.symmetry_operation 
_pdbx_struct_oper_list.matrix[1][1] 
_pdbx_struct_oper_list.matrix[1][2] 
_pdbx_struct_oper_list.matrix[1][3] 
_pdbx_struct_oper_list.vector[1] 
_pdbx_struct_oper_list.matrix[2][1] 
_pdbx_struct_oper_list.matrix[2][2] 
_pdbx_struct_oper_list.matrix[2][3] 
_pdbx_struct_oper_list.vector[2] 
_pdbx_struct_oper_list.matrix[3][1] 
_pdbx_struct_oper_list.matrix[3][2] 
_pdbx_struct_oper_list.matrix[3][3] 
_pdbx_struct_oper_list.vector[3] 
1 'identity operation'         1_555 x,y,z         1.0000000000  0.0000000000 0.0000000000 0.0000000000  0.0000000000 1.0000000000  0.0000000000 0.0000000000  0.0000000000 0.0000000000 1.0000000000 0.0000000000  
2 'crystal symmetry operation' 3_656 -x+1,y,-z+3/2 -0.9969463777 0.0361417243 0.0692220762 -4.5847991486 0.0361417243 -0.5722377908 0.8192909657 15.0462764709 0.0692220762 0.8192909657 0.5691841685 -7.6536007089 
# 
_struct_biol.id        1 
_struct_biol.details   ? 
# 
loop_
_struct_conf.conf_type_id 
_struct_conf.id 
_struct_conf.pdbx_PDB_helix_id 
_struct_conf.beg_label_comp_id 
_struct_conf.beg_label_asym_id 
_struct_conf.beg_label_seq_id 
_struct_conf.pdbx_beg_PDB_ins_code 
_struct_conf.end_label_comp_id 
_struct_conf.end_label_asym_id 
_struct_conf.end_label_seq_id 
_struct_conf.pdbx_end_PDB_ins_code 
_struct_conf.beg_auth_comp_id 
_struct_conf.beg_auth_asym_id 
_struct_conf.beg_auth_seq_id 
_struct_conf.end_auth_comp_id 
_struct_conf.end_auth_asym_id 
_struct_conf.end_auth_seq_id 
_struct_conf.pdbx_PDB_helix_class 
_struct_conf.details 
_struct_conf.pdbx_PDB_helix_length 
HELX_P HELX_P1 1 HIS A 63  ? GLY A 66  ? HIS A 63  GLY A 66  5 ? 4  
HELX_P HELX_P2 2 THR A 82  ? GLY A 96  ? THR A 82  GLY A 96  1 ? 15 
HELX_P HELX_P3 3 LEU A 148 ? LYS A 157 ? LEU A 148 LYS A 157 1 ? 10 
HELX_P HELX_P4 4 ASP A 162 ? LEU A 179 ? ASP A 162 LEU A 179 1 ? 18 
# 
_struct_conf_type.id          HELX_P 
_struct_conf_type.criteria    ? 
_struct_conf_type.reference   ? 
# 
loop_
_struct_mon_prot_cis.pdbx_id 
_struct_mon_prot_cis.label_comp_id 
_struct_mon_prot_cis.label_seq_id 
_struct_mon_prot_cis.label_asym_id 
_struct_mon_prot_cis.label_alt_id 
_struct_mon_prot_cis.pdbx_PDB_ins_code 
_struct_mon_prot_cis.auth_comp_id 
_struct_mon_prot_cis.auth_seq_id 
_struct_mon_prot_cis.auth_asym_id 
_struct_mon_prot_cis.pdbx_label_comp_id_2 
_struct_mon_prot_cis.pdbx_label_seq_id_2 
_struct_mon_prot_cis.pdbx_label_asym_id_2 
_struct_mon_prot_cis.pdbx_PDB_ins_code_2 
_struct_mon_prot_cis.pdbx_auth_comp_id_2 
_struct_mon_prot_cis.pdbx_auth_seq_id_2 
_struct_mon_prot_cis.pdbx_auth_asym_id_2 
_struct_mon_prot_cis.pdbx_PDB_model_num 
_struct_mon_prot_cis.pdbx_omega_angle 
1 GLU 15 A . ? GLU 15 A PRO 16 A ? PRO 16 A 1 0.20  
2 GLY 39 A . ? GLY 39 A PRO 40 A ? PRO 40 A 1 -0.04 
# 
loop_
_struct_sheet.id 
_struct_sheet.type 
_struct_sheet.number_strands 
_struct_sheet.details 
A ? 3 ? 
B ? 4 ? 
C ? 3 ? 
D ? 2 ? 
# 
loop_
_struct_sheet_order.sheet_id 
_struct_sheet_order.range_id_1 
_struct_sheet_order.range_id_2 
_struct_sheet_order.offset 
_struct_sheet_order.sense 
A 1 2 ? anti-parallel 
A 2 3 ? anti-parallel 
B 1 2 ? anti-parallel 
B 2 3 ? parallel      
B 3 4 ? anti-parallel 
C 1 2 ? anti-parallel 
C 2 3 ? anti-parallel 
D 1 2 ? anti-parallel 
# 
loop_
_struct_sheet_range.sheet_id 
_struct_sheet_range.id 
_struct_sheet_range.beg_label_comp_id 
_struct_sheet_range.beg_label_asym_id 
_struct_sheet_range.beg_label_seq_id 
_struct_sheet_range.pdbx_beg_PDB_ins_code 
_struct_sheet_range.end_label_comp_id 
_struct_sheet_range.end_label_asym_id 
_struct_sheet_range.end_label_seq_id 
_struct_sheet_range.pdbx_end_PDB_ins_code 
_struct_sheet_range.beg_auth_comp_id 
_struct_sheet_range.beg_auth_asym_id 
_struct_sheet_range.beg_auth_seq_id 
_struct_sheet_range.end_auth_comp_id 
_struct_sheet_range.end_auth_asym_id 
_struct_sheet_range.end_auth_seq_id 
A 1 GLU A 5   ? LEU A 13  ? GLU A 5   LEU A 13  
A 2 LEU A 19  ? ARG A 25  ? LEU A 19  ARG A 25  
A 3 GLU A 31  ? TYR A 36  ? GLU A 31  TYR A 36  
B 1 ALA A 74  ? LYS A 76  ? ALA A 74  LYS A 76  
B 2 ALA A 42  ? PRO A 48  ? ALA A 42  PRO A 48  
B 3 VAL A 118 ? ALA A 124 ? VAL A 118 ALA A 124 
B 4 LEU A 102 ? PRO A 104 ? LEU A 102 PRO A 104 
C 1 PHE A 68  ? GLU A 71  ? PHE A 68  GLU A 71  
C 2 THR A 54  ? TYR A 61  ? THR A 54  TYR A 61  
C 3 LEU A 141 ? PRO A 147 ? LEU A 141 PRO A 147 
D 1 ALA A 97  ? GLU A 98  ? ALA A 97  GLU A 98  
D 2 ARG A 128 ? VAL A 129 ? ARG A 128 VAL A 129 
# 
loop_
_pdbx_struct_sheet_hbond.sheet_id 
_pdbx_struct_sheet_hbond.range_id_1 
_pdbx_struct_sheet_hbond.range_id_2 
_pdbx_struct_sheet_hbond.range_1_label_atom_id 
_pdbx_struct_sheet_hbond.range_1_label_comp_id 
_pdbx_struct_sheet_hbond.range_1_label_asym_id 
_pdbx_struct_sheet_hbond.range_1_label_seq_id 
_pdbx_struct_sheet_hbond.range_1_PDB_ins_code 
_pdbx_struct_sheet_hbond.range_1_auth_atom_id 
_pdbx_struct_sheet_hbond.range_1_auth_comp_id 
_pdbx_struct_sheet_hbond.range_1_auth_asym_id 
_pdbx_struct_sheet_hbond.range_1_auth_seq_id 
_pdbx_struct_sheet_hbond.range_2_label_atom_id 
_pdbx_struct_sheet_hbond.range_2_label_comp_id 
_pdbx_struct_sheet_hbond.range_2_label_asym_id 
_pdbx_struct_sheet_hbond.range_2_label_seq_id 
_pdbx_struct_sheet_hbond.range_2_PDB_ins_code 
_pdbx_struct_sheet_hbond.range_2_auth_atom_id 
_pdbx_struct_sheet_hbond.range_2_auth_comp_id 
_pdbx_struct_sheet_hbond.range_2_auth_asym_id 
_pdbx_struct_sheet_hbond.range_2_auth_seq_id 
A 1 2 N ILE A 7   ? N ILE A 7   O ARG A 23  ? O ARG A 23  
A 2 3 N GLU A 22  ? N GLU A 22  O TYR A 34  ? O TYR A 34  
B 1 2 O GLY A 75  ? O GLY A 75  N SER A 44  ? N SER A 44  
B 2 3 N LEU A 47  ? N LEU A 47  O ALA A 124 ? O ALA A 124 
B 3 4 O LEU A 123 ? O LEU A 123 N ILE A 103 ? N ILE A 103 
C 1 2 O GLU A 71  ? O GLU A 71  N VAL A 58  ? N VAL A 58  
C 2 3 N ALA A 55  ? N ALA A 55  O LEU A 146 ? O LEU A 146 
D 1 2 N GLU A 98  ? N GLU A 98  O ARG A 128 ? O ARG A 128 
# 
loop_
_struct_site.id 
_struct_site.pdbx_evidence_code 
_struct_site.pdbx_auth_asym_id 
_struct_site.pdbx_auth_comp_id 
_struct_site.pdbx_auth_seq_id 
_struct_site.pdbx_auth_ins_code 
_struct_site.pdbx_num_residues 
_struct_site.details 
AC1 Software A MG 1001 ? 6 'BINDING SITE FOR RESIDUE MG A 1001' 
AC2 Software A MG 1002 ? 7 'BINDING SITE FOR RESIDUE MG A 1002' 
# 
loop_
_struct_site_gen.id 
_struct_site_gen.site_id 
_struct_site_gen.pdbx_num_res 
_struct_site_gen.label_comp_id 
_struct_site_gen.label_asym_id 
_struct_site_gen.label_seq_id 
_struct_site_gen.pdbx_auth_ins_code 
_struct_site_gen.auth_comp_id 
_struct_site_gen.auth_asym_id 
_struct_site_gen.auth_seq_id 
_struct_site_gen.label_atom_id 
_struct_site_gen.label_alt_id 
_struct_site_gen.symmetry 
_struct_site_gen.details 
1  AC1 6 GLU A 90  ? GLU A 90   . ? 1_555 ? 
2  AC1 6 GLU A 94  ? GLU A 94   . ? 1_555 ? 
3  AC1 6 GLU A 139 ? GLU A 139  . ? 1_555 ? 
4  AC1 6 HOH D .   ? HOH A 1007 . ? 1_555 ? 
5  AC1 6 HOH D .   ? HOH A 1015 . ? 1_555 ? 
6  AC1 6 HOH D .   ? HOH A 1036 . ? 1_555 ? 
7  AC2 7 ALA A 74  ? ALA A 74   . ? 1_555 ? 
8  AC2 7 GLU A 94  ? GLU A 94   . ? 1_555 ? 
9  AC2 7 GLU A 139 ? GLU A 139  . ? 1_555 ? 
10 AC2 7 HOH D .   ? HOH A 1004 . ? 1_555 ? 
11 AC2 7 HOH D .   ? HOH A 1013 . ? 1_555 ? 
12 AC2 7 HOH D .   ? HOH A 1015 . ? 1_555 ? 
13 AC2 7 HOH D .   ? HOH A 1037 . ? 1_555 ? 
# 
loop_
_pdbx_validate_close_contact.id 
_pdbx_validate_close_contact.PDB_model_num 
_pdbx_validate_close_contact.auth_atom_id_1 
_pdbx_validate_close_contact.auth_asym_id_1 
_pdbx_validate_close_contact.auth_comp_id_1 
_pdbx_validate_close_contact.auth_seq_id_1 
_pdbx_validate_close_contact.PDB_ins_code_1 
_pdbx_validate_close_contact.label_alt_id_1 
_pdbx_validate_close_contact.auth_atom_id_2 
_pdbx_validate_close_contact.auth_asym_id_2 
_pdbx_validate_close_contact.auth_comp_id_2 
_pdbx_validate_close_contact.auth_seq_id_2 
_pdbx_validate_close_contact.PDB_ins_code_2 
_pdbx_validate_close_contact.label_alt_id_2 
_pdbx_validate_close_contact.dist 
1 1 O A HOH 1015 ? ? O A HOH 1119 ? ? 1.91 
2 1 O A HOH 1069 ? ? O A HOH 1119 ? ? 2.07 
# 
_pdbx_validate_symm_contact.id                1 
_pdbx_validate_symm_contact.PDB_model_num     1 
_pdbx_validate_symm_contact.auth_atom_id_1    O 
_pdbx_validate_symm_contact.auth_asym_id_1    A 
_pdbx_validate_symm_contact.auth_comp_id_1    HOH 
_pdbx_validate_symm_contact.auth_seq_id_1     1127 
_pdbx_validate_symm_contact.PDB_ins_code_1    ? 
_pdbx_validate_symm_contact.label_alt_id_1    ? 
_pdbx_validate_symm_contact.site_symmetry_1   1_555 
_pdbx_validate_symm_contact.auth_atom_id_2    O 
_pdbx_validate_symm_contact.auth_asym_id_2    A 
_pdbx_validate_symm_contact.auth_comp_id_2    HOH 
_pdbx_validate_symm_contact.auth_seq_id_2     1127 
_pdbx_validate_symm_contact.PDB_ins_code_2    ? 
_pdbx_validate_symm_contact.label_alt_id_2    ? 
_pdbx_validate_symm_contact.site_symmetry_2   3_656 
_pdbx_validate_symm_contact.dist              1.22 
# 
loop_
_pdbx_validate_torsion.id 
_pdbx_validate_torsion.PDB_model_num 
_pdbx_validate_torsion.auth_comp_id 
_pdbx_validate_torsion.auth_asym_id 
_pdbx_validate_torsion.auth_seq_id 
_pdbx_validate_torsion.PDB_ins_code 
_pdbx_validate_torsion.label_alt_id 
_pdbx_validate_torsion.phi 
_pdbx_validate_torsion.psi 
1 1 GLU A 100 ? ? -93.13  -102.81 
2 1 GLN A 111 ? ? -155.90 75.30   
# 
_pdbx_SG_project.id                    1 
_pdbx_SG_project.project_name          'NPPSFA, National Project on Protein Structural and Functional Analyses' 
_pdbx_SG_project.full_name_of_center   'RIKEN Structural Genomics/Proteomics Initiative' 
_pdbx_SG_project.initial_of_center     RSGI 
# 
loop_
_chem_comp_atom.comp_id 
_chem_comp_atom.atom_id 
_chem_comp_atom.type_symbol 
_chem_comp_atom.pdbx_aromatic_flag 
_chem_comp_atom.pdbx_stereo_config 
_chem_comp_atom.pdbx_ordinal 
ALA N    N  N N 1   
ALA CA   C  N S 2   
ALA C    C  N N 3   
ALA O    O  N N 4   
ALA CB   C  N N 5   
ALA OXT  O  N N 6   
ALA H    H  N N 7   
ALA H2   H  N N 8   
ALA HA   H  N N 9   
ALA HB1  H  N N 10  
ALA HB2  H  N N 11  
ALA HB3  H  N N 12  
ALA HXT  H  N N 13  
ARG N    N  N N 14  
ARG CA   C  N S 15  
ARG C    C  N N 16  
ARG O    O  N N 17  
ARG CB   C  N N 18  
ARG CG   C  N N 19  
ARG CD   C  N N 20  
ARG NE   N  N N 21  
ARG CZ   C  N N 22  
ARG NH1  N  N N 23  
ARG NH2  N  N N 24  
ARG OXT  O  N N 25  
ARG H    H  N N 26  
ARG H2   H  N N 27  
ARG HA   H  N N 28  
ARG HB2  H  N N 29  
ARG HB3  H  N N 30  
ARG HG2  H  N N 31  
ARG HG3  H  N N 32  
ARG HD2  H  N N 33  
ARG HD3  H  N N 34  
ARG HE   H  N N 35  
ARG HH11 H  N N 36  
ARG HH12 H  N N 37  
ARG HH21 H  N N 38  
ARG HH22 H  N N 39  
ARG HXT  H  N N 40  
ASP N    N  N N 41  
ASP CA   C  N S 42  
ASP C    C  N N 43  
ASP O    O  N N 44  
ASP CB   C  N N 45  
ASP CG   C  N N 46  
ASP OD1  O  N N 47  
ASP OD2  O  N N 48  
ASP OXT  O  N N 49  
ASP H    H  N N 50  
ASP H2   H  N N 51  
ASP HA   H  N N 52  
ASP HB2  H  N N 53  
ASP HB3  H  N N 54  
ASP HD2  H  N N 55  
ASP HXT  H  N N 56  
GLN N    N  N N 57  
GLN CA   C  N S 58  
GLN C    C  N N 59  
GLN O    O  N N 60  
GLN CB   C  N N 61  
GLN CG   C  N N 62  
GLN CD   C  N N 63  
GLN OE1  O  N N 64  
GLN NE2  N  N N 65  
GLN OXT  O  N N 66  
GLN H    H  N N 67  
GLN H2   H  N N 68  
GLN HA   H  N N 69  
GLN HB2  H  N N 70  
GLN HB3  H  N N 71  
GLN HG2  H  N N 72  
GLN HG3  H  N N 73  
GLN HE21 H  N N 74  
GLN HE22 H  N N 75  
GLN HXT  H  N N 76  
GLU N    N  N N 77  
GLU CA   C  N S 78  
GLU C    C  N N 79  
GLU O    O  N N 80  
GLU CB   C  N N 81  
GLU CG   C  N N 82  
GLU CD   C  N N 83  
GLU OE1  O  N N 84  
GLU OE2  O  N N 85  
GLU OXT  O  N N 86  
GLU H    H  N N 87  
GLU H2   H  N N 88  
GLU HA   H  N N 89  
GLU HB2  H  N N 90  
GLU HB3  H  N N 91  
GLU HG2  H  N N 92  
GLU HG3  H  N N 93  
GLU HE2  H  N N 94  
GLU HXT  H  N N 95  
GLY N    N  N N 96  
GLY CA   C  N N 97  
GLY C    C  N N 98  
GLY O    O  N N 99  
GLY OXT  O  N N 100 
GLY H    H  N N 101 
GLY H2   H  N N 102 
GLY HA2  H  N N 103 
GLY HA3  H  N N 104 
GLY HXT  H  N N 105 
HIS N    N  N N 106 
HIS CA   C  N S 107 
HIS C    C  N N 108 
HIS O    O  N N 109 
HIS CB   C  N N 110 
HIS CG   C  Y N 111 
HIS ND1  N  Y N 112 
HIS CD2  C  Y N 113 
HIS CE1  C  Y N 114 
HIS NE2  N  Y N 115 
HIS OXT  O  N N 116 
HIS H    H  N N 117 
HIS H2   H  N N 118 
HIS HA   H  N N 119 
HIS HB2  H  N N 120 
HIS HB3  H  N N 121 
HIS HD1  H  N N 122 
HIS HD2  H  N N 123 
HIS HE1  H  N N 124 
HIS HE2  H  N N 125 
HIS HXT  H  N N 126 
HOH O    O  N N 127 
HOH H1   H  N N 128 
HOH H2   H  N N 129 
ILE N    N  N N 130 
ILE CA   C  N S 131 
ILE C    C  N N 132 
ILE O    O  N N 133 
ILE CB   C  N S 134 
ILE CG1  C  N N 135 
ILE CG2  C  N N 136 
ILE CD1  C  N N 137 
ILE OXT  O  N N 138 
ILE H    H  N N 139 
ILE H2   H  N N 140 
ILE HA   H  N N 141 
ILE HB   H  N N 142 
ILE HG12 H  N N 143 
ILE HG13 H  N N 144 
ILE HG21 H  N N 145 
ILE HG22 H  N N 146 
ILE HG23 H  N N 147 
ILE HD11 H  N N 148 
ILE HD12 H  N N 149 
ILE HD13 H  N N 150 
ILE HXT  H  N N 151 
LEU N    N  N N 152 
LEU CA   C  N S 153 
LEU C    C  N N 154 
LEU O    O  N N 155 
LEU CB   C  N N 156 
LEU CG   C  N N 157 
LEU CD1  C  N N 158 
LEU CD2  C  N N 159 
LEU OXT  O  N N 160 
LEU H    H  N N 161 
LEU H2   H  N N 162 
LEU HA   H  N N 163 
LEU HB2  H  N N 164 
LEU HB3  H  N N 165 
LEU HG   H  N N 166 
LEU HD11 H  N N 167 
LEU HD12 H  N N 168 
LEU HD13 H  N N 169 
LEU HD21 H  N N 170 
LEU HD22 H  N N 171 
LEU HD23 H  N N 172 
LEU HXT  H  N N 173 
LYS N    N  N N 174 
LYS CA   C  N S 175 
LYS C    C  N N 176 
LYS O    O  N N 177 
LYS CB   C  N N 178 
LYS CG   C  N N 179 
LYS CD   C  N N 180 
LYS CE   C  N N 181 
LYS NZ   N  N N 182 
LYS OXT  O  N N 183 
LYS H    H  N N 184 
LYS H2   H  N N 185 
LYS HA   H  N N 186 
LYS HB2  H  N N 187 
LYS HB3  H  N N 188 
LYS HG2  H  N N 189 
LYS HG3  H  N N 190 
LYS HD2  H  N N 191 
LYS HD3  H  N N 192 
LYS HE2  H  N N 193 
LYS HE3  H  N N 194 
LYS HZ1  H  N N 195 
LYS HZ2  H  N N 196 
LYS HZ3  H  N N 197 
LYS HXT  H  N N 198 
MET N    N  N N 199 
MET CA   C  N S 200 
MET C    C  N N 201 
MET O    O  N N 202 
MET CB   C  N N 203 
MET CG   C  N N 204 
MET SD   S  N N 205 
MET CE   C  N N 206 
MET OXT  O  N N 207 
MET H    H  N N 208 
MET H2   H  N N 209 
MET HA   H  N N 210 
MET HB2  H  N N 211 
MET HB3  H  N N 212 
MET HG2  H  N N 213 
MET HG3  H  N N 214 
MET HE1  H  N N 215 
MET HE2  H  N N 216 
MET HE3  H  N N 217 
MET HXT  H  N N 218 
MG  MG   MG N N 219 
PHE N    N  N N 220 
PHE CA   C  N S 221 
PHE C    C  N N 222 
PHE O    O  N N 223 
PHE CB   C  N N 224 
PHE CG   C  Y N 225 
PHE CD1  C  Y N 226 
PHE CD2  C  Y N 227 
PHE CE1  C  Y N 228 
PHE CE2  C  Y N 229 
PHE CZ   C  Y N 230 
PHE OXT  O  N N 231 
PHE H    H  N N 232 
PHE H2   H  N N 233 
PHE HA   H  N N 234 
PHE HB2  H  N N 235 
PHE HB3  H  N N 236 
PHE HD1  H  N N 237 
PHE HD2  H  N N 238 
PHE HE1  H  N N 239 
PHE HE2  H  N N 240 
PHE HZ   H  N N 241 
PHE HXT  H  N N 242 
PRO N    N  N N 243 
PRO CA   C  N S 244 
PRO C    C  N N 245 
PRO O    O  N N 246 
PRO CB   C  N N 247 
PRO CG   C  N N 248 
PRO CD   C  N N 249 
PRO OXT  O  N N 250 
PRO H    H  N N 251 
PRO HA   H  N N 252 
PRO HB2  H  N N 253 
PRO HB3  H  N N 254 
PRO HG2  H  N N 255 
PRO HG3  H  N N 256 
PRO HD2  H  N N 257 
PRO HD3  H  N N 258 
PRO HXT  H  N N 259 
SER N    N  N N 260 
SER CA   C  N S 261 
SER C    C  N N 262 
SER O    O  N N 263 
SER CB   C  N N 264 
SER OG   O  N N 265 
SER OXT  O  N N 266 
SER H    H  N N 267 
SER H2   H  N N 268 
SER HA   H  N N 269 
SER HB2  H  N N 270 
SER HB3  H  N N 271 
SER HG   H  N N 272 
SER HXT  H  N N 273 
THR N    N  N N 274 
THR CA   C  N S 275 
THR C    C  N N 276 
THR O    O  N N 277 
THR CB   C  N R 278 
THR OG1  O  N N 279 
THR CG2  C  N N 280 
THR OXT  O  N N 281 
THR H    H  N N 282 
THR H2   H  N N 283 
THR HA   H  N N 284 
THR HB   H  N N 285 
THR HG1  H  N N 286 
THR HG21 H  N N 287 
THR HG22 H  N N 288 
THR HG23 H  N N 289 
THR HXT  H  N N 290 
TRP N    N  N N 291 
TRP CA   C  N S 292 
TRP C    C  N N 293 
TRP O    O  N N 294 
TRP CB   C  N N 295 
TRP CG   C  Y N 296 
TRP CD1  C  Y N 297 
TRP CD2  C  Y N 298 
TRP NE1  N  Y N 299 
TRP CE2  C  Y N 300 
TRP CE3  C  Y N 301 
TRP CZ2  C  Y N 302 
TRP CZ3  C  Y N 303 
TRP CH2  C  Y N 304 
TRP OXT  O  N N 305 
TRP H    H  N N 306 
TRP H2   H  N N 307 
TRP HA   H  N N 308 
TRP HB2  H  N N 309 
TRP HB3  H  N N 310 
TRP HD1  H  N N 311 
TRP HE1  H  N N 312 
TRP HE3  H  N N 313 
TRP HZ2  H  N N 314 
TRP HZ3  H  N N 315 
TRP HH2  H  N N 316 
TRP HXT  H  N N 317 
TYR N    N  N N 318 
TYR CA   C  N S 319 
TYR C    C  N N 320 
TYR O    O  N N 321 
TYR CB   C  N N 322 
TYR CG   C  Y N 323 
TYR CD1  C  Y N 324 
TYR CD2  C  Y N 325 
TYR CE1  C  Y N 326 
TYR CE2  C  Y N 327 
TYR CZ   C  Y N 328 
TYR OH   O  N N 329 
TYR OXT  O  N N 330 
TYR H    H  N N 331 
TYR H2   H  N N 332 
TYR HA   H  N N 333 
TYR HB2  H  N N 334 
TYR HB3  H  N N 335 
TYR HD1  H  N N 336 
TYR HD2  H  N N 337 
TYR HE1  H  N N 338 
TYR HE2  H  N N 339 
TYR HH   H  N N 340 
TYR HXT  H  N N 341 
VAL N    N  N N 342 
VAL CA   C  N S 343 
VAL C    C  N N 344 
VAL O    O  N N 345 
VAL CB   C  N N 346 
VAL CG1  C  N N 347 
VAL CG2  C  N N 348 
VAL OXT  O  N N 349 
VAL H    H  N N 350 
VAL H2   H  N N 351 
VAL HA   H  N N 352 
VAL HB   H  N N 353 
VAL HG11 H  N N 354 
VAL HG12 H  N N 355 
VAL HG13 H  N N 356 
VAL HG21 H  N N 357 
VAL HG22 H  N N 358 
VAL HG23 H  N N 359 
VAL HXT  H  N N 360 
# 
loop_
_chem_comp_bond.comp_id 
_chem_comp_bond.atom_id_1 
_chem_comp_bond.atom_id_2 
_chem_comp_bond.value_order 
_chem_comp_bond.pdbx_aromatic_flag 
_chem_comp_bond.pdbx_stereo_config 
_chem_comp_bond.pdbx_ordinal 
ALA N   CA   sing N N 1   
ALA N   H    sing N N 2   
ALA N   H2   sing N N 3   
ALA CA  C    sing N N 4   
ALA CA  CB   sing N N 5   
ALA CA  HA   sing N N 6   
ALA C   O    doub N N 7   
ALA C   OXT  sing N N 8   
ALA CB  HB1  sing N N 9   
ALA CB  HB2  sing N N 10  
ALA CB  HB3  sing N N 11  
ALA OXT HXT  sing N N 12  
ARG N   CA   sing N N 13  
ARG N   H    sing N N 14  
ARG N   H2   sing N N 15  
ARG CA  C    sing N N 16  
ARG CA  CB   sing N N 17  
ARG CA  HA   sing N N 18  
ARG C   O    doub N N 19  
ARG C   OXT  sing N N 20  
ARG CB  CG   sing N N 21  
ARG CB  HB2  sing N N 22  
ARG CB  HB3  sing N N 23  
ARG CG  CD   sing N N 24  
ARG CG  HG2  sing N N 25  
ARG CG  HG3  sing N N 26  
ARG CD  NE   sing N N 27  
ARG CD  HD2  sing N N 28  
ARG CD  HD3  sing N N 29  
ARG NE  CZ   sing N N 30  
ARG NE  HE   sing N N 31  
ARG CZ  NH1  sing N N 32  
ARG CZ  NH2  doub N N 33  
ARG NH1 HH11 sing N N 34  
ARG NH1 HH12 sing N N 35  
ARG NH2 HH21 sing N N 36  
ARG NH2 HH22 sing N N 37  
ARG OXT HXT  sing N N 38  
ASP N   CA   sing N N 39  
ASP N   H    sing N N 40  
ASP N   H2   sing N N 41  
ASP CA  C    sing N N 42  
ASP CA  CB   sing N N 43  
ASP CA  HA   sing N N 44  
ASP C   O    doub N N 45  
ASP C   OXT  sing N N 46  
ASP CB  CG   sing N N 47  
ASP CB  HB2  sing N N 48  
ASP CB  HB3  sing N N 49  
ASP CG  OD1  doub N N 50  
ASP CG  OD2  sing N N 51  
ASP OD2 HD2  sing N N 52  
ASP OXT HXT  sing N N 53  
GLN N   CA   sing N N 54  
GLN N   H    sing N N 55  
GLN N   H2   sing N N 56  
GLN CA  C    sing N N 57  
GLN CA  CB   sing N N 58  
GLN CA  HA   sing N N 59  
GLN C   O    doub N N 60  
GLN C   OXT  sing N N 61  
GLN CB  CG   sing N N 62  
GLN CB  HB2  sing N N 63  
GLN CB  HB3  sing N N 64  
GLN CG  CD   sing N N 65  
GLN CG  HG2  sing N N 66  
GLN CG  HG3  sing N N 67  
GLN CD  OE1  doub N N 68  
GLN CD  NE2  sing N N 69  
GLN NE2 HE21 sing N N 70  
GLN NE2 HE22 sing N N 71  
GLN OXT HXT  sing N N 72  
GLU N   CA   sing N N 73  
GLU N   H    sing N N 74  
GLU N   H2   sing N N 75  
GLU CA  C    sing N N 76  
GLU CA  CB   sing N N 77  
GLU CA  HA   sing N N 78  
GLU C   O    doub N N 79  
GLU C   OXT  sing N N 80  
GLU CB  CG   sing N N 81  
GLU CB  HB2  sing N N 82  
GLU CB  HB3  sing N N 83  
GLU CG  CD   sing N N 84  
GLU CG  HG2  sing N N 85  
GLU CG  HG3  sing N N 86  
GLU CD  OE1  doub N N 87  
GLU CD  OE2  sing N N 88  
GLU OE2 HE2  sing N N 89  
GLU OXT HXT  sing N N 90  
GLY N   CA   sing N N 91  
GLY N   H    sing N N 92  
GLY N   H2   sing N N 93  
GLY CA  C    sing N N 94  
GLY CA  HA2  sing N N 95  
GLY CA  HA3  sing N N 96  
GLY C   O    doub N N 97  
GLY C   OXT  sing N N 98  
GLY OXT HXT  sing N N 99  
HIS N   CA   sing N N 100 
HIS N   H    sing N N 101 
HIS N   H2   sing N N 102 
HIS CA  C    sing N N 103 
HIS CA  CB   sing N N 104 
HIS CA  HA   sing N N 105 
HIS C   O    doub N N 106 
HIS C   OXT  sing N N 107 
HIS CB  CG   sing N N 108 
HIS CB  HB2  sing N N 109 
HIS CB  HB3  sing N N 110 
HIS CG  ND1  sing Y N 111 
HIS CG  CD2  doub Y N 112 
HIS ND1 CE1  doub Y N 113 
HIS ND1 HD1  sing N N 114 
HIS CD2 NE2  sing Y N 115 
HIS CD2 HD2  sing N N 116 
HIS CE1 NE2  sing Y N 117 
HIS CE1 HE1  sing N N 118 
HIS NE2 HE2  sing N N 119 
HIS OXT HXT  sing N N 120 
HOH O   H1   sing N N 121 
HOH O   H2   sing N N 122 
ILE N   CA   sing N N 123 
ILE N   H    sing N N 124 
ILE N   H2   sing N N 125 
ILE CA  C    sing N N 126 
ILE CA  CB   sing N N 127 
ILE CA  HA   sing N N 128 
ILE C   O    doub N N 129 
ILE C   OXT  sing N N 130 
ILE CB  CG1  sing N N 131 
ILE CB  CG2  sing N N 132 
ILE CB  HB   sing N N 133 
ILE CG1 CD1  sing N N 134 
ILE CG1 HG12 sing N N 135 
ILE CG1 HG13 sing N N 136 
ILE CG2 HG21 sing N N 137 
ILE CG2 HG22 sing N N 138 
ILE CG2 HG23 sing N N 139 
ILE CD1 HD11 sing N N 140 
ILE CD1 HD12 sing N N 141 
ILE CD1 HD13 sing N N 142 
ILE OXT HXT  sing N N 143 
LEU N   CA   sing N N 144 
LEU N   H    sing N N 145 
LEU N   H2   sing N N 146 
LEU CA  C    sing N N 147 
LEU CA  CB   sing N N 148 
LEU CA  HA   sing N N 149 
LEU C   O    doub N N 150 
LEU C   OXT  sing N N 151 
LEU CB  CG   sing N N 152 
LEU CB  HB2  sing N N 153 
LEU CB  HB3  sing N N 154 
LEU CG  CD1  sing N N 155 
LEU CG  CD2  sing N N 156 
LEU CG  HG   sing N N 157 
LEU CD1 HD11 sing N N 158 
LEU CD1 HD12 sing N N 159 
LEU CD1 HD13 sing N N 160 
LEU CD2 HD21 sing N N 161 
LEU CD2 HD22 sing N N 162 
LEU CD2 HD23 sing N N 163 
LEU OXT HXT  sing N N 164 
LYS N   CA   sing N N 165 
LYS N   H    sing N N 166 
LYS N   H2   sing N N 167 
LYS CA  C    sing N N 168 
LYS CA  CB   sing N N 169 
LYS CA  HA   sing N N 170 
LYS C   O    doub N N 171 
LYS C   OXT  sing N N 172 
LYS CB  CG   sing N N 173 
LYS CB  HB2  sing N N 174 
LYS CB  HB3  sing N N 175 
LYS CG  CD   sing N N 176 
LYS CG  HG2  sing N N 177 
LYS CG  HG3  sing N N 178 
LYS CD  CE   sing N N 179 
LYS CD  HD2  sing N N 180 
LYS CD  HD3  sing N N 181 
LYS CE  NZ   sing N N 182 
LYS CE  HE2  sing N N 183 
LYS CE  HE3  sing N N 184 
LYS NZ  HZ1  sing N N 185 
LYS NZ  HZ2  sing N N 186 
LYS NZ  HZ3  sing N N 187 
LYS OXT HXT  sing N N 188 
MET N   CA   sing N N 189 
MET N   H    sing N N 190 
MET N   H2   sing N N 191 
MET CA  C    sing N N 192 
MET CA  CB   sing N N 193 
MET CA  HA   sing N N 194 
MET C   O    doub N N 195 
MET C   OXT  sing N N 196 
MET CB  CG   sing N N 197 
MET CB  HB2  sing N N 198 
MET CB  HB3  sing N N 199 
MET CG  SD   sing N N 200 
MET CG  HG2  sing N N 201 
MET CG  HG3  sing N N 202 
MET SD  CE   sing N N 203 
MET CE  HE1  sing N N 204 
MET CE  HE2  sing N N 205 
MET CE  HE3  sing N N 206 
MET OXT HXT  sing N N 207 
PHE N   CA   sing N N 208 
PHE N   H    sing N N 209 
PHE N   H2   sing N N 210 
PHE CA  C    sing N N 211 
PHE CA  CB   sing N N 212 
PHE CA  HA   sing N N 213 
PHE C   O    doub N N 214 
PHE C   OXT  sing N N 215 
PHE CB  CG   sing N N 216 
PHE CB  HB2  sing N N 217 
PHE CB  HB3  sing N N 218 
PHE CG  CD1  doub Y N 219 
PHE CG  CD2  sing Y N 220 
PHE CD1 CE1  sing Y N 221 
PHE CD1 HD1  sing N N 222 
PHE CD2 CE2  doub Y N 223 
PHE CD2 HD2  sing N N 224 
PHE CE1 CZ   doub Y N 225 
PHE CE1 HE1  sing N N 226 
PHE CE2 CZ   sing Y N 227 
PHE CE2 HE2  sing N N 228 
PHE CZ  HZ   sing N N 229 
PHE OXT HXT  sing N N 230 
PRO N   CA   sing N N 231 
PRO N   CD   sing N N 232 
PRO N   H    sing N N 233 
PRO CA  C    sing N N 234 
PRO CA  CB   sing N N 235 
PRO CA  HA   sing N N 236 
PRO C   O    doub N N 237 
PRO C   OXT  sing N N 238 
PRO CB  CG   sing N N 239 
PRO CB  HB2  sing N N 240 
PRO CB  HB3  sing N N 241 
PRO CG  CD   sing N N 242 
PRO CG  HG2  sing N N 243 
PRO CG  HG3  sing N N 244 
PRO CD  HD2  sing N N 245 
PRO CD  HD3  sing N N 246 
PRO OXT HXT  sing N N 247 
SER N   CA   sing N N 248 
SER N   H    sing N N 249 
SER N   H2   sing N N 250 
SER CA  C    sing N N 251 
SER CA  CB   sing N N 252 
SER CA  HA   sing N N 253 
SER C   O    doub N N 254 
SER C   OXT  sing N N 255 
SER CB  OG   sing N N 256 
SER CB  HB2  sing N N 257 
SER CB  HB3  sing N N 258 
SER OG  HG   sing N N 259 
SER OXT HXT  sing N N 260 
THR N   CA   sing N N 261 
THR N   H    sing N N 262 
THR N   H2   sing N N 263 
THR CA  C    sing N N 264 
THR CA  CB   sing N N 265 
THR CA  HA   sing N N 266 
THR C   O    doub N N 267 
THR C   OXT  sing N N 268 
THR CB  OG1  sing N N 269 
THR CB  CG2  sing N N 270 
THR CB  HB   sing N N 271 
THR OG1 HG1  sing N N 272 
THR CG2 HG21 sing N N 273 
THR CG2 HG22 sing N N 274 
THR CG2 HG23 sing N N 275 
THR OXT HXT  sing N N 276 
TRP N   CA   sing N N 277 
TRP N   H    sing N N 278 
TRP N   H2   sing N N 279 
TRP CA  C    sing N N 280 
TRP CA  CB   sing N N 281 
TRP CA  HA   sing N N 282 
TRP C   O    doub N N 283 
TRP C   OXT  sing N N 284 
TRP CB  CG   sing N N 285 
TRP CB  HB2  sing N N 286 
TRP CB  HB3  sing N N 287 
TRP CG  CD1  doub Y N 288 
TRP CG  CD2  sing Y N 289 
TRP CD1 NE1  sing Y N 290 
TRP CD1 HD1  sing N N 291 
TRP CD2 CE2  doub Y N 292 
TRP CD2 CE3  sing Y N 293 
TRP NE1 CE2  sing Y N 294 
TRP NE1 HE1  sing N N 295 
TRP CE2 CZ2  sing Y N 296 
TRP CE3 CZ3  doub Y N 297 
TRP CE3 HE3  sing N N 298 
TRP CZ2 CH2  doub Y N 299 
TRP CZ2 HZ2  sing N N 300 
TRP CZ3 CH2  sing Y N 301 
TRP CZ3 HZ3  sing N N 302 
TRP CH2 HH2  sing N N 303 
TRP OXT HXT  sing N N 304 
TYR N   CA   sing N N 305 
TYR N   H    sing N N 306 
TYR N   H2   sing N N 307 
TYR CA  C    sing N N 308 
TYR CA  CB   sing N N 309 
TYR CA  HA   sing N N 310 
TYR C   O    doub N N 311 
TYR C   OXT  sing N N 312 
TYR CB  CG   sing N N 313 
TYR CB  HB2  sing N N 314 
TYR CB  HB3  sing N N 315 
TYR CG  CD1  doub Y N 316 
TYR CG  CD2  sing Y N 317 
TYR CD1 CE1  sing Y N 318 
TYR CD1 HD1  sing N N 319 
TYR CD2 CE2  doub Y N 320 
TYR CD2 HD2  sing N N 321 
TYR CE1 CZ   doub Y N 322 
TYR CE1 HE1  sing N N 323 
TYR CE2 CZ   sing Y N 324 
TYR CE2 HE2  sing N N 325 
TYR CZ  OH   sing N N 326 
TYR OH  HH   sing N N 327 
TYR OXT HXT  sing N N 328 
VAL N   CA   sing N N 329 
VAL N   H    sing N N 330 
VAL N   H2   sing N N 331 
VAL CA  C    sing N N 332 
VAL CA  CB   sing N N 333 
VAL CA  HA   sing N N 334 
VAL C   O    doub N N 335 
VAL C   OXT  sing N N 336 
VAL CB  CG1  sing N N 337 
VAL CB  CG2  sing N N 338 
VAL CB  HB   sing N N 339 
VAL CG1 HG11 sing N N 340 
VAL CG1 HG12 sing N N 341 
VAL CG1 HG13 sing N N 342 
VAL CG2 HG21 sing N N 343 
VAL CG2 HG22 sing N N 344 
VAL CG2 HG23 sing N N 345 
VAL OXT HXT  sing N N 346 
# 
_atom_sites.entry_id                    2YVM 
_atom_sites.fract_transf_matrix[1][1]   0.00970580 
_atom_sites.fract_transf_matrix[1][2]   0.01979351 
_atom_sites.fract_transf_matrix[1][3]   -0.01076260 
_atom_sites.fract_transf_matrix[2][1]   -0.00038621 
_atom_sites.fract_transf_matrix[2][2]   -0.00457108 
_atom_sites.fract_transf_matrix[2][3]   -0.00875497 
_atom_sites.fract_transf_matrix[3][1]   -0.00941157 
_atom_sites.fract_transf_matrix[3][2]   0.00377035 
_atom_sites.fract_transf_matrix[3][3]   -0.00155337 
_atom_sites.fract_transf_vector[1]      0.332153 
_atom_sites.fract_transf_vector[2]      0.249235 
_atom_sites.fract_transf_vector[3]      0.694097 
# 
loop_
_atom_type.symbol 
C  
MG 
N  
O  
S  
# 
loop_
_atom_site.group_PDB 
_atom_site.id 
_atom_site.type_symbol 
_atom_site.label_atom_id 
_atom_site.label_alt_id 
_atom_site.label_comp_id 
_atom_site.label_asym_id 
_atom_site.label_entity_id 
_atom_site.label_seq_id 
_atom_site.pdbx_PDB_ins_code 
_atom_site.Cartn_x 
_atom_site.Cartn_y 
_atom_site.Cartn_z 
_atom_site.occupancy 
_atom_site.B_iso_or_equiv 
_atom_site.pdbx_formal_charge 
_atom_site.auth_seq_id 
_atom_site.auth_comp_id 
_atom_site.auth_asym_id 
_atom_site.auth_atom_id 
_atom_site.pdbx_PDB_model_num 
ATOM   1    N  N   . MET A 1 1   ? -26.949 1.273   -9.173  1.00 38.59 ? 1    MET A N   1 
ATOM   2    C  CA  . MET A 1 1   ? -27.386 2.533   -9.837  1.00 37.88 ? 1    MET A CA  1 
ATOM   3    C  C   . MET A 1 1   ? -26.196 3.309   -10.397 1.00 36.27 ? 1    MET A C   1 
ATOM   4    O  O   . MET A 1 1   ? -25.951 4.456   -9.996  1.00 36.55 ? 1    MET A O   1 
ATOM   5    C  CB  . MET A 1 1   ? -28.148 3.418   -8.844  1.00 39.65 ? 1    MET A CB  1 
ATOM   6    C  CG  . MET A 1 1   ? -29.480 2.841   -8.361  1.00 41.60 ? 1    MET A CG  1 
ATOM   7    S  SD  . MET A 1 1   ? -30.841 3.037   -9.540  1.00 43.66 ? 1    MET A SD  1 
ATOM   8    C  CE  . MET A 1 1   ? -31.682 4.449   -8.861  1.00 42.64 ? 1    MET A CE  1 
ATOM   9    N  N   . SER A 1 2   ? -25.451 2.693   -11.313 1.00 33.68 ? 2    SER A N   1 
ATOM   10   C  CA  . SER A 1 2   ? -24.316 3.386   -11.902 1.00 30.49 ? 2    SER A CA  1 
ATOM   11   C  C   . SER A 1 2   ? -24.842 4.423   -12.878 1.00 27.99 ? 2    SER A C   1 
ATOM   12   O  O   . SER A 1 2   ? -25.859 4.220   -13.539 1.00 27.56 ? 2    SER A O   1 
ATOM   13   C  CB  . SER A 1 2   ? -23.386 2.438   -12.664 1.00 31.19 ? 2    SER A CB  1 
ATOM   14   O  OG  . SER A 1 2   ? -22.326 3.174   -13.273 1.00 30.10 ? 2    SER A OG  1 
ATOM   15   N  N   . PRO A 1 3   ? -24.165 5.565   -12.959 1.00 25.58 ? 3    PRO A N   1 
ATOM   16   C  CA  . PRO A 1 3   ? -24.600 6.615   -13.878 1.00 23.72 ? 3    PRO A CA  1 
ATOM   17   C  C   . PRO A 1 3   ? -24.208 6.298   -15.318 1.00 22.44 ? 3    PRO A C   1 
ATOM   18   O  O   . PRO A 1 3   ? -24.759 6.875   -16.252 1.00 20.41 ? 3    PRO A O   1 
ATOM   19   C  CB  . PRO A 1 3   ? -23.886 7.857   -13.344 1.00 24.21 ? 3    PRO A CB  1 
ATOM   20   C  CG  . PRO A 1 3   ? -22.645 7.304   -12.754 1.00 24.45 ? 3    PRO A CG  1 
ATOM   21   C  CD  . PRO A 1 3   ? -23.130 6.069   -12.035 1.00 25.21 ? 3    PRO A CD  1 
ATOM   22   N  N   . TRP A 1 4   ? -23.261 5.377   -15.494 1.00 21.65 ? 4    TRP A N   1 
ATOM   23   C  CA  . TRP A 1 4   ? -22.799 5.007   -16.833 1.00 21.55 ? 4    TRP A CA  1 
ATOM   24   C  C   . TRP A 1 4   ? -23.194 3.581   -17.174 1.00 22.54 ? 4    TRP A C   1 
ATOM   25   O  O   . TRP A 1 4   ? -23.126 2.694   -16.326 1.00 23.01 ? 4    TRP A O   1 
ATOM   26   C  CB  . TRP A 1 4   ? -21.279 5.139   -16.932 1.00 20.33 ? 4    TRP A CB  1 
ATOM   27   C  CG  . TRP A 1 4   ? -20.786 6.555   -16.852 1.00 19.18 ? 4    TRP A CG  1 
ATOM   28   C  CD1 . TRP A 1 4   ? -21.551 7.686   -16.748 1.00 19.00 ? 4    TRP A CD1 1 
ATOM   29   C  CD2 . TRP A 1 4   ? -19.421 6.993   -16.888 1.00 19.42 ? 4    TRP A CD2 1 
ATOM   30   N  NE1 . TRP A 1 4   ? -20.741 8.801   -16.717 1.00 18.29 ? 4    TRP A NE1 1 
ATOM   31   C  CE2 . TRP A 1 4   ? -19.431 8.404   -16.804 1.00 18.70 ? 4    TRP A CE2 1 
ATOM   32   C  CE3 . TRP A 1 4   ? -18.188 6.330   -16.986 1.00 18.89 ? 4    TRP A CE3 1 
ATOM   33   C  CZ2 . TRP A 1 4   ? -18.261 9.162   -16.814 1.00 19.62 ? 4    TRP A CZ2 1 
ATOM   34   C  CZ3 . TRP A 1 4   ? -17.020 7.089   -16.996 1.00 18.77 ? 4    TRP A CZ3 1 
ATOM   35   C  CH2 . TRP A 1 4   ? -17.065 8.492   -16.912 1.00 18.44 ? 4    TRP A CH2 1 
ATOM   36   N  N   . GLU A 1 5   ? -23.599 3.369   -18.421 1.00 23.26 ? 5    GLU A N   1 
ATOM   37   C  CA  . GLU A 1 5   ? -24.020 2.055   -18.867 1.00 23.70 ? 5    GLU A CA  1 
ATOM   38   C  C   . GLU A 1 5   ? -22.949 1.394   -19.741 1.00 22.90 ? 5    GLU A C   1 
ATOM   39   O  O   . GLU A 1 5   ? -22.373 2.027   -20.615 1.00 22.61 ? 5    GLU A O   1 
ATOM   40   C  CB  . GLU A 1 5   ? -25.336 2.188   -19.644 1.00 26.32 ? 5    GLU A CB  1 
ATOM   41   C  CG  . GLU A 1 5   ? -25.714 0.964   -20.456 1.00 30.21 ? 5    GLU A CG  1 
ATOM   42   C  CD  . GLU A 1 5   ? -27.047 1.115   -21.174 1.00 32.28 ? 5    GLU A CD  1 
ATOM   43   O  OE1 . GLU A 1 5   ? -27.355 2.229   -21.662 1.00 33.55 ? 5    GLU A OE1 1 
ATOM   44   O  OE2 . GLU A 1 5   ? -27.785 0.110   -21.257 1.00 33.98 ? 5    GLU A OE2 1 
ATOM   45   N  N   . ARG A 1 6   ? -22.692 0.114   -19.496 1.00 22.49 ? 6    ARG A N   1 
ATOM   46   C  CA  . ARG A 1 6   ? -21.691 -0.613  -20.267 1.00 21.88 ? 6    ARG A CA  1 
ATOM   47   C  C   . ARG A 1 6   ? -22.192 -0.965  -21.662 1.00 21.97 ? 6    ARG A C   1 
ATOM   48   O  O   . ARG A 1 6   ? -23.303 -1.472  -21.822 1.00 22.00 ? 6    ARG A O   1 
ATOM   49   C  CB  . ARG A 1 6   ? -21.302 -1.904  -19.549 1.00 21.83 ? 6    ARG A CB  1 
ATOM   50   C  CG  . ARG A 1 6   ? -20.383 -2.830  -20.363 1.00 22.05 ? 6    ARG A CG  1 
ATOM   51   C  CD  . ARG A 1 6   ? -19.950 -4.034  -19.530 1.00 23.03 ? 6    ARG A CD  1 
ATOM   52   N  NE  . ARG A 1 6   ? -19.277 -3.609  -18.306 1.00 24.01 ? 6    ARG A NE  1 
ATOM   53   C  CZ  . ARG A 1 6   ? -18.837 -4.429  -17.354 1.00 25.68 ? 6    ARG A CZ  1 
ATOM   54   N  NH1 . ARG A 1 6   ? -18.985 -5.741  -17.473 1.00 26.17 ? 6    ARG A NH1 1 
ATOM   55   N  NH2 . ARG A 1 6   ? -18.261 -3.930  -16.264 1.00 26.39 ? 6    ARG A NH2 1 
ATOM   56   N  N   . ILE A 1 7   ? -21.374 -0.686  -22.664 1.00 21.46 ? 7    ILE A N   1 
ATOM   57   C  CA  . ILE A 1 7   ? -21.704 -1.044  -24.036 1.00 21.93 ? 7    ILE A CA  1 
ATOM   58   C  C   . ILE A 1 7   ? -20.876 -2.301  -24.294 1.00 23.14 ? 7    ILE A C   1 
ATOM   59   O  O   . ILE A 1 7   ? -21.413 -3.358  -24.643 1.00 23.54 ? 7    ILE A O   1 
ATOM   60   C  CB  . ILE A 1 7   ? -21.326 0.081   -25.022 1.00 21.98 ? 7    ILE A CB  1 
ATOM   61   C  CG1 . ILE A 1 7   ? -22.252 1.284   -24.793 1.00 21.89 ? 7    ILE A CG1 1 
ATOM   62   C  CG2 . ILE A 1 7   ? -21.451 -0.414  -26.476 1.00 22.69 ? 7    ILE A CG2 1 
ATOM   63   C  CD1 . ILE A 1 7   ? -22.033 2.438   -25.753 1.00 22.91 ? 7    ILE A CD1 1 
ATOM   64   N  N   . LEU A 1 8   ? -19.566 -2.194  -24.079 1.00 22.77 ? 8    LEU A N   1 
ATOM   65   C  CA  . LEU A 1 8   ? -18.678 -3.331  -24.271 1.00 22.88 ? 8    LEU A CA  1 
ATOM   66   C  C   . LEU A 1 8   ? -17.470 -3.204  -23.347 1.00 21.94 ? 8    LEU A C   1 
ATOM   67   O  O   . LEU A 1 8   ? -16.958 -2.102  -23.133 1.00 21.92 ? 8    LEU A O   1 
ATOM   68   C  CB  . LEU A 1 8   ? -18.220 -3.392  -25.727 1.00 24.84 ? 8    LEU A CB  1 
ATOM   69   C  CG  . LEU A 1 8   ? -18.293 -4.747  -26.438 1.00 26.36 ? 8    LEU A CG  1 
ATOM   70   C  CD1 . LEU A 1 8   ? -19.670 -5.386  -26.256 1.00 27.20 ? 8    LEU A CD1 1 
ATOM   71   C  CD2 . LEU A 1 8   ? -18.004 -4.533  -27.919 1.00 27.31 ? 8    LEU A CD2 1 
ATOM   72   N  N   . LEU A 1 9   ? -17.030 -4.326  -22.788 1.00 20.13 ? 9    LEU A N   1 
ATOM   73   C  CA  . LEU A 1 9   ? -15.866 -4.320  -21.909 1.00 19.41 ? 9    LEU A CA  1 
ATOM   74   C  C   . LEU A 1 9   ? -14.811 -5.221  -22.540 1.00 19.77 ? 9    LEU A C   1 
ATOM   75   O  O   . LEU A 1 9   ? -15.027 -6.423  -22.651 1.00 20.32 ? 9    LEU A O   1 
ATOM   76   C  CB  . LEU A 1 9   ? -16.231 -4.861  -20.526 1.00 19.92 ? 9    LEU A CB  1 
ATOM   77   C  CG  . LEU A 1 9   ? -15.128 -4.855  -19.459 1.00 19.74 ? 9    LEU A CG  1 
ATOM   78   C  CD1 . LEU A 1 9   ? -14.996 -3.444  -18.913 1.00 19.96 ? 9    LEU A CD1 1 
ATOM   79   C  CD2 . LEU A 1 9   ? -15.474 -5.810  -18.307 1.00 21.82 ? 9    LEU A CD2 1 
ATOM   80   N  N   . GLU A 1 10  ? -13.688 -4.634  -22.952 1.00 19.37 ? 10   GLU A N   1 
ATOM   81   C  CA  . GLU A 1 10  ? -12.601 -5.384  -23.575 1.00 20.06 ? 10   GLU A CA  1 
ATOM   82   C  C   . GLU A 1 10  ? -11.399 -5.524  -22.638 1.00 20.96 ? 10   GLU A C   1 
ATOM   83   O  O   . GLU A 1 10  ? -10.991 -4.556  -21.977 1.00 21.18 ? 10   GLU A O   1 
ATOM   84   C  CB  . GLU A 1 10  ? -12.149 -4.674  -24.853 1.00 19.84 ? 10   GLU A CB  1 
ATOM   85   C  CG  . GLU A 1 10  ? -10.954 -5.316  -25.542 1.00 22.46 ? 10   GLU A CG  1 
ATOM   86   C  CD  . GLU A 1 10  ? -10.585 -4.606  -26.818 1.00 24.09 ? 10   GLU A CD  1 
ATOM   87   O  OE1 . GLU A 1 10  ? -11.462 -3.903  -27.375 1.00 26.87 ? 10   GLU A OE1 1 
ATOM   88   O  OE2 . GLU A 1 10  ? -9.431  -4.753  -27.277 1.00 24.77 ? 10   GLU A OE2 1 
ATOM   89   N  N   . GLU A 1 11  ? -10.833 -6.729  -22.572 1.00 20.58 ? 11   GLU A N   1 
ATOM   90   C  CA  . GLU A 1 11  ? -9.653  -6.946  -21.745 1.00 22.56 ? 11   GLU A CA  1 
ATOM   91   C  C   . GLU A 1 11  ? -8.441  -6.597  -22.592 1.00 23.39 ? 11   GLU A C   1 
ATOM   92   O  O   . GLU A 1 11  ? -8.219  -7.201  -23.639 1.00 23.03 ? 11   GLU A O   1 
ATOM   93   C  CB  . GLU A 1 11  ? -9.554  -8.403  -21.277 1.00 23.68 ? 11   GLU A CB  1 
ATOM   94   C  CG  . GLU A 1 11  ? -8.170  -8.748  -20.733 1.00 27.12 ? 11   GLU A CG  1 
ATOM   95   C  CD  . GLU A 1 11  ? -8.163  -9.955  -19.824 1.00 28.98 ? 11   GLU A CD  1 
ATOM   96   O  OE1 . GLU A 1 11  ? -8.427  -9.781  -18.605 1.00 28.76 ? 11   GLU A OE1 1 
ATOM   97   O  OE2 . GLU A 1 11  ? -7.898  -11.074 -20.336 1.00 29.91 ? 11   GLU A OE2 1 
ATOM   98   N  N   . ILE A 1 12  ? -7.645  -5.631  -22.130 1.00 24.81 ? 12   ILE A N   1 
ATOM   99   C  CA  . ILE A 1 12  ? -6.466  -5.175  -22.863 1.00 27.07 ? 12   ILE A CA  1 
ATOM   100  C  C   . ILE A 1 12  ? -5.195  -5.905  -22.460 1.00 27.75 ? 12   ILE A C   1 
ATOM   101  O  O   . ILE A 1 12  ? -4.252  -6.021  -23.260 1.00 28.05 ? 12   ILE A O   1 
ATOM   102  C  CB  . ILE A 1 12  ? -6.246  -3.663  -22.661 1.00 28.16 ? 12   ILE A CB  1 
ATOM   103  C  CG1 . ILE A 1 12  ? -7.452  -2.895  -23.194 1.00 29.63 ? 12   ILE A CG1 1 
ATOM   104  C  CG2 . ILE A 1 12  ? -4.977  -3.225  -23.362 1.00 30.39 ? 12   ILE A CG2 1 
ATOM   105  C  CD1 . ILE A 1 12  ? -7.721  -3.126  -24.659 1.00 29.03 ? 12   ILE A CD1 1 
ATOM   106  N  N   . LEU A 1 13  ? -5.184  -6.390  -21.225 1.00 28.20 ? 13   LEU A N   1 
ATOM   107  C  CA  . LEU A 1 13  ? -4.056  -7.129  -20.681 1.00 30.36 ? 13   LEU A CA  1 
ATOM   108  C  C   . LEU A 1 13  ? -4.578  -7.884  -19.459 1.00 31.19 ? 13   LEU A C   1 
ATOM   109  O  O   . LEU A 1 13  ? -5.506  -7.433  -18.801 1.00 30.37 ? 13   LEU A O   1 
ATOM   110  C  CB  . LEU A 1 13  ? -2.939  -6.160  -20.273 1.00 31.28 ? 13   LEU A CB  1 
ATOM   111  C  CG  . LEU A 1 13  ? -1.531  -6.760  -20.176 1.00 31.47 ? 13   LEU A CG  1 
ATOM   112  C  CD1 . LEU A 1 13  ? -1.083  -7.213  -21.569 1.00 32.05 ? 13   LEU A CD1 1 
ATOM   113  C  CD2 . LEU A 1 13  ? -0.567  -5.723  -19.625 1.00 32.06 ? 13   LEU A CD2 1 
ATOM   114  N  N   . SER A 1 14  ? -4.002  -9.051  -19.176 1.00 32.72 ? 14   SER A N   1 
ATOM   115  C  CA  . SER A 1 14  ? -4.416  -9.851  -18.025 1.00 34.16 ? 14   SER A CA  1 
ATOM   116  C  C   . SER A 1 14  ? -3.252  -10.060 -17.060 1.00 35.33 ? 14   SER A C   1 
ATOM   117  O  O   . SER A 1 14  ? -3.457  -10.239 -15.856 1.00 35.93 ? 14   SER A O   1 
ATOM   118  C  CB  . SER A 1 14  ? -4.956  -11.209 -18.493 1.00 34.91 ? 14   SER A CB  1 
ATOM   119  O  OG  . SER A 1 14  ? -4.111  -11.779 -19.480 1.00 36.06 ? 14   SER A OG  1 
ATOM   120  N  N   . GLU A 1 15  ? -2.037  -10.047 -17.605 1.00 36.36 ? 15   GLU A N   1 
ATOM   121  C  CA  . GLU A 1 15  ? -0.815  -10.215 -16.815 1.00 37.58 ? 15   GLU A CA  1 
ATOM   122  C  C   . GLU A 1 15  ? 0.296   -9.380  -17.458 1.00 37.17 ? 15   GLU A C   1 
ATOM   123  O  O   . GLU A 1 15  ? 0.362   -9.260  -18.683 1.00 37.53 ? 15   GLU A O   1 
ATOM   124  C  CB  . GLU A 1 15  ? -0.389  -11.692 -16.775 1.00 39.41 ? 15   GLU A CB  1 
ATOM   125  C  CG  . GLU A 1 15  ? 0.128   -12.246 -18.107 1.00 42.08 ? 15   GLU A CG  1 
ATOM   126  C  CD  . GLU A 1 15  ? -0.926  -13.022 -18.883 1.00 43.72 ? 15   GLU A CD  1 
ATOM   127  O  OE1 . GLU A 1 15  ? -0.654  -13.403 -20.045 1.00 44.80 ? 15   GLU A OE1 1 
ATOM   128  O  OE2 . GLU A 1 15  ? -2.021  -13.259 -18.330 1.00 44.79 ? 15   GLU A OE2 1 
ATOM   129  N  N   . PRO A 1 16  ? 1.202   -8.812  -16.645 1.00 36.49 ? 16   PRO A N   1 
ATOM   130  C  CA  . PRO A 1 16  ? 1.275   -8.890  -15.180 1.00 35.68 ? 16   PRO A CA  1 
ATOM   131  C  C   . PRO A 1 16  ? 0.133   -8.208  -14.433 1.00 34.31 ? 16   PRO A C   1 
ATOM   132  O  O   . PRO A 1 16  ? -0.074  -8.458  -13.249 1.00 34.11 ? 16   PRO A O   1 
ATOM   133  C  CB  . PRO A 1 16  ? 2.638   -8.266  -14.866 1.00 36.13 ? 16   PRO A CB  1 
ATOM   134  C  CG  . PRO A 1 16  ? 2.824   -7.277  -15.975 1.00 36.38 ? 16   PRO A CG  1 
ATOM   135  C  CD  . PRO A 1 16  ? 2.343   -8.052  -17.186 1.00 36.48 ? 16   PRO A CD  1 
ATOM   136  N  N   . VAL A 1 17  ? -0.608  -7.353  -15.129 1.00 32.91 ? 17   VAL A N   1 
ATOM   137  C  CA  . VAL A 1 17  ? -1.733  -6.649  -14.527 1.00 30.87 ? 17   VAL A CA  1 
ATOM   138  C  C   . VAL A 1 17  ? -2.929  -6.670  -15.483 1.00 30.11 ? 17   VAL A C   1 
ATOM   139  O  O   . VAL A 1 17  ? -2.747  -6.587  -16.706 1.00 30.80 ? 17   VAL A O   1 
ATOM   140  C  CB  . VAL A 1 17  ? -1.374  -5.171  -14.224 1.00 30.83 ? 17   VAL A CB  1 
ATOM   141  C  CG1 . VAL A 1 17  ? -0.950  -4.456  -15.499 1.00 30.11 ? 17   VAL A CG1 1 
ATOM   142  C  CG2 . VAL A 1 17  ? -2.568  -4.463  -13.607 1.00 30.36 ? 17   VAL A CG2 1 
ATOM   143  N  N   . ARG A 1 18  ? -4.136  -6.786  -14.933 1.00 28.16 ? 18   ARG A N   1 
ATOM   144  C  CA  . ARG A 1 18  ? -5.339  -6.794  -15.767 1.00 26.87 ? 18   ARG A CA  1 
ATOM   145  C  C   . ARG A 1 18  ? -5.731  -5.362  -16.084 1.00 25.57 ? 18   ARG A C   1 
ATOM   146  O  O   . ARG A 1 18  ? -5.812  -4.529  -15.187 1.00 25.83 ? 18   ARG A O   1 
ATOM   147  C  CB  . ARG A 1 18  ? -6.524  -7.452  -15.058 1.00 26.83 ? 18   ARG A CB  1 
ATOM   148  C  CG  . ARG A 1 18  ? -7.781  -7.554  -15.958 1.00 28.07 ? 18   ARG A CG  1 
ATOM   149  C  CD  . ARG A 1 18  ? -9.030  -8.017  -15.206 1.00 28.29 ? 18   ARG A CD  1 
ATOM   150  N  NE  . ARG A 1 18  ? -10.223 -8.051  -16.058 1.00 29.70 ? 18   ARG A NE  1 
ATOM   151  C  CZ  . ARG A 1 18  ? -11.472 -8.143  -15.605 1.00 29.00 ? 18   ARG A CZ  1 
ATOM   152  N  NH1 . ARG A 1 18  ? -11.707 -8.215  -14.306 1.00 30.77 ? 18   ARG A NH1 1 
ATOM   153  N  NH2 . ARG A 1 18  ? -12.494 -8.144  -16.448 1.00 30.23 ? 18   ARG A NH2 1 
ATOM   154  N  N   . LEU A 1 19  ? -5.969  -5.074  -17.358 1.00 23.58 ? 19   LEU A N   1 
ATOM   155  C  CA  . LEU A 1 19  ? -6.371  -3.727  -17.748 1.00 21.08 ? 19   LEU A CA  1 
ATOM   156  C  C   . LEU A 1 19  ? -7.529  -3.871  -18.720 1.00 20.65 ? 19   LEU A C   1 
ATOM   157  O  O   . LEU A 1 19  ? -7.521  -4.764  -19.557 1.00 19.63 ? 19   LEU A O   1 
ATOM   158  C  CB  . LEU A 1 19  ? -5.211  -3.003  -18.423 1.00 21.65 ? 19   LEU A CB  1 
ATOM   159  C  CG  . LEU A 1 19  ? -4.048  -2.699  -17.473 1.00 22.21 ? 19   LEU A CG  1 
ATOM   160  C  CD1 . LEU A 1 19  ? -2.898  -2.073  -18.266 1.00 22.15 ? 19   LEU A CD1 1 
ATOM   161  C  CD2 . LEU A 1 19  ? -4.523  -1.785  -16.355 1.00 23.49 ? 19   LEU A CD2 1 
ATOM   162  N  N   . VAL A 1 20  ? -8.527  -3.008  -18.611 1.00 18.54 ? 20   VAL A N   1 
ATOM   163  C  CA  . VAL A 1 20  ? -9.673  -3.097  -19.514 1.00 17.57 ? 20   VAL A CA  1 
ATOM   164  C  C   . VAL A 1 20  ? -9.949  -1.774  -20.190 1.00 17.78 ? 20   VAL A C   1 
ATOM   165  O  O   . VAL A 1 20  ? -9.545  -0.712  -19.709 1.00 16.55 ? 20   VAL A O   1 
ATOM   166  C  CB  . VAL A 1 20  ? -10.962 -3.535  -18.779 1.00 16.79 ? 20   VAL A CB  1 
ATOM   167  C  CG1 . VAL A 1 20  ? -10.768 -4.904  -18.172 1.00 17.94 ? 20   VAL A CG1 1 
ATOM   168  C  CG2 . VAL A 1 20  ? -11.346 -2.510  -17.704 1.00 16.81 ? 20   VAL A CG2 1 
ATOM   169  N  N   . LYS A 1 21  ? -10.603 -1.862  -21.338 1.00 17.43 ? 21   LYS A N   1 
ATOM   170  C  CA  . LYS A 1 21  ? -10.986 -0.701  -22.104 1.00 17.36 ? 21   LYS A CA  1 
ATOM   171  C  C   . LYS A 1 21  ? -12.493 -0.846  -22.226 1.00 17.49 ? 21   LYS A C   1 
ATOM   172  O  O   . LYS A 1 21  ? -12.986 -1.747  -22.920 1.00 16.73 ? 21   LYS A O   1 
ATOM   173  C  CB  . LYS A 1 21  ? -10.313 -0.729  -23.475 1.00 19.50 ? 21   LYS A CB  1 
ATOM   174  C  CG  . LYS A 1 21  ? -10.660 0.463   -24.347 1.00 21.66 ? 21   LYS A CG  1 
ATOM   175  C  CD  . LYS A 1 21  ? -9.870  0.446   -25.646 1.00 24.71 ? 21   LYS A CD  1 
ATOM   176  C  CE  . LYS A 1 21  ? -10.200 -0.767  -26.473 1.00 25.95 ? 21   LYS A CE  1 
ATOM   177  N  NZ  . LYS A 1 21  ? -9.401  -0.803  -27.730 1.00 28.87 ? 21   LYS A NZ  1 
ATOM   178  N  N   . GLU A 1 22  ? -13.238 0.028   -21.549 1.00 16.22 ? 22   GLU A N   1 
ATOM   179  C  CA  . GLU A 1 22  ? -14.689 -0.085  -21.569 1.00 15.98 ? 22   GLU A CA  1 
ATOM   180  C  C   . GLU A 1 22  ? -15.380 1.006   -22.350 1.00 16.80 ? 22   GLU A C   1 
ATOM   181  O  O   . GLU A 1 22  ? -15.119 2.188   -22.140 1.00 16.49 ? 22   GLU A O   1 
ATOM   182  C  CB  . GLU A 1 22  ? -15.237 -0.062  -20.131 1.00 15.22 ? 22   GLU A CB  1 
ATOM   183  C  CG  . GLU A 1 22  ? -16.722 -0.416  -20.034 1.00 15.17 ? 22   GLU A CG  1 
ATOM   184  C  CD  . GLU A 1 22  ? -17.267 -0.419  -18.615 1.00 16.56 ? 22   GLU A CD  1 
ATOM   185  O  OE1 . GLU A 1 22  ? -18.441 -0.808  -18.441 1.00 16.52 ? 22   GLU A OE1 1 
ATOM   186  O  OE2 . GLU A 1 22  ? -16.548 -0.032  -17.659 1.00 15.00 ? 22   GLU A OE2 1 
ATOM   187  N  N   . ARG A 1 23  ? -16.270 0.611   -23.254 1.00 17.36 ? 23   ARG A N   1 
ATOM   188  C  CA  . ARG A 1 23  ? -17.045 1.591   -23.999 1.00 18.46 ? 23   ARG A CA  1 
ATOM   189  C  C   . ARG A 1 23  ? -18.320 1.722   -23.167 1.00 17.74 ? 23   ARG A C   1 
ATOM   190  O  O   . ARG A 1 23  ? -18.969 0.733   -22.861 1.00 17.15 ? 23   ARG A O   1 
ATOM   191  C  CB  . ARG A 1 23  ? -17.373 1.058   -25.401 1.00 20.56 ? 23   ARG A CB  1 
ATOM   192  C  CG  . ARG A 1 23  ? -17.978 2.071   -26.355 1.00 24.28 ? 23   ARG A CG  1 
ATOM   193  C  CD  . ARG A 1 23  ? -17.004 3.200   -26.685 1.00 26.55 ? 23   ARG A CD  1 
ATOM   194  N  NE  . ARG A 1 23  ? -17.516 4.058   -27.755 1.00 29.27 ? 23   ARG A NE  1 
ATOM   195  C  CZ  . ARG A 1 23  ? -16.919 5.167   -28.181 1.00 29.50 ? 23   ARG A CZ  1 
ATOM   196  N  NH1 . ARG A 1 23  ? -15.781 5.571   -27.633 1.00 29.82 ? 23   ARG A NH1 1 
ATOM   197  N  NH2 . ARG A 1 23  ? -17.465 5.875   -29.160 1.00 31.20 ? 23   ARG A NH2 1 
ATOM   198  N  N   . VAL A 1 24  ? -18.666 2.942   -22.776 1.00 17.61 ? 24   VAL A N   1 
ATOM   199  C  CA  . VAL A 1 24  ? -19.869 3.145   -21.981 1.00 18.79 ? 24   VAL A CA  1 
ATOM   200  C  C   . VAL A 1 24  ? -20.689 4.296   -22.542 1.00 19.77 ? 24   VAL A C   1 
ATOM   201  O  O   . VAL A 1 24  ? -20.204 5.093   -23.356 1.00 19.77 ? 24   VAL A O   1 
ATOM   202  C  CB  . VAL A 1 24  ? -19.536 3.520   -20.511 1.00 19.13 ? 24   VAL A CB  1 
ATOM   203  C  CG1 . VAL A 1 24  ? -18.619 2.477   -19.886 1.00 18.63 ? 24   VAL A CG1 1 
ATOM   204  C  CG2 . VAL A 1 24  ? -18.889 4.888   -20.458 1.00 19.51 ? 24   VAL A CG2 1 
ATOM   205  N  N   . ARG A 1 25  ? -21.937 4.379   -22.098 1.00 19.81 ? 25   ARG A N   1 
ATOM   206  C  CA  . ARG A 1 25  ? -22.796 5.489   -22.493 1.00 21.18 ? 25   ARG A CA  1 
ATOM   207  C  C   . ARG A 1 25  ? -22.861 6.286   -21.195 1.00 20.25 ? 25   ARG A C   1 
ATOM   208  O  O   . ARG A 1 25  ? -23.246 5.755   -20.153 1.00 19.65 ? 25   ARG A O   1 
ATOM   209  C  CB  . ARG A 1 25  ? -24.178 4.999   -22.911 1.00 23.12 ? 25   ARG A CB  1 
ATOM   210  C  CG  . ARG A 1 25  ? -25.062 6.114   -23.451 1.00 27.58 ? 25   ARG A CG  1 
ATOM   211  C  CD  . ARG A 1 25  ? -26.240 5.548   -24.253 1.00 30.62 ? 25   ARG A CD  1 
ATOM   212  N  NE  . ARG A 1 25  ? -25.775 4.838   -25.445 1.00 33.68 ? 25   ARG A NE  1 
ATOM   213  C  CZ  . ARG A 1 25  ? -25.351 5.431   -26.562 1.00 35.26 ? 25   ARG A CZ  1 
ATOM   214  N  NH1 . ARG A 1 25  ? -25.337 6.759   -26.659 1.00 35.57 ? 25   ARG A NH1 1 
ATOM   215  N  NH2 . ARG A 1 25  ? -24.922 4.696   -27.585 1.00 36.12 ? 25   ARG A NH2 1 
ATOM   216  N  N   . THR A 1 26  ? -22.448 7.545   -21.262 1.00 20.65 ? 26   THR A N   1 
ATOM   217  C  CA  . THR A 1 26  ? -22.386 8.404   -20.085 1.00 20.82 ? 26   THR A CA  1 
ATOM   218  C  C   . THR A 1 26  ? -23.683 9.106   -19.715 1.00 21.59 ? 26   THR A C   1 
ATOM   219  O  O   . THR A 1 26  ? -24.734 8.887   -20.323 1.00 21.67 ? 26   THR A O   1 
ATOM   220  C  CB  . THR A 1 26  ? -21.322 9.495   -20.273 1.00 20.48 ? 26   THR A CB  1 
ATOM   221  O  OG1 . THR A 1 26  ? -21.792 10.433  -21.252 1.00 21.45 ? 26   THR A OG1 1 
ATOM   222  C  CG2 . THR A 1 26  ? -20.007 8.892   -20.758 1.00 20.32 ? 26   THR A CG2 1 
ATOM   223  N  N   . HIS A 1 27  ? -23.576 9.968   -18.708 1.00 21.89 ? 27   HIS A N   1 
ATOM   224  C  CA  . HIS A 1 27  ? -24.695 10.760  -18.210 1.00 23.58 ? 27   HIS A CA  1 
ATOM   225  C  C   . HIS A 1 27  ? -25.210 11.733  -19.265 1.00 24.61 ? 27   HIS A C   1 
ATOM   226  O  O   . HIS A 1 27  ? -26.288 12.303  -19.106 1.00 25.93 ? 27   HIS A O   1 
ATOM   227  C  CB  . HIS A 1 27  ? -24.251 11.548  -16.975 1.00 22.64 ? 27   HIS A CB  1 
ATOM   228  C  CG  . HIS A 1 27  ? -22.935 12.239  -17.154 1.00 22.39 ? 27   HIS A CG  1 
ATOM   229  N  ND1 . HIS A 1 27  ? -22.826 13.584  -17.445 1.00 22.47 ? 27   HIS A ND1 1 
ATOM   230  C  CD2 . HIS A 1 27  ? -21.672 11.751  -17.143 1.00 20.88 ? 27   HIS A CD2 1 
ATOM   231  C  CE1 . HIS A 1 27  ? -21.549 13.893  -17.605 1.00 22.49 ? 27   HIS A CE1 1 
ATOM   232  N  NE2 . HIS A 1 27  ? -20.830 12.800  -17.428 1.00 23.12 ? 27   HIS A NE2 1 
ATOM   233  N  N   . THR A 1 28  ? -24.441 11.941  -20.329 1.00 25.43 ? 28   THR A N   1 
ATOM   234  C  CA  . THR A 1 28  ? -24.862 12.866  -21.383 1.00 25.83 ? 28   THR A CA  1 
ATOM   235  C  C   . THR A 1 28  ? -25.498 12.116  -22.551 1.00 26.62 ? 28   THR A C   1 
ATOM   236  O  O   . THR A 1 28  ? -25.967 12.726  -23.518 1.00 26.51 ? 28   THR A O   1 
ATOM   237  C  CB  . THR A 1 28  ? -23.671 13.681  -21.918 1.00 26.17 ? 28   THR A CB  1 
ATOM   238  O  OG1 . THR A 1 28  ? -22.846 12.842  -22.734 1.00 25.80 ? 28   THR A OG1 1 
ATOM   239  C  CG2 . THR A 1 28  ? -22.833 14.225  -20.769 1.00 26.52 ? 28   THR A CG2 1 
ATOM   240  N  N   . GLY A 1 29  ? -25.504 10.789  -22.463 1.00 26.79 ? 29   GLY A N   1 
ATOM   241  C  CA  . GLY A 1 29  ? -26.078 9.972   -23.514 1.00 26.85 ? 29   GLY A CA  1 
ATOM   242  C  C   . GLY A 1 29  ? -25.079 9.708   -24.622 1.00 27.38 ? 29   GLY A C   1 
ATOM   243  O  O   . GLY A 1 29  ? -25.390 9.006   -25.577 1.00 28.05 ? 29   GLY A O   1 
ATOM   244  N  N   . ARG A 1 30  ? -23.886 10.282  -24.505 1.00 26.68 ? 30   ARG A N   1 
ATOM   245  C  CA  . ARG A 1 30  ? -22.836 10.086  -25.500 1.00 27.18 ? 30   ARG A CA  1 
ATOM   246  C  C   . ARG A 1 30  ? -21.959 8.909   -25.096 1.00 26.38 ? 30   ARG A C   1 
ATOM   247  O  O   . ARG A 1 30  ? -21.986 8.465   -23.947 1.00 26.02 ? 30   ARG A O   1 
ATOM   248  C  CB  . ARG A 1 30  ? -21.975 11.345  -25.624 1.00 29.09 ? 30   ARG A CB  1 
ATOM   249  C  CG  . ARG A 1 30  ? -22.585 12.445  -26.493 1.00 32.74 ? 30   ARG A CG  1 
ATOM   250  C  CD  . ARG A 1 30  ? -21.916 13.795  -26.227 1.00 35.62 ? 30   ARG A CD  1 
ATOM   251  N  NE  . ARG A 1 30  ? -22.619 14.529  -25.173 1.00 37.79 ? 30   ARG A NE  1 
ATOM   252  C  CZ  . ARG A 1 30  ? -22.147 15.605  -24.553 1.00 38.71 ? 30   ARG A CZ  1 
ATOM   253  N  NH1 . ARG A 1 30  ? -22.877 16.196  -23.615 1.00 39.75 ? 30   ARG A NH1 1 
ATOM   254  N  NH2 . ARG A 1 30  ? -20.950 16.084  -24.855 1.00 39.69 ? 30   ARG A NH2 1 
ATOM   255  N  N   . GLU A 1 31  ? -21.169 8.413   -26.037 1.00 25.61 ? 31   GLU A N   1 
ATOM   256  C  CA  . GLU A 1 31  ? -20.293 7.283   -25.740 1.00 24.75 ? 31   GLU A CA  1 
ATOM   257  C  C   . GLU A 1 31  ? -18.909 7.769   -25.347 1.00 23.38 ? 31   GLU A C   1 
ATOM   258  O  O   . GLU A 1 31  ? -18.434 8.811   -25.801 1.00 22.22 ? 31   GLU A O   1 
ATOM   259  C  CB  . GLU A 1 31  ? -20.197 6.335   -26.943 1.00 26.38 ? 31   GLU A CB  1 
ATOM   260  C  CG  . GLU A 1 31  ? -21.531 5.662   -27.288 1.00 28.40 ? 31   GLU A CG  1 
ATOM   261  C  CD  . GLU A 1 31  ? -21.409 4.532   -28.314 1.00 30.09 ? 31   GLU A CD  1 
ATOM   262  O  OE1 . GLU A 1 31  ? -22.469 4.033   -28.757 1.00 30.96 ? 31   GLU A OE1 1 
ATOM   263  O  OE2 . GLU A 1 31  ? -20.274 4.140   -28.669 1.00 29.88 ? 31   GLU A OE2 1 
ATOM   264  N  N   . LEU A 1 32  ? -18.263 6.993   -24.489 1.00 21.58 ? 32   LEU A N   1 
ATOM   265  C  CA  . LEU A 1 32  ? -16.937 7.331   -24.015 1.00 21.07 ? 32   LEU A CA  1 
ATOM   266  C  C   . LEU A 1 32  ? -16.179 6.031   -23.826 1.00 19.45 ? 32   LEU A C   1 
ATOM   267  O  O   . LEU A 1 32  ? -16.773 5.024   -23.461 1.00 18.56 ? 32   LEU A O   1 
ATOM   268  C  CB  . LEU A 1 32  ? -17.058 8.049   -22.657 1.00 22.30 ? 32   LEU A CB  1 
ATOM   269  C  CG  . LEU A 1 32  ? -15.830 8.442   -21.835 1.00 23.96 ? 32   LEU A CG  1 
ATOM   270  C  CD1 . LEU A 1 32  ? -16.225 9.552   -20.874 1.00 24.88 ? 32   LEU A CD1 1 
ATOM   271  C  CD2 . LEU A 1 32  ? -15.282 7.263   -21.071 1.00 24.09 ? 32   LEU A CD2 1 
ATOM   272  N  N   . THR A 1 33  ? -14.876 6.044   -24.087 1.00 19.38 ? 33   THR A N   1 
ATOM   273  C  CA  . THR A 1 33  ? -14.072 4.843   -23.848 1.00 19.47 ? 33   THR A CA  1 
ATOM   274  C  C   . THR A 1 33  ? -13.275 5.123   -22.573 1.00 18.07 ? 33   THR A C   1 
ATOM   275  O  O   . THR A 1 33  ? -12.600 6.146   -22.484 1.00 18.50 ? 33   THR A O   1 
ATOM   276  C  CB  . THR A 1 33  ? -13.095 4.557   -24.994 1.00 20.97 ? 33   THR A CB  1 
ATOM   277  O  OG1 . THR A 1 33  ? -13.830 4.156   -26.159 1.00 22.68 ? 33   THR A OG1 1 
ATOM   278  C  CG2 . THR A 1 33  ? -12.127 3.437   -24.595 1.00 22.44 ? 33   THR A CG2 1 
ATOM   279  N  N   . TYR A 1 34  ? -13.363 4.225   -21.592 1.00 17.34 ? 34   TYR A N   1 
ATOM   280  C  CA  . TYR A 1 34  ? -12.664 4.416   -20.326 1.00 16.43 ? 34   TYR A CA  1 
ATOM   281  C  C   . TYR A 1 34  ? -11.711 3.246   -20.086 1.00 16.71 ? 34   TYR A C   1 
ATOM   282  O  O   . TYR A 1 34  ? -12.133 2.096   -20.082 1.00 15.17 ? 34   TYR A O   1 
ATOM   283  C  CB  . TYR A 1 34  ? -13.684 4.506   -19.182 1.00 16.26 ? 34   TYR A CB  1 
ATOM   284  C  CG  . TYR A 1 34  ? -13.210 5.323   -17.992 1.00 17.36 ? 34   TYR A CG  1 
ATOM   285  C  CD1 . TYR A 1 34  ? -13.564 6.656   -17.859 1.00 17.27 ? 34   TYR A CD1 1 
ATOM   286  C  CD2 . TYR A 1 34  ? -12.359 4.770   -17.041 1.00 18.84 ? 34   TYR A CD2 1 
ATOM   287  C  CE1 . TYR A 1 34  ? -13.067 7.437   -16.801 1.00 18.03 ? 34   TYR A CE1 1 
ATOM   288  C  CE2 . TYR A 1 34  ? -11.849 5.538   -15.968 1.00 17.13 ? 34   TYR A CE2 1 
ATOM   289  C  CZ  . TYR A 1 34  ? -12.207 6.865   -15.866 1.00 17.93 ? 34   TYR A CZ  1 
ATOM   290  O  OH  . TYR A 1 34  ? -11.671 7.638   -14.856 1.00 16.79 ? 34   TYR A OH  1 
ATOM   291  N  N   . VAL A 1 35  ? -10.429 3.549   -19.885 1.00 16.26 ? 35   VAL A N   1 
ATOM   292  C  CA  . VAL A 1 35  ? -9.415  2.525   -19.645 1.00 16.84 ? 35   VAL A CA  1 
ATOM   293  C  C   . VAL A 1 35  ? -9.045  2.540   -18.171 1.00 16.96 ? 35   VAL A C   1 
ATOM   294  O  O   . VAL A 1 35  ? -8.733  3.594   -17.593 1.00 16.52 ? 35   VAL A O   1 
ATOM   295  C  CB  . VAL A 1 35  ? -8.145  2.771   -20.484 1.00 17.21 ? 35   VAL A CB  1 
ATOM   296  C  CG1 . VAL A 1 35  ? -7.120  1.682   -20.215 1.00 19.13 ? 35   VAL A CG1 1 
ATOM   297  C  CG2 . VAL A 1 35  ? -8.499  2.781   -21.966 1.00 19.45 ? 35   VAL A CG2 1 
ATOM   298  N  N   . TYR A 1 36  ? -9.084  1.369   -17.550 1.00 15.83 ? 36   TYR A N   1 
ATOM   299  C  CA  . TYR A 1 36  ? -8.789  1.282   -16.132 1.00 16.76 ? 36   TYR A CA  1 
ATOM   300  C  C   . TYR A 1 36  ? -8.407  -0.108  -15.681 1.00 17.35 ? 36   TYR A C   1 
ATOM   301  O  O   . TYR A 1 36  ? -8.527  -1.067  -16.441 1.00 16.78 ? 36   TYR A O   1 
ATOM   302  C  CB  . TYR A 1 36  ? -9.994  1.762   -15.308 1.00 15.21 ? 36   TYR A CB  1 
ATOM   303  C  CG  . TYR A 1 36  ? -11.297 0.986   -15.490 1.00 14.92 ? 36   TYR A CG  1 
ATOM   304  C  CD1 . TYR A 1 36  ? -12.081 1.121   -16.654 1.00 13.79 ? 36   TYR A CD1 1 
ATOM   305  C  CD2 . TYR A 1 36  ? -11.760 0.152   -14.478 1.00 14.01 ? 36   TYR A CD2 1 
ATOM   306  C  CE1 . TYR A 1 36  ? -13.296 0.430   -16.777 1.00 14.81 ? 36   TYR A CE1 1 
ATOM   307  C  CE2 . TYR A 1 36  ? -12.966 -0.533  -14.584 1.00 14.81 ? 36   TYR A CE2 1 
ATOM   308  C  CZ  . TYR A 1 36  ? -13.731 -0.391  -15.736 1.00 15.63 ? 36   TYR A CZ  1 
ATOM   309  O  OH  . TYR A 1 36  ? -14.939 -1.052  -15.810 1.00 17.07 ? 36   TYR A OH  1 
ATOM   310  N  N   . ARG A 1 37  ? -7.907  -0.188  -14.445 1.00 17.20 ? 37   ARG A N   1 
ATOM   311  C  CA  . ARG A 1 37  ? -7.545  -1.462  -13.818 1.00 18.95 ? 37   ARG A CA  1 
ATOM   312  C  C   . ARG A 1 37  ? -8.811  -1.771  -13.013 1.00 18.78 ? 37   ARG A C   1 
ATOM   313  O  O   . ARG A 1 37  ? -9.182  -1.057  -12.077 1.00 18.56 ? 37   ARG A O   1 
ATOM   314  C  CB  . ARG A 1 37  ? -6.325  -1.270  -12.915 1.00 19.94 ? 37   ARG A CB  1 
ATOM   315  C  CG  . ARG A 1 37  ? -5.685  -2.557  -12.471 1.00 23.24 ? 37   ARG A CG  1 
ATOM   316  C  CD  . ARG A 1 37  ? -6.122  -2.978  -11.070 1.00 26.48 ? 37   ARG A CD  1 
ATOM   317  N  NE  . ARG A 1 37  ? -5.418  -4.200  -10.684 1.00 28.49 ? 37   ARG A NE  1 
ATOM   318  C  CZ  . ARG A 1 37  ? -5.726  -5.412  -11.145 1.00 30.69 ? 37   ARG A CZ  1 
ATOM   319  N  NH1 . ARG A 1 37  ? -6.736  -5.572  -11.995 1.00 31.35 ? 37   ARG A NH1 1 
ATOM   320  N  NH2 . ARG A 1 37  ? -5.002  -6.465  -10.789 1.00 31.67 ? 37   ARG A NH2 1 
ATOM   321  N  N   . PRO A 1 38  ? -9.533  -2.831  -13.391 1.00 19.89 ? 38   PRO A N   1 
ATOM   322  C  CA  . PRO A 1 38  ? -10.766 -3.186  -12.695 1.00 19.33 ? 38   PRO A CA  1 
ATOM   323  C  C   . PRO A 1 38  ? -10.627 -3.829  -11.322 1.00 20.30 ? 38   PRO A C   1 
ATOM   324  O  O   . PRO A 1 38  ? -9.568  -4.342  -10.971 1.00 20.21 ? 38   PRO A O   1 
ATOM   325  C  CB  . PRO A 1 38  ? -11.440 -4.127  -13.691 1.00 20.60 ? 38   PRO A CB  1 
ATOM   326  C  CG  . PRO A 1 38  ? -10.288 -4.860  -14.216 1.00 20.28 ? 38   PRO A CG  1 
ATOM   327  C  CD  . PRO A 1 38  ? -9.260  -3.784  -14.480 1.00 20.03 ? 38   PRO A CD  1 
ATOM   328  N  N   . GLY A 1 39  ? -11.720 -3.795  -10.570 1.00 20.10 ? 39   GLY A N   1 
ATOM   329  C  CA  . GLY A 1 39  ? -11.753 -4.408  -9.259  1.00 22.08 ? 39   GLY A CA  1 
ATOM   330  C  C   . GLY A 1 39  ? -12.518 -5.727  -9.318  1.00 23.90 ? 39   GLY A C   1 
ATOM   331  O  O   . GLY A 1 39  ? -12.944 -6.149  -10.403 1.00 23.48 ? 39   GLY A O   1 
ATOM   332  N  N   . PRO A 1 40  ? -12.699 -6.401  -8.168  1.00 24.18 ? 40   PRO A N   1 
ATOM   333  C  CA  . PRO A 1 40  ? -12.175 -5.880  -6.905  1.00 24.29 ? 40   PRO A CA  1 
ATOM   334  C  C   . PRO A 1 40  ? -10.737 -6.347  -6.733  1.00 23.54 ? 40   PRO A C   1 
ATOM   335  O  O   . PRO A 1 40  ? -10.407 -7.503  -7.007  1.00 23.70 ? 40   PRO A O   1 
ATOM   336  C  CB  . PRO A 1 40  ? -13.119 -6.475  -5.843  1.00 24.93 ? 40   PRO A CB  1 
ATOM   337  C  CG  . PRO A 1 40  ? -14.142 -7.340  -6.643  1.00 25.98 ? 40   PRO A CG  1 
ATOM   338  C  CD  . PRO A 1 40  ? -13.449 -7.647  -7.940  1.00 25.57 ? 40   PRO A CD  1 
ATOM   339  N  N   . VAL A 1 41  ? -9.868  -5.437  -6.302  1.00 21.84 ? 41   VAL A N   1 
ATOM   340  C  CA  . VAL A 1 41  ? -8.466  -5.750  -6.074  1.00 19.61 ? 41   VAL A CA  1 
ATOM   341  C  C   . VAL A 1 41  ? -8.028  -4.882  -4.884  1.00 18.50 ? 41   VAL A C   1 
ATOM   342  O  O   . VAL A 1 41  ? -8.607  -3.821  -4.618  1.00 16.92 ? 41   VAL A O   1 
ATOM   343  C  CB  . VAL A 1 41  ? -7.611  -5.457  -7.345  1.00 20.88 ? 41   VAL A CB  1 
ATOM   344  C  CG1 . VAL A 1 41  ? -7.844  -4.028  -7.820  1.00 20.90 ? 41   VAL A CG1 1 
ATOM   345  C  CG2 . VAL A 1 41  ? -6.137  -5.728  -7.076  1.00 22.08 ? 41   VAL A CG2 1 
ATOM   346  N  N   . ALA A 1 42  ? -7.019  -5.343  -4.153  1.00 16.79 ? 42   ALA A N   1 
ATOM   347  C  CA  . ALA A 1 42  ? -6.575  -4.604  -2.981  1.00 15.87 ? 42   ALA A CA  1 
ATOM   348  C  C   . ALA A 1 42  ? -5.132  -4.900  -2.626  1.00 15.54 ? 42   ALA A C   1 
ATOM   349  O  O   . ALA A 1 42  ? -4.513  -5.814  -3.168  1.00 16.37 ? 42   ALA A O   1 
ATOM   350  C  CB  . ALA A 1 42  ? -7.465  -4.950  -1.795  1.00 15.76 ? 42   ALA A CB  1 
ATOM   351  N  N   . ALA A 1 43  ? -4.602  -4.080  -1.724  1.00 14.03 ? 43   ALA A N   1 
ATOM   352  C  CA  . ALA A 1 43  ? -3.251  -4.243  -1.218  1.00 13.07 ? 43   ALA A CA  1 
ATOM   353  C  C   . ALA A 1 43  ? -3.250  -3.762  0.237   1.00 11.97 ? 43   ALA A C   1 
ATOM   354  O  O   . ALA A 1 43  ? -4.097  -2.962  0.634   1.00 12.71 ? 43   ALA A O   1 
ATOM   355  C  CB  . ALA A 1 43  ? -2.275  -3.424  -2.031  1.00 12.68 ? 43   ALA A CB  1 
ATOM   356  N  N   . SER A 1 44  ? -2.324  -4.288  1.034   1.00 11.78 ? 44   SER A N   1 
ATOM   357  C  CA  . SER A 1 44  ? -2.193  -3.875  2.422   1.00 10.64 ? 44   SER A CA  1 
ATOM   358  C  C   . SER A 1 44  ? -0.854  -3.182  2.603   1.00 9.79  ? 44   SER A C   1 
ATOM   359  O  O   . SER A 1 44  ? 0.126   -3.546  1.957   1.00 10.80 ? 44   SER A O   1 
ATOM   360  C  CB  . SER A 1 44  ? -2.257  -5.082  3.357   1.00 12.76 ? 44   SER A CB  1 
ATOM   361  O  OG  . SER A 1 44  ? -3.547  -5.659  3.290   1.00 12.94 ? 44   SER A OG  1 
ATOM   362  N  N   . PHE A 1 45  ? -0.833  -2.189  3.488   1.00 9.36  ? 45   PHE A N   1 
ATOM   363  C  CA  . PHE A 1 45  ? 0.337   -1.390  3.827   1.00 9.10  ? 45   PHE A CA  1 
ATOM   364  C  C   . PHE A 1 45  ? 0.472   -1.496  5.341   1.00 10.05 ? 45   PHE A C   1 
ATOM   365  O  O   . PHE A 1 45  ? -0.532  -1.421  6.062   1.00 11.00 ? 45   PHE A O   1 
ATOM   366  C  CB  . PHE A 1 45  ? 0.112   0.073   3.421   1.00 10.56 ? 45   PHE A CB  1 
ATOM   367  C  CG  . PHE A 1 45  ? 0.309   0.313   1.960   1.00 11.48 ? 45   PHE A CG  1 
ATOM   368  C  CD1 . PHE A 1 45  ? -0.605  -0.177  1.024   1.00 11.89 ? 45   PHE A CD1 1 
ATOM   369  C  CD2 . PHE A 1 45  ? 1.443   0.971   1.516   1.00 11.50 ? 45   PHE A CD2 1 
ATOM   370  C  CE1 . PHE A 1 45  ? -0.367  -0.009  -0.346  1.00 12.41 ? 45   PHE A CE1 1 
ATOM   371  C  CE2 . PHE A 1 45  ? 1.686   1.140   0.150   1.00 12.28 ? 45   PHE A CE2 1 
ATOM   372  C  CZ  . PHE A 1 45  ? 0.775   0.644   -0.776  1.00 11.59 ? 45   PHE A CZ  1 
ATOM   373  N  N   . VAL A 1 46  ? 1.684   -1.678  5.842   1.00 9.65  ? 46   VAL A N   1 
ATOM   374  C  CA  . VAL A 1 46  ? 1.828   -1.822  7.281   1.00 10.97 ? 46   VAL A CA  1 
ATOM   375  C  C   . VAL A 1 46  ? 3.036   -1.085  7.829   1.00 9.05  ? 46   VAL A C   1 
ATOM   376  O  O   . VAL A 1 46  ? 4.162   -1.305  7.367   1.00 9.05  ? 46   VAL A O   1 
ATOM   377  C  CB  . VAL A 1 46  ? 1.883   -3.337  7.680   1.00 11.27 ? 46   VAL A CB  1 
ATOM   378  C  CG1 . VAL A 1 46  ? 2.980   -4.077  6.893   1.00 12.48 ? 46   VAL A CG1 1 
ATOM   379  C  CG2 . VAL A 1 46  ? 2.112   -3.478  9.181   1.00 12.28 ? 46   VAL A CG2 1 
ATOM   380  N  N   . LEU A 1 47  ? 2.786   -0.172  8.769   1.00 8.83  ? 47   LEU A N   1 
ATOM   381  C  CA  . LEU A 1 47  ? 3.852   0.598   9.416   1.00 9.89  ? 47   LEU A CA  1 
ATOM   382  C  C   . LEU A 1 47  ? 4.260   -0.265  10.615  1.00 10.34 ? 47   LEU A C   1 
ATOM   383  O  O   . LEU A 1 47  ? 3.484   -0.396  11.558  1.00 11.34 ? 47   LEU A O   1 
ATOM   384  C  CB  . LEU A 1 47  ? 3.325   1.951   9.920   1.00 10.32 ? 47   LEU A CB  1 
ATOM   385  C  CG  . LEU A 1 47  ? 4.305   2.709   10.831  1.00 11.10 ? 47   LEU A CG  1 
ATOM   386  C  CD1 . LEU A 1 47  ? 5.582   3.046   10.059  1.00 10.73 ? 47   LEU A CD1 1 
ATOM   387  C  CD2 . LEU A 1 47  ? 3.643   3.989   11.390  1.00 11.59 ? 47   LEU A CD2 1 
ATOM   388  N  N   . PRO A 1 48  ? 5.463   -0.861  10.582  1.00 9.78  ? 48   PRO A N   1 
ATOM   389  C  CA  . PRO A 1 48  ? 5.926   -1.719  11.682  1.00 9.42  ? 48   PRO A CA  1 
ATOM   390  C  C   . PRO A 1 48  ? 6.754   -0.938  12.673  1.00 9.94  ? 48   PRO A C   1 
ATOM   391  O  O   . PRO A 1 48  ? 7.835   -0.467  12.327  1.00 10.09 ? 48   PRO A O   1 
ATOM   392  C  CB  . PRO A 1 48  ? 6.765   -2.792  10.958  1.00 10.04 ? 48   PRO A CB  1 
ATOM   393  C  CG  . PRO A 1 48  ? 6.789   -2.344  9.429   1.00 9.94  ? 48   PRO A CG  1 
ATOM   394  C  CD  . PRO A 1 48  ? 6.462   -0.874  9.503   1.00 9.47  ? 48   PRO A CD  1 
ATOM   395  N  N   . VAL A 1 49  ? 6.276   -0.816  13.916  1.00 10.28 ? 49   VAL A N   1 
ATOM   396  C  CA  . VAL A 1 49  ? 6.998   -0.067  14.919  1.00 11.50 ? 49   VAL A CA  1 
ATOM   397  C  C   . VAL A 1 49  ? 7.487   -1.017  16.005  1.00 12.82 ? 49   VAL A C   1 
ATOM   398  O  O   . VAL A 1 49  ? 6.765   -1.918  16.416  1.00 12.56 ? 49   VAL A O   1 
ATOM   399  C  CB  . VAL A 1 49  ? 6.095   1.005   15.542  1.00 13.03 ? 49   VAL A CB  1 
ATOM   400  C  CG1 . VAL A 1 49  ? 6.823   1.753   16.652  1.00 13.91 ? 49   VAL A CG1 1 
ATOM   401  C  CG2 . VAL A 1 49  ? 5.669   1.980   14.435  1.00 10.41 ? 49   VAL A CG2 1 
ATOM   402  N  N   . THR A 1 50  ? 8.729   -0.807  16.424  1.00 14.29 ? 50   THR A N   1 
ATOM   403  C  CA  . THR A 1 50  ? 9.354   -1.635  17.443  1.00 16.88 ? 50   THR A CA  1 
ATOM   404  C  C   . THR A 1 50  ? 9.042   -1.084  18.815  1.00 18.15 ? 50   THR A C   1 
ATOM   405  O  O   . THR A 1 50  ? 8.461   -0.014  18.963  1.00 17.09 ? 50   THR A O   1 
ATOM   406  C  CB  . THR A 1 50  ? 10.875  -1.650  17.295  1.00 16.06 ? 50   THR A CB  1 
ATOM   407  O  OG1 . THR A 1 50  ? 11.377  -0.341  17.592  1.00 16.24 ? 50   THR A OG1 1 
ATOM   408  C  CG2 . THR A 1 50  ? 11.280  -2.066  15.884  1.00 17.46 ? 50   THR A CG2 1 
ATOM   409  N  N   . GLU A 1 51  ? 9.444   -1.832  19.833  1.00 21.65 ? 51   GLU A N   1 
ATOM   410  C  CA  . GLU A 1 51  ? 9.201   -1.404  21.194  1.00 24.20 ? 51   GLU A CA  1 
ATOM   411  C  C   . GLU A 1 51  ? 10.148  -0.279  21.568  1.00 25.95 ? 51   GLU A C   1 
ATOM   412  O  O   . GLU A 1 51  ? 9.975   0.374   22.603  1.00 27.09 ? 51   GLU A O   1 
ATOM   413  C  CB  . GLU A 1 51  ? 9.342   -2.601  22.135  1.00 25.58 ? 51   GLU A CB  1 
ATOM   414  C  CG  . GLU A 1 51  ? 8.195   -3.594  21.962  1.00 27.73 ? 51   GLU A CG  1 
ATOM   415  C  CD  . GLU A 1 51  ? 8.133   -4.632  23.063  1.00 29.64 ? 51   GLU A CD  1 
ATOM   416  O  OE1 . GLU A 1 51  ? 8.764   -5.699  22.909  1.00 30.38 ? 51   GLU A OE1 1 
ATOM   417  O  OE2 . GLU A 1 51  ? 7.452   -4.363  24.080  1.00 29.88 ? 51   GLU A OE2 1 
ATOM   418  N  N   . ARG A 1 52  ? 11.141  -0.049  20.714  1.00 25.85 ? 52   ARG A N   1 
ATOM   419  C  CA  . ARG A 1 52  ? 12.112  1.012   20.924  1.00 27.22 ? 52   ARG A CA  1 
ATOM   420  C  C   . ARG A 1 52  ? 11.713  2.289   20.185  1.00 27.01 ? 52   ARG A C   1 
ATOM   421  O  O   . ARG A 1 52  ? 12.509  3.216   20.061  1.00 28.71 ? 52   ARG A O   1 
ATOM   422  C  CB  . ARG A 1 52  ? 13.486  0.558   20.458  1.00 28.16 ? 52   ARG A CB  1 
ATOM   423  C  CG  . ARG A 1 52  ? 14.137  -0.460  21.374  1.00 31.18 ? 52   ARG A CG  1 
ATOM   424  C  CD  . ARG A 1 52  ? 14.800  -1.551  20.570  1.00 32.97 ? 52   ARG A CD  1 
ATOM   425  N  NE  . ARG A 1 52  ? 15.642  -0.992  19.520  1.00 35.79 ? 52   ARG A NE  1 
ATOM   426  C  CZ  . ARG A 1 52  ? 15.666  -1.438  18.272  1.00 36.52 ? 52   ARG A CZ  1 
ATOM   427  N  NH1 . ARG A 1 52  ? 14.894  -2.458  17.914  1.00 37.19 ? 52   ARG A NH1 1 
ATOM   428  N  NH2 . ARG A 1 52  ? 16.458  -0.858  17.380  1.00 37.70 ? 52   ARG A NH2 1 
ATOM   429  N  N   . GLY A 1 53  ? 10.483  2.342   19.691  1.00 25.93 ? 53   GLY A N   1 
ATOM   430  C  CA  . GLY A 1 53  ? 10.050  3.547   19.004  1.00 24.02 ? 53   GLY A CA  1 
ATOM   431  C  C   . GLY A 1 53  ? 10.749  3.810   17.682  1.00 22.45 ? 53   GLY A C   1 
ATOM   432  O  O   . GLY A 1 53  ? 11.003  4.967   17.327  1.00 22.91 ? 53   GLY A O   1 
ATOM   433  N  N   . THR A 1 54  ? 11.111  2.743   16.978  1.00 19.98 ? 54   THR A N   1 
ATOM   434  C  CA  . THR A 1 54  ? 11.719  2.881   15.653  1.00 17.04 ? 54   THR A CA  1 
ATOM   435  C  C   . THR A 1 54  ? 10.747  2.193   14.697  1.00 15.41 ? 54   THR A C   1 
ATOM   436  O  O   . THR A 1 54  ? 9.866   1.441   15.127  1.00 13.89 ? 54   THR A O   1 
ATOM   437  C  CB  . THR A 1 54  ? 13.105  2.180   15.513  1.00 17.55 ? 54   THR A CB  1 
ATOM   438  O  OG1 . THR A 1 54  ? 12.967  0.756   15.638  1.00 16.14 ? 54   THR A OG1 1 
ATOM   439  C  CG2 . THR A 1 54  ? 14.095  2.716   16.557  1.00 17.94 ? 54   THR A CG2 1 
ATOM   440  N  N   . ALA A 1 55  ? 10.908  2.460   13.404  1.00 13.85 ? 55   ALA A N   1 
ATOM   441  C  CA  . ALA A 1 55  ? 10.053  1.848   12.384  1.00 12.91 ? 55   ALA A CA  1 
ATOM   442  C  C   . ALA A 1 55  ? 10.906  1.018   11.444  1.00 12.70 ? 55   ALA A C   1 
ATOM   443  O  O   . ALA A 1 55  ? 12.053  1.378   11.160  1.00 13.67 ? 55   ALA A O   1 
ATOM   444  C  CB  . ALA A 1 55  ? 9.328   2.932   11.590  1.00 12.53 ? 55   ALA A CB  1 
ATOM   445  N  N   . LEU A 1 56  ? 10.356  -0.099  10.987  1.00 12.20 ? 56   LEU A N   1 
ATOM   446  C  CA  . LEU A 1 56  ? 11.057  -0.960  10.050  1.00 12.09 ? 56   LEU A CA  1 
ATOM   447  C  C   . LEU A 1 56  ? 10.481  -0.612  8.682   1.00 12.10 ? 56   LEU A C   1 
ATOM   448  O  O   . LEU A 1 56  ? 9.325   -0.934  8.373   1.00 12.37 ? 56   LEU A O   1 
ATOM   449  C  CB  . LEU A 1 56  ? 10.800  -2.425  10.368  1.00 13.55 ? 56   LEU A CB  1 
ATOM   450  C  CG  . LEU A 1 56  ? 11.150  -2.826  11.811  1.00 15.22 ? 56   LEU A CG  1 
ATOM   451  C  CD1 . LEU A 1 56  ? 10.959  -4.320  11.954  1.00 14.25 ? 56   LEU A CD1 1 
ATOM   452  C  CD2 . LEU A 1 56  ? 12.590  -2.438  12.136  1.00 16.22 ? 56   LEU A CD2 1 
ATOM   453  N  N   . LEU A 1 57  ? 11.299  0.037   7.866   1.00 11.46 ? 57   LEU A N   1 
ATOM   454  C  CA  . LEU A 1 57  ? 10.850  0.482   6.548   1.00 11.23 ? 57   LEU A CA  1 
ATOM   455  C  C   . LEU A 1 57  ? 11.642  -0.171  5.440   1.00 10.88 ? 57   LEU A C   1 
ATOM   456  O  O   . LEU A 1 57  ? 12.551  -0.969  5.697   1.00 10.19 ? 57   LEU A O   1 
ATOM   457  C  CB  . LEU A 1 57  ? 10.989  2.002   6.452   1.00 11.24 ? 57   LEU A CB  1 
ATOM   458  C  CG  . LEU A 1 57  ? 10.211  2.772   7.521   1.00 11.70 ? 57   LEU A CG  1 
ATOM   459  C  CD1 . LEU A 1 57  ? 10.584  4.246   7.407   1.00 13.46 ? 57   LEU A CD1 1 
ATOM   460  C  CD2 . LEU A 1 57  ? 8.711   2.548   7.366   1.00 11.29 ? 57   LEU A CD2 1 
ATOM   461  N  N   . VAL A 1 58  ? 11.268  0.128   4.200   1.00 10.49 ? 58   VAL A N   1 
ATOM   462  C  CA  . VAL A 1 58  ? 12.017  -0.418  3.086   1.00 10.19 ? 58   VAL A CA  1 
ATOM   463  C  C   . VAL A 1 58  ? 12.405  0.718   2.138   1.00 10.20 ? 58   VAL A C   1 
ATOM   464  O  O   . VAL A 1 58  ? 11.746  1.756   2.107   1.00 10.34 ? 58   VAL A O   1 
ATOM   465  C  CB  . VAL A 1 58  ? 11.203  -1.502  2.306   1.00 11.03 ? 58   VAL A CB  1 
ATOM   466  C  CG1 . VAL A 1 58  ? 10.884  -2.703  3.248   1.00 12.34 ? 58   VAL A CG1 1 
ATOM   467  C  CG2 . VAL A 1 58  ? 9.926   -0.911  1.724   1.00 12.18 ? 58   VAL A CG2 1 
ATOM   468  N  N   . ARG A 1 59  ? 13.539  0.562   1.448   1.00 10.49 ? 59   ARG A N   1 
ATOM   469  C  CA  . ARG A 1 59  ? 13.961  1.542   0.429   1.00 10.68 ? 59   ARG A CA  1 
ATOM   470  C  C   . ARG A 1 59  ? 13.828  0.673   -0.824  1.00 10.29 ? 59   ARG A C   1 
ATOM   471  O  O   . ARG A 1 59  ? 14.619  -0.258  -1.040  1.00 11.48 ? 59   ARG A O   1 
ATOM   472  C  CB  . ARG A 1 59  ? 15.412  1.967   0.662   1.00 14.14 ? 59   ARG A CB  1 
ATOM   473  C  CG  . ARG A 1 59  ? 16.000  2.754   -0.472  1.00 18.78 ? 59   ARG A CG  1 
ATOM   474  C  CD  . ARG A 1 59  ? 15.372  4.111   -0.592  1.00 22.12 ? 59   ARG A CD  1 
ATOM   475  N  NE  . ARG A 1 59  ? 15.654  4.971   0.555   1.00 24.65 ? 59   ARG A NE  1 
ATOM   476  C  CZ  . ARG A 1 59  ? 15.346  6.267   0.584   1.00 26.14 ? 59   ARG A CZ  1 
ATOM   477  N  NH1 . ARG A 1 59  ? 15.622  6.995   1.657   1.00 26.73 ? 59   ARG A NH1 1 
ATOM   478  N  NH2 . ARG A 1 59  ? 14.772  6.835   -0.478  1.00 25.96 ? 59   ARG A NH2 1 
ATOM   479  N  N   . GLN A 1 60  ? 12.814  0.961   -1.636  1.00 9.59  ? 60   GLN A N   1 
ATOM   480  C  CA  . GLN A 1 60  ? 12.492  0.106   -2.766  1.00 8.98  ? 60   GLN A CA  1 
ATOM   481  C  C   . GLN A 1 60  ? 12.505  0.759   -4.130  1.00 9.71  ? 60   GLN A C   1 
ATOM   482  O  O   . GLN A 1 60  ? 11.961  1.843   -4.300  1.00 10.11 ? 60   GLN A O   1 
ATOM   483  C  CB  . GLN A 1 60  ? 11.092  -0.490  -2.524  1.00 10.04 ? 60   GLN A CB  1 
ATOM   484  C  CG  . GLN A 1 60  ? 10.616  -1.416  -3.600  1.00 10.49 ? 60   GLN A CG  1 
ATOM   485  C  CD  . GLN A 1 60  ? 9.429   -2.265  -3.165  1.00 10.36 ? 60   GLN A CD  1 
ATOM   486  O  OE1 . GLN A 1 60  ? 8.733   -1.951  -2.176  1.00 12.93 ? 60   GLN A OE1 1 
ATOM   487  N  NE2 . GLN A 1 60  ? 9.185   -3.330  -3.898  1.00 10.66 ? 60   GLN A NE2 1 
ATOM   488  N  N   . TYR A 1 61  ? 13.086  0.062   -5.104  1.00 9.26  ? 61   TYR A N   1 
ATOM   489  C  CA  . TYR A 1 61  ? 13.114  0.572   -6.470  1.00 9.17  ? 61   TYR A CA  1 
ATOM   490  C  C   . TYR A 1 61  ? 11.700  0.502   -7.068  1.00 8.52  ? 61   TYR A C   1 
ATOM   491  O  O   . TYR A 1 61  ? 11.071  -0.561  -7.059  1.00 9.89  ? 61   TYR A O   1 
ATOM   492  C  CB  . TYR A 1 61  ? 14.063  -0.271  -7.324  1.00 9.05  ? 61   TYR A CB  1 
ATOM   493  C  CG  . TYR A 1 61  ? 14.162  0.230   -8.750  1.00 10.20 ? 61   TYR A CG  1 
ATOM   494  C  CD1 . TYR A 1 61  ? 14.627  1.514   -9.015  1.00 11.99 ? 61   TYR A CD1 1 
ATOM   495  C  CD2 . TYR A 1 61  ? 13.751  -0.566  -9.817  1.00 12.07 ? 61   TYR A CD2 1 
ATOM   496  C  CE1 . TYR A 1 61  ? 14.680  2.000   -10.328 1.00 12.17 ? 61   TYR A CE1 1 
ATOM   497  C  CE2 . TYR A 1 61  ? 13.798  -0.090  -11.144 1.00 11.97 ? 61   TYR A CE2 1 
ATOM   498  C  CZ  . TYR A 1 61  ? 14.259  1.180   -11.379 1.00 12.76 ? 61   TYR A CZ  1 
ATOM   499  O  OH  . TYR A 1 61  ? 14.279  1.643   -12.670 1.00 14.07 ? 61   TYR A OH  1 
ATOM   500  N  N   . ARG A 1 62  ? 11.201  1.634   -7.572  1.00 9.18  ? 62   ARG A N   1 
ATOM   501  C  CA  . ARG A 1 62  ? 9.873   1.678   -8.211  1.00 9.64  ? 62   ARG A CA  1 
ATOM   502  C  C   . ARG A 1 62  ? 10.137  2.105   -9.653  1.00 11.23 ? 62   ARG A C   1 
ATOM   503  O  O   . ARG A 1 62  ? 10.256  3.282   -9.965  1.00 12.98 ? 62   ARG A O   1 
ATOM   504  C  CB  . ARG A 1 62  ? 8.957   2.662   -7.474  1.00 9.81  ? 62   ARG A CB  1 
ATOM   505  C  CG  . ARG A 1 62  ? 8.592   2.154   -6.065  1.00 10.38 ? 62   ARG A CG  1 
ATOM   506  C  CD  . ARG A 1 62  ? 7.951   0.764   -6.119  1.00 11.34 ? 62   ARG A CD  1 
ATOM   507  N  NE  . ARG A 1 62  ? 7.362   0.388   -4.824  1.00 11.48 ? 62   ARG A NE  1 
ATOM   508  C  CZ  . ARG A 1 62  ? 6.595   -0.696  -4.648  1.00 13.22 ? 62   ARG A CZ  1 
ATOM   509  N  NH1 . ARG A 1 62  ? 6.345   -1.508  -5.669  1.00 13.14 ? 62   ARG A NH1 1 
ATOM   510  N  NH2 . ARG A 1 62  ? 6.033   -0.937  -3.469  1.00 14.01 ? 62   ARG A NH2 1 
ATOM   511  N  N   . HIS A 1 63  ? 10.221  1.111   -10.521 1.00 11.36 ? 63   HIS A N   1 
ATOM   512  C  CA  . HIS A 1 63  ? 10.614  1.347   -11.908 1.00 11.65 ? 63   HIS A CA  1 
ATOM   513  C  C   . HIS A 1 63  ? 9.912   2.469   -12.672 1.00 12.31 ? 63   HIS A C   1 
ATOM   514  O  O   . HIS A 1 63  ? 10.577  3.239   -13.365 1.00 13.82 ? 63   HIS A O   1 
ATOM   515  C  CB  . HIS A 1 63  ? 10.533  0.040   -12.683 1.00 11.94 ? 63   HIS A CB  1 
ATOM   516  C  CG  . HIS A 1 63  ? 11.197  0.108   -14.018 1.00 12.75 ? 63   HIS A CG  1 
ATOM   517  N  ND1 . HIS A 1 63  ? 10.515  -0.082  -15.198 1.00 14.32 ? 63   HIS A ND1 1 
ATOM   518  C  CD2 . HIS A 1 63  ? 12.470  0.411   -14.357 1.00 11.87 ? 63   HIS A CD2 1 
ATOM   519  C  CE1 . HIS A 1 63  ? 11.344  0.105   -16.213 1.00 10.80 ? 63   HIS A CE1 1 
ATOM   520  N  NE2 . HIS A 1 63  ? 12.535  0.405   -15.729 1.00 14.69 ? 63   HIS A NE2 1 
ATOM   521  N  N   . PRO A 1 64  ? 8.581   2.591   -12.548 1.00 12.16 ? 64   PRO A N   1 
ATOM   522  C  CA  . PRO A 1 64  ? 7.927   3.682   -13.296 1.00 12.88 ? 64   PRO A CA  1 
ATOM   523  C  C   . PRO A 1 64  ? 8.475   5.076   -12.958 1.00 13.86 ? 64   PRO A C   1 
ATOM   524  O  O   . PRO A 1 64  ? 8.469   5.988   -13.806 1.00 15.31 ? 64   PRO A O   1 
ATOM   525  C  CB  . PRO A 1 64  ? 6.456   3.522   -12.927 1.00 11.49 ? 64   PRO A CB  1 
ATOM   526  C  CG  . PRO A 1 64  ? 6.316   2.014   -12.683 1.00 12.20 ? 64   PRO A CG  1 
ATOM   527  C  CD  . PRO A 1 64  ? 7.588   1.717   -11.900 1.00 11.86 ? 64   PRO A CD  1 
ATOM   528  N  N   . THR A 1 65  ? 8.954   5.256   -11.728 1.00 12.82 ? 65   THR A N   1 
ATOM   529  C  CA  . THR A 1 65  ? 9.517   6.541   -11.295 1.00 13.68 ? 65   THR A CA  1 
ATOM   530  C  C   . THR A 1 65  ? 11.027  6.625   -11.438 1.00 14.53 ? 65   THR A C   1 
ATOM   531  O  O   . THR A 1 65  ? 11.618  7.714   -11.328 1.00 16.14 ? 65   THR A O   1 
ATOM   532  C  CB  . THR A 1 65  ? 9.211   6.807   -9.818  1.00 14.25 ? 65   THR A CB  1 
ATOM   533  O  OG1 . THR A 1 65  ? 10.045  5.954   -9.018  1.00 13.21 ? 65   THR A OG1 1 
ATOM   534  C  CG2 . THR A 1 65  ? 7.724   6.534   -9.535  1.00 14.65 ? 65   THR A CG2 1 
ATOM   535  N  N   . GLY A 1 66  ? 11.652  5.469   -11.652 1.00 15.45 ? 66   GLY A N   1 
ATOM   536  C  CA  . GLY A 1 66  ? 13.094  5.377   -11.770 1.00 15.82 ? 66   GLY A CA  1 
ATOM   537  C  C   . GLY A 1 66  ? 13.816  5.656   -10.456 1.00 16.52 ? 66   GLY A C   1 
ATOM   538  O  O   . GLY A 1 66  ? 15.048  5.791   -10.440 1.00 17.27 ? 66   GLY A O   1 
ATOM   539  N  N   . LYS A 1 67  ? 13.063  5.723   -9.350  1.00 15.55 ? 67   LYS A N   1 
ATOM   540  C  CA  . LYS A 1 67  ? 13.633  6.060   -8.039  1.00 15.10 ? 67   LYS A CA  1 
ATOM   541  C  C   . LYS A 1 67  ? 13.529  4.952   -7.007  1.00 14.37 ? 67   LYS A C   1 
ATOM   542  O  O   . LYS A 1 67  ? 12.707  4.061   -7.155  1.00 13.70 ? 67   LYS A O   1 
ATOM   543  C  CB  . LYS A 1 67  ? 12.888  7.248   -7.407  1.00 17.30 ? 67   LYS A CB  1 
ATOM   544  C  CG  . LYS A 1 67  ? 12.646  8.469   -8.291  1.00 18.90 ? 67   LYS A CG  1 
ATOM   545  C  CD  . LYS A 1 67  ? 11.642  9.429   -7.597  1.00 22.07 ? 67   LYS A CD  1 
ATOM   546  C  CE  . LYS A 1 67  ? 11.132  10.510  -8.533  1.00 21.90 ? 67   LYS A CE  1 
ATOM   547  N  NZ  . LYS A 1 67  ? 10.182  11.455  -7.863  1.00 22.56 ? 67   LYS A NZ  1 
ATOM   548  N  N   . PHE A 1 68  ? 14.375  5.024   -5.979  1.00 13.69 ? 68   PHE A N   1 
ATOM   549  C  CA  . PHE A 1 68  ? 14.259  4.112   -4.832  1.00 11.97 ? 68   PHE A CA  1 
ATOM   550  C  C   . PHE A 1 68  ? 13.484  4.984   -3.850  1.00 11.95 ? 68   PHE A C   1 
ATOM   551  O  O   . PHE A 1 68  ? 13.927  6.075   -3.511  1.00 13.36 ? 68   PHE A O   1 
ATOM   552  C  CB  . PHE A 1 68  ? 15.610  3.781   -4.212  1.00 12.37 ? 68   PHE A CB  1 
ATOM   553  C  CG  . PHE A 1 68  ? 16.365  2.726   -4.956  1.00 15.14 ? 68   PHE A CG  1 
ATOM   554  C  CD1 . PHE A 1 68  ? 17.129  3.057   -6.070  1.00 16.02 ? 68   PHE A CD1 1 
ATOM   555  C  CD2 . PHE A 1 68  ? 16.307  1.402   -4.545  1.00 15.95 ? 68   PHE A CD2 1 
ATOM   556  C  CE1 . PHE A 1 68  ? 17.850  2.054   -6.781  1.00 16.25 ? 68   PHE A CE1 1 
ATOM   557  C  CE2 . PHE A 1 68  ? 17.012  0.400   -5.237  1.00 15.46 ? 68   PHE A CE2 1 
ATOM   558  C  CZ  . PHE A 1 68  ? 17.784  0.736   -6.357  1.00 15.56 ? 68   PHE A CZ  1 
ATOM   559  N  N   . LEU A 1 69  ? 12.340  4.504   -3.381  1.00 10.55 ? 69   LEU A N   1 
ATOM   560  C  CA  . LEU A 1 69  ? 11.530  5.282   -2.453  1.00 11.03 ? 69   LEU A CA  1 
ATOM   561  C  C   . LEU A 1 69  ? 11.496  4.669   -1.058  1.00 9.72  ? 69   LEU A C   1 
ATOM   562  O  O   . LEU A 1 69  ? 11.563  3.456   -0.909  1.00 10.48 ? 69   LEU A O   1 
ATOM   563  C  CB  . LEU A 1 69  ? 10.101  5.379   -2.975  1.00 10.88 ? 69   LEU A CB  1 
ATOM   564  C  CG  . LEU A 1 69  ? 9.849   5.955   -4.383  1.00 11.28 ? 69   LEU A CG  1 
ATOM   565  C  CD1 . LEU A 1 69  ? 8.359   5.832   -4.741  1.00 12.76 ? 69   LEU A CD1 1 
ATOM   566  C  CD2 . LEU A 1 69  ? 10.271  7.419   -4.409  1.00 13.47 ? 69   LEU A CD2 1 
ATOM   567  N  N   . LEU A 1 70  ? 11.383  5.524   -0.045  1.00 10.15 ? 70   LEU A N   1 
ATOM   568  C  CA  . LEU A 1 70  ? 11.288  5.058   1.352   1.00 9.60  ? 70   LEU A CA  1 
ATOM   569  C  C   . LEU A 1 70  ? 9.798   4.753   1.552   1.00 9.80  ? 70   LEU A C   1 
ATOM   570  O  O   . LEU A 1 70  ? 8.945   5.636   1.390   1.00 9.65  ? 70   LEU A O   1 
ATOM   571  C  CB  . LEU A 1 70  ? 11.717  6.175   2.291   1.00 10.80 ? 70   LEU A CB  1 
ATOM   572  C  CG  . LEU A 1 70  ? 11.730  5.817   3.784   1.00 10.66 ? 70   LEU A CG  1 
ATOM   573  C  CD1 . LEU A 1 70  ? 12.716  4.674   4.049   1.00 11.92 ? 70   LEU A CD1 1 
ATOM   574  C  CD2 . LEU A 1 70  ? 12.115  7.066   4.574   1.00 12.87 ? 70   LEU A CD2 1 
ATOM   575  N  N   . GLU A 1 71  ? 9.482   3.500   1.878   1.00 8.60  ? 71   GLU A N   1 
ATOM   576  C  CA  . GLU A 1 71  ? 8.094   3.077   2.021   1.00 8.35  ? 71   GLU A CA  1 
ATOM   577  C  C   . GLU A 1 71  ? 7.866   2.151   3.216   1.00 8.93  ? 71   GLU A C   1 
ATOM   578  O  O   . GLU A 1 71  ? 8.798   1.625   3.794   1.00 7.91  ? 71   GLU A O   1 
ATOM   579  C  CB  . GLU A 1 71  ? 7.669   2.275   0.780   1.00 11.21 ? 71   GLU A CB  1 
ATOM   580  C  CG  . GLU A 1 71  ? 7.824   2.986   -0.558  1.00 11.27 ? 71   GLU A CG  1 
ATOM   581  C  CD  . GLU A 1 71  ? 7.537   2.055   -1.749  1.00 14.71 ? 71   GLU A CD  1 
ATOM   582  O  OE1 . GLU A 1 71  ? 7.365   2.565   -2.872  1.00 16.30 ? 71   GLU A OE1 1 
ATOM   583  O  OE2 . GLU A 1 71  ? 7.500   0.826   -1.575  1.00 16.93 ? 71   GLU A OE2 1 
ATOM   584  N  N   . VAL A 1 72  ? 6.602   1.982   3.605   1.00 9.14  ? 72   VAL A N   1 
ATOM   585  C  CA  . VAL A 1 72  ? 6.321   0.982   4.620   1.00 8.70  ? 72   VAL A CA  1 
ATOM   586  C  C   . VAL A 1 72  ? 6.123   -0.313  3.789   1.00 9.32  ? 72   VAL A C   1 
ATOM   587  O  O   . VAL A 1 72  ? 5.791   -0.258  2.604   1.00 11.53 ? 72   VAL A O   1 
ATOM   588  C  CB  . VAL A 1 72  ? 5.000   1.287   5.402   1.00 8.46  ? 72   VAL A CB  1 
ATOM   589  C  CG1 . VAL A 1 72  ? 5.192   2.500   6.282   1.00 9.35  ? 72   VAL A CG1 1 
ATOM   590  C  CG2 . VAL A 1 72  ? 3.824   1.482   4.444   1.00 10.35 ? 72   VAL A CG2 1 
ATOM   591  N  N   . PRO A 1 73  ? 6.373   -1.490  4.380   1.00 9.28  ? 73   PRO A N   1 
ATOM   592  C  CA  . PRO A 1 73  ? 6.187   -2.757  3.660   1.00 9.27  ? 73   PRO A CA  1 
ATOM   593  C  C   . PRO A 1 73  ? 4.727   -2.851  3.191   1.00 9.38  ? 73   PRO A C   1 
ATOM   594  O  O   . PRO A 1 73  ? 3.806   -2.419  3.898   1.00 10.62 ? 73   PRO A O   1 
ATOM   595  C  CB  . PRO A 1 73  ? 6.495   -3.813  4.718   1.00 9.21  ? 73   PRO A CB  1 
ATOM   596  C  CG  . PRO A 1 73  ? 7.489   -3.142  5.594   1.00 11.44 ? 73   PRO A CG  1 
ATOM   597  C  CD  . PRO A 1 73  ? 6.959   -1.715  5.713   1.00 9.29  ? 73   PRO A CD  1 
ATOM   598  N  N   . ALA A 1 74  ? 4.515   -3.419  2.007   1.00 9.52  ? 74   ALA A N   1 
ATOM   599  C  CA  . ALA A 1 74  ? 3.161   -3.506  1.470   1.00 9.03  ? 74   ALA A CA  1 
ATOM   600  C  C   . ALA A 1 74  ? 3.102   -4.486  0.327   1.00 9.67  ? 74   ALA A C   1 
ATOM   601  O  O   . ALA A 1 74  ? 4.123   -4.827  -0.266  1.00 9.94  ? 74   ALA A O   1 
ATOM   602  C  CB  . ALA A 1 74  ? 2.704   -2.123  0.961   1.00 11.44 ? 74   ALA A CB  1 
ATOM   603  N  N   . GLY A 1 75  ? 1.891   -4.914  0.008   1.00 9.60  ? 75   GLY A N   1 
ATOM   604  C  CA  . GLY A 1 75  ? 1.739   -5.833  -1.102  1.00 11.94 ? 75   GLY A CA  1 
ATOM   605  C  C   . GLY A 1 75  ? 0.300   -6.150  -1.410  1.00 13.06 ? 75   GLY A C   1 
ATOM   606  O  O   . GLY A 1 75  ? -0.613  -5.927  -0.616  1.00 13.71 ? 75   GLY A O   1 
ATOM   607  N  N   . LYS A 1 76  ? 0.100   -6.720  -2.586  1.00 14.84 ? 76   LYS A N   1 
ATOM   608  C  CA  . LYS A 1 76  ? -1.230  -7.097  -3.036  1.00 16.12 ? 76   LYS A CA  1 
ATOM   609  C  C   . LYS A 1 76  ? -1.839  -8.136  -2.099  1.00 16.72 ? 76   LYS A C   1 
ATOM   610  O  O   . LYS A 1 76  ? -1.132  -9.017  -1.601  1.00 15.08 ? 76   LYS A O   1 
ATOM   611  C  CB  . LYS A 1 76  ? -1.120  -7.679  -4.441  1.00 18.85 ? 76   LYS A CB  1 
ATOM   612  C  CG  . LYS A 1 76  ? -2.446  -7.990  -5.126  1.00 22.85 ? 76   LYS A CG  1 
ATOM   613  C  CD  . LYS A 1 76  ? -2.227  -8.651  -6.492  1.00 25.54 ? 76   LYS A CD  1 
ATOM   614  C  CE  . LYS A 1 76  ? -3.564  -8.879  -7.200  1.00 27.58 ? 76   LYS A CE  1 
ATOM   615  N  NZ  . LYS A 1 76  ? -4.511  -9.632  -6.327  1.00 29.42 ? 76   LYS A NZ  1 
ATOM   616  N  N   . VAL A 1 77  ? -3.139  -8.018  -1.846  1.00 16.26 ? 77   VAL A N   1 
ATOM   617  C  CA  . VAL A 1 77  ? -3.853  -8.997  -1.029  1.00 17.62 ? 77   VAL A CA  1 
ATOM   618  C  C   . VAL A 1 77  ? -4.146  -10.157 -1.983  1.00 19.99 ? 77   VAL A C   1 
ATOM   619  O  O   . VAL A 1 77  ? -4.738  -9.952  -3.043  1.00 20.71 ? 77   VAL A O   1 
ATOM   620  C  CB  . VAL A 1 77  ? -5.188  -8.424  -0.495  1.00 17.14 ? 77   VAL A CB  1 
ATOM   621  C  CG1 . VAL A 1 77  ? -5.976  -9.522  0.275   1.00 15.95 ? 77   VAL A CG1 1 
ATOM   622  C  CG2 . VAL A 1 77  ? -4.917  -7.248  0.407   1.00 16.50 ? 77   VAL A CG2 1 
ATOM   623  N  N   . ASP A 1 78  ? -3.737  -11.373 -1.630  1.00 21.72 ? 78   ASP A N   1 
ATOM   624  C  CA  . ASP A 1 78  ? -3.970  -12.515 -2.522  1.00 24.07 ? 78   ASP A CA  1 
ATOM   625  C  C   . ASP A 1 78  ? -5.412  -12.988 -2.510  1.00 24.81 ? 78   ASP A C   1 
ATOM   626  O  O   . ASP A 1 78  ? -6.184  -12.642 -1.620  1.00 23.54 ? 78   ASP A O   1 
ATOM   627  C  CB  . ASP A 1 78  ? -3.062  -13.695 -2.154  1.00 25.43 ? 78   ASP A CB  1 
ATOM   628  C  CG  . ASP A 1 78  ? -1.598  -13.431 -2.469  1.00 27.19 ? 78   ASP A CG  1 
ATOM   629  O  OD1 . ASP A 1 78  ? -1.314  -12.660 -3.407  1.00 28.33 ? 78   ASP A OD1 1 
ATOM   630  O  OD2 . ASP A 1 78  ? -0.726  -14.015 -1.791  1.00 29.92 ? 78   ASP A OD2 1 
ATOM   631  N  N   . GLU A 1 79  ? -5.770  -13.802 -3.500  1.00 26.38 ? 79   GLU A N   1 
ATOM   632  C  CA  . GLU A 1 79  ? -7.135  -14.322 -3.584  1.00 28.29 ? 79   GLU A CA  1 
ATOM   633  C  C   . GLU A 1 79  ? -7.538  -15.058 -2.313  1.00 27.32 ? 79   GLU A C   1 
ATOM   634  O  O   . GLU A 1 79  ? -6.861  -16.000 -1.895  1.00 27.91 ? 79   GLU A O   1 
ATOM   635  C  CB  . GLU A 1 79  ? -7.278  -15.296 -4.757  1.00 30.80 ? 79   GLU A CB  1 
ATOM   636  C  CG  . GLU A 1 79  ? -7.020  -14.702 -6.124  1.00 34.70 ? 79   GLU A CG  1 
ATOM   637  C  CD  . GLU A 1 79  ? -8.013  -15.201 -7.163  1.00 36.76 ? 79   GLU A CD  1 
ATOM   638  O  OE1 . GLU A 1 79  ? -8.247  -16.432 -7.228  1.00 37.77 ? 79   GLU A OE1 1 
ATOM   639  O  OE2 . GLU A 1 79  ? -8.555  -14.357 -7.915  1.00 38.44 ? 79   GLU A OE2 1 
ATOM   640  N  N   . GLY A 1 80  ? -8.636  -14.632 -1.701  1.00 26.40 ? 80   GLY A N   1 
ATOM   641  C  CA  . GLY A 1 80  ? -9.117  -15.303 -0.503  1.00 25.19 ? 80   GLY A CA  1 
ATOM   642  C  C   . GLY A 1 80  ? -8.349  -15.044 0.773   1.00 24.96 ? 80   GLY A C   1 
ATOM   643  O  O   . GLY A 1 80  ? -8.576  -15.715 1.778   1.00 24.83 ? 80   GLY A O   1 
ATOM   644  N  N   . GLU A 1 81  ? -7.434  -14.075 0.743   1.00 23.94 ? 81   GLU A N   1 
ATOM   645  C  CA  . GLU A 1 81  ? -6.634  -13.708 1.912   1.00 22.61 ? 81   GLU A CA  1 
ATOM   646  C  C   . GLU A 1 81  ? -7.199  -12.412 2.518   1.00 21.52 ? 81   GLU A C   1 
ATOM   647  O  O   . GLU A 1 81  ? -7.639  -11.536 1.777   1.00 22.28 ? 81   GLU A O   1 
ATOM   648  C  CB  . GLU A 1 81  ? -5.182  -13.479 1.463   1.00 22.76 ? 81   GLU A CB  1 
ATOM   649  C  CG  . GLU A 1 81  ? -4.228  -12.980 2.514   1.00 22.20 ? 81   GLU A CG  1 
ATOM   650  C  CD  . GLU A 1 81  ? -2.827  -12.798 1.947   1.00 21.89 ? 81   GLU A CD  1 
ATOM   651  O  OE1 . GLU A 1 81  ? -2.697  -12.148 0.884   1.00 19.83 ? 81   GLU A OE1 1 
ATOM   652  O  OE2 . GLU A 1 81  ? -1.861  -13.320 2.553   1.00 21.59 ? 81   GLU A OE2 1 
ATOM   653  N  N   . THR A 1 82  ? -7.213  -12.288 3.844   1.00 20.03 ? 82   THR A N   1 
ATOM   654  C  CA  . THR A 1 82  ? -7.705  -11.048 4.456   1.00 19.98 ? 82   THR A CA  1 
ATOM   655  C  C   . THR A 1 82  ? -6.625  -9.972  4.351   1.00 19.34 ? 82   THR A C   1 
ATOM   656  O  O   . THR A 1 82  ? -5.443  -10.278 4.192   1.00 18.94 ? 82   THR A O   1 
ATOM   657  C  CB  . THR A 1 82  ? -8.015  -11.184 5.965   1.00 20.48 ? 82   THR A CB  1 
ATOM   658  O  OG1 . THR A 1 82  ? -6.789  -11.345 6.711   1.00 20.45 ? 82   THR A OG1 1 
ATOM   659  C  CG2 . THR A 1 82  ? -8.934  -12.375 6.215   1.00 20.77 ? 82   THR A CG2 1 
ATOM   660  N  N   . PRO A 1 83  ? -7.020  -8.693  4.416   1.00 19.00 ? 83   PRO A N   1 
ATOM   661  C  CA  . PRO A 1 83  ? -6.005  -7.640  4.333   1.00 18.17 ? 83   PRO A CA  1 
ATOM   662  C  C   . PRO A 1 83  ? -5.014  -7.727  5.506   1.00 18.00 ? 83   PRO A C   1 
ATOM   663  O  O   . PRO A 1 83  ? -3.834  -7.441  5.339   1.00 16.44 ? 83   PRO A O   1 
ATOM   664  C  CB  . PRO A 1 83  ? -6.827  -6.360  4.369   1.00 18.49 ? 83   PRO A CB  1 
ATOM   665  C  CG  . PRO A 1 83  ? -8.106  -6.775  3.660   1.00 18.18 ? 83   PRO A CG  1 
ATOM   666  C  CD  . PRO A 1 83  ? -8.380  -8.141  4.260   1.00 18.93 ? 83   PRO A CD  1 
ATOM   667  N  N   . GLU A 1 84  ? -5.481  -8.116  6.693   1.00 17.37 ? 84   GLU A N   1 
ATOM   668  C  CA  . GLU A 1 84  ? -4.542  -8.228  7.805   1.00 18.26 ? 84   GLU A CA  1 
ATOM   669  C  C   . GLU A 1 84  ? -3.533  -9.342  7.555   1.00 17.51 ? 84   GLU A C   1 
ATOM   670  O  O   . GLU A 1 84  ? -2.361  -9.191  7.906   1.00 16.47 ? 84   GLU A O   1 
ATOM   671  C  CB  . GLU A 1 84  ? -5.240  -8.463  9.148   1.00 19.53 ? 84   GLU A CB  1 
ATOM   672  C  CG  . GLU A 1 84  ? -4.216  -8.598  10.290  1.00 23.77 ? 84   GLU A CG  1 
ATOM   673  C  CD  . GLU A 1 84  ? -4.809  -8.780  11.679  1.00 25.93 ? 84   GLU A CD  1 
ATOM   674  O  OE1 . GLU A 1 84  ? -4.081  -9.293  12.563  1.00 27.84 ? 84   GLU A OE1 1 
ATOM   675  O  OE2 . GLU A 1 84  ? -5.978  -8.411  11.899  1.00 27.56 ? 84   GLU A OE2 1 
ATOM   676  N  N   . ALA A 1 85  ? -3.966  -10.447 6.948   1.00 17.11 ? 85   ALA A N   1 
ATOM   677  C  CA  . ALA A 1 85  ? -3.040  -11.557 6.676   1.00 17.17 ? 85   ALA A CA  1 
ATOM   678  C  C   . ALA A 1 85  ? -2.013  -11.148 5.618   1.00 16.30 ? 85   ALA A C   1 
ATOM   679  O  O   . ALA A 1 85  ? -0.842  -11.520 5.710   1.00 15.85 ? 85   ALA A O   1 
ATOM   680  C  CB  . ALA A 1 85  ? -3.799  -12.804 6.216   1.00 17.09 ? 85   ALA A CB  1 
ATOM   681  N  N   . ALA A 1 86  ? -2.458  -10.415 4.601   1.00 14.56 ? 86   ALA A N   1 
ATOM   682  C  CA  . ALA A 1 86  ? -1.533  -9.956  3.569   1.00 12.61 ? 86   ALA A CA  1 
ATOM   683  C  C   . ALA A 1 86  ? -0.524  -8.998  4.206   1.00 12.48 ? 86   ALA A C   1 
ATOM   684  O  O   . ALA A 1 86  ? 0.641   -8.975  3.830   1.00 12.88 ? 86   ALA A O   1 
ATOM   685  C  CB  . ALA A 1 86  ? -2.292  -9.242  2.453   1.00 13.38 ? 86   ALA A CB  1 
ATOM   686  N  N   . ALA A 1 87  ? -0.976  -8.203  5.170   1.00 12.17 ? 87   ALA A N   1 
ATOM   687  C  CA  . ALA A 1 87  ? -0.080  -7.261  5.843   1.00 11.93 ? 87   ALA A CA  1 
ATOM   688  C  C   . ALA A 1 87  ? 0.991   -8.051  6.582   1.00 12.24 ? 87   ALA A C   1 
ATOM   689  O  O   . ALA A 1 87  ? 2.185   -7.776  6.468   1.00 10.69 ? 87   ALA A O   1 
ATOM   690  C  CB  . ALA A 1 87  ? -0.855  -6.412  6.840   1.00 11.03 ? 87   ALA A CB  1 
ATOM   691  N  N   . ARG A 1 88  ? 0.560   -9.029  7.369   1.00 12.37 ? 88   ARG A N   1 
ATOM   692  C  CA  . ARG A 1 88  ? 1.557   -9.809  8.109   1.00 12.61 ? 88   ARG A CA  1 
ATOM   693  C  C   . ARG A 1 88  ? 2.490   -10.555 7.170   1.00 12.65 ? 88   ARG A C   1 
ATOM   694  O  O   . ARG A 1 88  ? 3.708   -10.617 7.423   1.00 13.95 ? 88   ARG A O   1 
ATOM   695  C  CB  . ARG A 1 88  ? 0.868   -10.782 9.071   1.00 13.20 ? 88   ARG A CB  1 
ATOM   696  C  CG  . ARG A 1 88  ? 0.177   -10.080 10.232  1.00 13.59 ? 88   ARG A CG  1 
ATOM   697  C  CD  . ARG A 1 88  ? -0.448  -11.071 11.203  1.00 14.38 ? 88   ARG A CD  1 
ATOM   698  N  NE  . ARG A 1 88  ? -1.249  -10.429 12.250  1.00 15.24 ? 88   ARG A NE  1 
ATOM   699  C  CZ  . ARG A 1 88  ? -0.768  -9.938  13.390  1.00 16.42 ? 88   ARG A CZ  1 
ATOM   700  N  NH1 . ARG A 1 88  ? 0.535   -9.998  13.667  1.00 17.43 ? 88   ARG A NH1 1 
ATOM   701  N  NH2 . ARG A 1 88  ? -1.596  -9.400  14.275  1.00 17.52 ? 88   ARG A NH2 1 
ATOM   702  N  N   . ARG A 1 89  ? 1.959   -11.068 6.060   1.00 12.18 ? 89   ARG A N   1 
ATOM   703  C  CA  . ARG A 1 89  ? 2.790   -11.820 5.114   1.00 12.59 ? 89   ARG A CA  1 
ATOM   704  C  C   . ARG A 1 89  ? 3.815   -10.927 4.430   1.00 12.91 ? 89   ARG A C   1 
ATOM   705  O  O   . ARG A 1 89  ? 4.985   -11.293 4.318   1.00 13.36 ? 89   ARG A O   1 
ATOM   706  C  CB  . ARG A 1 89  ? 1.920   -12.515 4.056   1.00 13.74 ? 89   ARG A CB  1 
ATOM   707  C  CG  . ARG A 1 89  ? 2.698   -13.215 2.957   1.00 14.87 ? 89   ARG A CG  1 
ATOM   708  C  CD  . ARG A 1 89  ? 1.768   -13.942 1.985   1.00 16.95 ? 89   ARG A CD  1 
ATOM   709  N  NE  . ARG A 1 89  ? 0.767   -13.038 1.416   1.00 15.52 ? 89   ARG A NE  1 
ATOM   710  C  CZ  . ARG A 1 89  ? 1.036   -12.016 0.606   1.00 17.35 ? 89   ARG A CZ  1 
ATOM   711  N  NH1 . ARG A 1 89  ? 2.289   -11.751 0.239   1.00 16.45 ? 89   ARG A NH1 1 
ATOM   712  N  NH2 . ARG A 1 89  ? 0.047   -11.221 0.198   1.00 17.68 ? 89   ARG A NH2 1 
ATOM   713  N  N   . GLU A 1 90  ? 3.389   -9.755  3.966   1.00 12.03 ? 90   GLU A N   1 
ATOM   714  C  CA  . GLU A 1 90  ? 4.343   -8.870  3.305   1.00 12.04 ? 90   GLU A CA  1 
ATOM   715  C  C   . GLU A 1 90  ? 5.382   -8.347  4.310   1.00 12.01 ? 90   GLU A C   1 
ATOM   716  O  O   . GLU A 1 90  ? 6.533   -8.089  3.950   1.00 13.05 ? 90   GLU A O   1 
ATOM   717  C  CB  . GLU A 1 90  ? 3.599   -7.702  2.627   1.00 12.27 ? 90   GLU A CB  1 
ATOM   718  C  CG  . GLU A 1 90  ? 2.767   -8.139  1.404   1.00 13.57 ? 90   GLU A CG  1 
ATOM   719  C  CD  . GLU A 1 90  ? 3.619   -8.502  0.200   1.00 14.93 ? 90   GLU A CD  1 
ATOM   720  O  OE1 . GLU A 1 90  ? 4.820   -8.165  0.200   1.00 15.26 ? 90   GLU A OE1 1 
ATOM   721  O  OE2 . GLU A 1 90  ? 3.095   -9.128  -0.749  1.00 15.70 ? 90   GLU A OE2 1 
ATOM   722  N  N   . LEU A 1 91  ? 4.993   -8.219  5.567   1.00 11.44 ? 91   LEU A N   1 
ATOM   723  C  CA  . LEU A 1 91  ? 5.917   -7.748  6.592   1.00 12.75 ? 91   LEU A CA  1 
ATOM   724  C  C   . LEU A 1 91  ? 7.011   -8.805  6.757   1.00 13.20 ? 91   LEU A C   1 
ATOM   725  O  O   . LEU A 1 91  ? 8.203   -8.484  6.855   1.00 11.73 ? 91   LEU A O   1 
ATOM   726  C  CB  . LEU A 1 91  ? 5.175   -7.549  7.912   1.00 13.13 ? 91   LEU A CB  1 
ATOM   727  C  CG  . LEU A 1 91  ? 6.071   -7.200  9.104   1.00 13.87 ? 91   LEU A CG  1 
ATOM   728  C  CD1 . LEU A 1 91  ? 6.816   -5.886  8.821   1.00 14.26 ? 91   LEU A CD1 1 
ATOM   729  C  CD2 . LEU A 1 91  ? 5.207   -7.118  10.368  1.00 14.71 ? 91   LEU A CD2 1 
ATOM   730  N  N   . ARG A 1 92  ? 6.599   -10.066 6.753   1.00 13.88 ? 92   ARG A N   1 
ATOM   731  C  CA  . ARG A 1 92  ? 7.560   -11.152 6.902   1.00 14.08 ? 92   ARG A CA  1 
ATOM   732  C  C   . ARG A 1 92  ? 8.405   -11.307 5.646   1.00 13.27 ? 92   ARG A C   1 
ATOM   733  O  O   . ARG A 1 92  ? 9.616   -11.544 5.732   1.00 13.58 ? 92   ARG A O   1 
ATOM   734  C  CB  . ARG A 1 92  ? 6.837   -12.465 7.213   1.00 16.58 ? 92   ARG A CB  1 
ATOM   735  C  CG  . ARG A 1 92  ? 7.710   -13.478 7.963   1.00 20.69 ? 92   ARG A CG  1 
ATOM   736  C  CD  . ARG A 1 92  ? 6.823   -14.563 8.566   1.00 23.10 ? 92   ARG A CD  1 
ATOM   737  N  NE  . ARG A 1 92  ? 7.498   -15.300 9.630   1.00 25.61 ? 92   ARG A NE  1 
ATOM   738  C  CZ  . ARG A 1 92  ? 8.439   -16.204 9.409   1.00 26.24 ? 92   ARG A CZ  1 
ATOM   739  N  NH1 . ARG A 1 92  ? 9.012   -16.824 10.432  1.00 27.05 ? 92   ARG A NH1 1 
ATOM   740  N  NH2 . ARG A 1 92  ? 8.793   -16.493 8.163   1.00 26.64 ? 92   ARG A NH2 1 
ATOM   741  N  N   . GLU A 1 93  ? 7.791   -11.164 4.470   1.00 12.05 ? 93   GLU A N   1 
ATOM   742  C  CA  . GLU A 1 93  ? 8.562   -11.310 3.240   1.00 12.60 ? 93   GLU A CA  1 
ATOM   743  C  C   . GLU A 1 93  ? 9.543   -10.178 3.007   1.00 12.55 ? 93   GLU A C   1 
ATOM   744  O  O   . GLU A 1 93  ? 10.705  -10.399 2.659   1.00 12.95 ? 93   GLU A O   1 
ATOM   745  C  CB  . GLU A 1 93  ? 7.639   -11.362 2.009   1.00 14.24 ? 93   GLU A CB  1 
ATOM   746  C  CG  . GLU A 1 93  ? 6.780   -12.628 1.885   1.00 15.01 ? 93   GLU A CG  1 
ATOM   747  C  CD  . GLU A 1 93  ? 5.842   -12.583 0.674   1.00 17.94 ? 93   GLU A CD  1 
ATOM   748  O  OE1 . GLU A 1 93  ? 4.937   -13.448 0.587   1.00 17.62 ? 93   GLU A OE1 1 
ATOM   749  O  OE2 . GLU A 1 93  ? 6.005   -11.684 -0.189  1.00 18.26 ? 93   GLU A OE2 1 
ATOM   750  N  N   . GLU A 1 94  ? 9.078   -8.949  3.188   1.00 12.11 ? 94   GLU A N   1 
ATOM   751  C  CA  . GLU A 1 94  ? 9.945   -7.824  2.871   1.00 12.28 ? 94   GLU A CA  1 
ATOM   752  C  C   . GLU A 1 94  ? 10.925  -7.372  3.923   1.00 13.19 ? 94   GLU A C   1 
ATOM   753  O  O   . GLU A 1 94  ? 11.992  -6.887  3.573   1.00 13.61 ? 94   GLU A O   1 
ATOM   754  C  CB  . GLU A 1 94  ? 9.087   -6.628  2.403   1.00 11.42 ? 94   GLU A CB  1 
ATOM   755  C  CG  . GLU A 1 94  ? 8.229   -7.015  1.213   1.00 11.41 ? 94   GLU A CG  1 
ATOM   756  C  CD  . GLU A 1 94  ? 7.450   -5.865  0.604   1.00 13.02 ? 94   GLU A CD  1 
ATOM   757  O  OE1 . GLU A 1 94  ? 6.825   -6.087  -0.461  1.00 11.17 ? 94   GLU A OE1 1 
ATOM   758  O  OE2 . GLU A 1 94  ? 7.441   -4.753  1.180   1.00 12.66 ? 94   GLU A OE2 1 
ATOM   759  N  N   . VAL A 1 95  ? 10.586  -7.545  5.201   1.00 14.72 ? 95   VAL A N   1 
ATOM   760  C  CA  . VAL A 1 95  ? 11.462  -7.081  6.286   1.00 15.20 ? 95   VAL A CA  1 
ATOM   761  C  C   . VAL A 1 95  ? 11.937  -8.233  7.186   1.00 15.59 ? 95   VAL A C   1 
ATOM   762  O  O   . VAL A 1 95  ? 12.839  -8.058  8.028   1.00 16.97 ? 95   VAL A O   1 
ATOM   763  C  CB  . VAL A 1 95  ? 10.720  -5.994  7.125   1.00 16.69 ? 95   VAL A CB  1 
ATOM   764  C  CG1 . VAL A 1 95  ? 11.565  -5.531  8.279   1.00 18.04 ? 95   VAL A CG1 1 
ATOM   765  C  CG2 . VAL A 1 95  ? 10.422  -4.770  6.223   1.00 17.94 ? 95   VAL A CG2 1 
ATOM   766  N  N   . GLY A 1 96  ? 11.347  -9.406  6.974   1.00 14.74 ? 96   GLY A N   1 
ATOM   767  C  CA  . GLY A 1 96  ? 11.664  -10.593 7.761   1.00 14.17 ? 96   GLY A CA  1 
ATOM   768  C  C   . GLY A 1 96  ? 11.130  -10.429 9.174   1.00 14.14 ? 96   GLY A C   1 
ATOM   769  O  O   . GLY A 1 96  ? 11.645  -11.024 10.128  1.00 13.57 ? 96   GLY A O   1 
ATOM   770  N  N   . ALA A 1 97  ? 10.078  -9.630  9.325   1.00 13.26 ? 97   ALA A N   1 
ATOM   771  C  CA  . ALA A 1 97  ? 9.548   -9.342  10.646  1.00 13.05 ? 97   ALA A CA  1 
ATOM   772  C  C   . ALA A 1 97  ? 8.170   -9.880  10.988  1.00 14.01 ? 97   ALA A C   1 
ATOM   773  O  O   . ALA A 1 97  ? 7.393   -10.241 10.120  1.00 12.77 ? 97   ALA A O   1 
ATOM   774  C  CB  . ALA A 1 97  ? 9.545   -7.818  10.871  1.00 13.83 ? 97   ALA A CB  1 
ATOM   775  N  N   . GLU A 1 98  ? 7.910   -9.928  12.289  1.00 15.21 ? 98   GLU A N   1 
ATOM   776  C  CA  . GLU A 1 98  ? 6.623   -10.342 12.832  1.00 17.00 ? 98   GLU A CA  1 
ATOM   777  C  C   . GLU A 1 98  ? 6.234   -9.256  13.818  1.00 16.69 ? 98   GLU A C   1 
ATOM   778  O  O   . GLU A 1 98  ? 7.073   -8.495  14.298  1.00 18.04 ? 98   GLU A O   1 
ATOM   779  C  CB  . GLU A 1 98  ? 6.729   -11.695 13.559  1.00 19.27 ? 98   GLU A CB  1 
ATOM   780  C  CG  . GLU A 1 98  ? 6.772   -12.879 12.613  1.00 23.18 ? 98   GLU A CG  1 
ATOM   781  C  CD  . GLU A 1 98  ? 6.916   -14.201 13.339  1.00 26.20 ? 98   GLU A CD  1 
ATOM   782  O  OE1 . GLU A 1 98  ? 6.943   -15.253 12.659  1.00 28.49 ? 98   GLU A OE1 1 
ATOM   783  O  OE2 . GLU A 1 98  ? 7.004   -14.180 14.583  1.00 27.05 ? 98   GLU A OE2 1 
ATOM   784  N  N   . ALA A 1 99  ? 4.953   -9.164  14.126  1.00 17.29 ? 99   ALA A N   1 
ATOM   785  C  CA  . ALA A 1 99  ? 4.509   -8.153  15.070  1.00 16.75 ? 99   ALA A CA  1 
ATOM   786  C  C   . ALA A 1 99  ? 3.354   -8.736  15.847  1.00 17.39 ? 99   ALA A C   1 
ATOM   787  O  O   . ALA A 1 99  ? 2.835   -9.801  15.499  1.00 16.69 ? 99   ALA A O   1 
ATOM   788  C  CB  . ALA A 1 99  ? 4.058   -6.894  14.326  1.00 17.20 ? 99   ALA A CB  1 
ATOM   789  N  N   . GLU A 1 100 ? 2.947   -8.015  16.885  1.00 19.59 ? 100  GLU A N   1 
ATOM   790  C  CA  . GLU A 1 100 ? 1.851   -8.438  17.745  1.00 21.52 ? 100  GLU A CA  1 
ATOM   791  C  C   . GLU A 1 100 ? 0.542   -7.825  17.240  1.00 21.30 ? 100  GLU A C   1 
ATOM   792  O  O   . GLU A 1 100 ? -0.015  -8.268  16.251  1.00 22.45 ? 100  GLU A O   1 
ATOM   793  C  CB  . GLU A 1 100 ? 2.149   -8.010  19.187  1.00 23.73 ? 100  GLU A CB  1 
ATOM   794  C  CG  . GLU A 1 100 ? 1.158   -8.501  20.231  1.00 27.83 ? 100  GLU A CG  1 
ATOM   795  C  CD  . GLU A 1 100 ? 1.708   -8.398  21.653  1.00 30.30 ? 100  GLU A CD  1 
ATOM   796  O  OE1 . GLU A 1 100 ? 2.679   -9.129  21.966  1.00 31.94 ? 100  GLU A OE1 1 
ATOM   797  O  OE2 . GLU A 1 100 ? 1.174   -7.589  22.450  1.00 30.72 ? 100  GLU A OE2 1 
ATOM   798  N  N   . THR A 1 101 ? 0.062   -6.786  17.896  1.00 21.27 ? 101  THR A N   1 
ATOM   799  C  CA  . THR A 1 101 ? -1.192  -6.182  17.474  1.00 20.68 ? 101  THR A CA  1 
ATOM   800  C  C   . THR A 1 101 ? -1.062  -5.425  16.149  1.00 19.70 ? 101  THR A C   1 
ATOM   801  O  O   . THR A 1 101 ? -0.044  -4.794  15.900  1.00 19.68 ? 101  THR A O   1 
ATOM   802  C  CB  . THR A 1 101 ? -1.686  -5.171  18.511  1.00 21.98 ? 101  THR A CB  1 
ATOM   803  O  OG1 . THR A 1 101 ? -1.903  -5.836  19.763  1.00 24.69 ? 101  THR A OG1 1 
ATOM   804  C  CG2 . THR A 1 101 ? -3.001  -4.536  18.052  1.00 22.34 ? 101  THR A CG2 1 
ATOM   805  N  N   . LEU A 1 102 ? -2.092  -5.507  15.315  1.00 19.56 ? 102  LEU A N   1 
ATOM   806  C  CA  . LEU A 1 102 ? -2.125  -4.744  14.068  1.00 18.09 ? 102  LEU A CA  1 
ATOM   807  C  C   . LEU A 1 102 ? -3.400  -3.899  14.189  1.00 18.89 ? 102  LEU A C   1 
ATOM   808  O  O   . LEU A 1 102 ? -4.507  -4.441  14.280  1.00 20.18 ? 102  LEU A O   1 
ATOM   809  C  CB  . LEU A 1 102 ? -2.190  -5.644  12.829  1.00 18.18 ? 102  LEU A CB  1 
ATOM   810  C  CG  . LEU A 1 102 ? -0.878  -5.610  12.020  1.00 18.55 ? 102  LEU A CG  1 
ATOM   811  C  CD1 . LEU A 1 102 ? 0.219   -6.330  12.799  1.00 18.32 ? 102  LEU A CD1 1 
ATOM   812  C  CD2 . LEU A 1 102 ? -1.054  -6.257  10.665  1.00 18.39 ? 102  LEU A CD2 1 
ATOM   813  N  N   . ILE A 1 103 ? -3.229  -2.582  14.261  1.00 17.04 ? 103  ILE A N   1 
ATOM   814  C  CA  . ILE A 1 103 ? -4.348  -1.660  14.364  1.00 16.62 ? 103  ILE A CA  1 
ATOM   815  C  C   . ILE A 1 103 ? -4.722  -1.241  12.955  1.00 17.34 ? 103  ILE A C   1 
ATOM   816  O  O   . ILE A 1 103 ? -3.894  -0.711  12.222  1.00 15.18 ? 103  ILE A O   1 
ATOM   817  C  CB  . ILE A 1 103 ? -3.963  -0.397  15.129  1.00 17.27 ? 103  ILE A CB  1 
ATOM   818  C  CG1 . ILE A 1 103 ? -3.571  -0.751  16.570  1.00 16.46 ? 103  ILE A CG1 1 
ATOM   819  C  CG2 . ILE A 1 103 ? -5.130  0.603   15.093  1.00 17.67 ? 103  ILE A CG2 1 
ATOM   820  C  CD1 . ILE A 1 103 ? -2.847  0.363   17.295  1.00 17.59 ? 103  ILE A CD1 1 
ATOM   821  N  N   . PRO A 1 104 ? -5.961  -1.491  12.543  1.00 16.92 ? 104  PRO A N   1 
ATOM   822  C  CA  . PRO A 1 104 ? -6.307  -1.071  11.185  1.00 16.47 ? 104  PRO A CA  1 
ATOM   823  C  C   . PRO A 1 104 ? -6.512  0.447   11.109  1.00 16.08 ? 104  PRO A C   1 
ATOM   824  O  O   . PRO A 1 104 ? -7.071  1.065   12.022  1.00 15.98 ? 104  PRO A O   1 
ATOM   825  C  CB  . PRO A 1 104 ? -7.593  -1.849  10.901  1.00 18.20 ? 104  PRO A CB  1 
ATOM   826  C  CG  . PRO A 1 104 ? -8.219  -1.943  12.267  1.00 19.80 ? 104  PRO A CG  1 
ATOM   827  C  CD  . PRO A 1 104 ? -7.039  -2.297  13.146  1.00 18.75 ? 104  PRO A CD  1 
ATOM   828  N  N   . LEU A 1 105 ? -6.061  1.038   10.006  1.00 13.86 ? 105  LEU A N   1 
ATOM   829  C  CA  . LEU A 1 105 ? -6.207  2.470   9.779   1.00 12.69 ? 105  LEU A CA  1 
ATOM   830  C  C   . LEU A 1 105 ? -7.175  2.626   8.602   1.00 11.37 ? 105  LEU A C   1 
ATOM   831  O  O   . LEU A 1 105 ? -7.506  1.647   7.935   1.00 11.18 ? 105  LEU A O   1 
ATOM   832  C  CB  . LEU A 1 105 ? -4.825  3.090   9.495   1.00 11.74 ? 105  LEU A CB  1 
ATOM   833  C  CG  . LEU A 1 105 ? -3.832  2.821   10.653  1.00 12.51 ? 105  LEU A CG  1 
ATOM   834  C  CD1 . LEU A 1 105 ? -2.439  3.316   10.292  1.00 13.08 ? 105  LEU A CD1 1 
ATOM   835  C  CD2 . LEU A 1 105 ? -4.314  3.483   11.937  1.00 13.74 ? 105  LEU A CD2 1 
ATOM   836  N  N   . PRO A 1 106 ? -7.661  3.853   8.342   1.00 11.62 ? 106  PRO A N   1 
ATOM   837  C  CA  . PRO A 1 106 ? -8.601  4.080   7.245   1.00 11.79 ? 106  PRO A CA  1 
ATOM   838  C  C   . PRO A 1 106 ? -8.103  3.663   5.874   1.00 12.57 ? 106  PRO A C   1 
ATOM   839  O  O   . PRO A 1 106 ? -6.988  4.014   5.465   1.00 11.78 ? 106  PRO A O   1 
ATOM   840  C  CB  . PRO A 1 106 ? -8.859  5.584   7.308   1.00 12.45 ? 106  PRO A CB  1 
ATOM   841  C  CG  . PRO A 1 106 ? -8.674  5.908   8.743   1.00 12.38 ? 106  PRO A CG  1 
ATOM   842  C  CD  . PRO A 1 106 ? -7.437  5.098   9.095   1.00 11.79 ? 106  PRO A CD  1 
ATOM   843  N  N   . SER A 1 107 ? -8.947  2.938   5.161   1.00 12.47 ? 107  SER A N   1 
ATOM   844  C  CA  . SER A 1 107 ? -8.595  2.473   3.828   1.00 12.78 ? 107  SER A CA  1 
ATOM   845  C  C   . SER A 1 107 ? -8.760  3.607   2.852   1.00 13.03 ? 107  SER A C   1 
ATOM   846  O  O   . SER A 1 107 ? -9.469  4.573   3.125   1.00 13.25 ? 107  SER A O   1 
ATOM   847  C  CB  . SER A 1 107 ? -9.471  1.292   3.434   1.00 15.08 ? 107  SER A CB  1 
ATOM   848  O  OG  . SER A 1 107 ? -9.194  0.224   4.320   1.00 20.53 ? 107  SER A OG  1 
ATOM   849  N  N   . PHE A 1 108 ? -8.093  3.502   1.715   1.00 11.48 ? 108  PHE A N   1 
ATOM   850  C  CA  . PHE A 1 108 ? -8.177  4.562   0.730   1.00 10.78 ? 108  PHE A CA  1 
ATOM   851  C  C   . PHE A 1 108 ? -7.911  4.078   -0.682  1.00 11.08 ? 108  PHE A C   1 
ATOM   852  O  O   . PHE A 1 108 ? -7.323  3.022   -0.876  1.00 11.00 ? 108  PHE A O   1 
ATOM   853  C  CB  . PHE A 1 108 ? -7.183  5.688   1.090   1.00 10.26 ? 108  PHE A CB  1 
ATOM   854  C  CG  . PHE A 1 108 ? -5.766  5.212   1.358   1.00 10.97 ? 108  PHE A CG  1 
ATOM   855  C  CD1 . PHE A 1 108 ? -5.332  4.957   2.665   1.00 10.69 ? 108  PHE A CD1 1 
ATOM   856  C  CD2 . PHE A 1 108 ? -4.845  5.089   0.312   1.00 9.74  ? 108  PHE A CD2 1 
ATOM   857  C  CE1 . PHE A 1 108 ? -3.984  4.588   2.922   1.00 11.34 ? 108  PHE A CE1 1 
ATOM   858  C  CE2 . PHE A 1 108 ? -3.506  4.729   0.551   1.00 9.93  ? 108  PHE A CE2 1 
ATOM   859  C  CZ  . PHE A 1 108 ? -3.071  4.479   1.857   1.00 10.54 ? 108  PHE A CZ  1 
ATOM   860  N  N   . HIS A 1 109 ? -8.392  4.835   -1.675  1.00 9.11  ? 109  HIS A N   1 
ATOM   861  C  CA  . HIS A 1 109 ? -8.130  4.521   -3.081  1.00 10.19 ? 109  HIS A CA  1 
ATOM   862  C  C   . HIS A 1 109 ? -6.966  5.401   -3.498  1.00 10.08 ? 109  HIS A C   1 
ATOM   863  O  O   . HIS A 1 109 ? -7.073  6.630   -3.423  1.00 9.92  ? 109  HIS A O   1 
ATOM   864  C  CB  . HIS A 1 109 ? -9.321  4.889   -3.959  1.00 10.60 ? 109  HIS A CB  1 
ATOM   865  C  CG  . HIS A 1 109 ? -10.522 4.027   -3.757  1.00 11.70 ? 109  HIS A CG  1 
ATOM   866  N  ND1 . HIS A 1 109 ? -10.569 2.710   -4.175  1.00 12.90 ? 109  HIS A ND1 1 
ATOM   867  C  CD2 . HIS A 1 109 ? -11.743 4.311   -3.250  1.00 11.61 ? 109  HIS A CD2 1 
ATOM   868  C  CE1 . HIS A 1 109 ? -11.776 2.226   -3.940  1.00 13.07 ? 109  HIS A CE1 1 
ATOM   869  N  NE2 . HIS A 1 109 ? -12.509 3.172   -3.380  1.00 13.67 ? 109  HIS A NE2 1 
ATOM   870  N  N   . PRO A 1 110 ? -5.832  4.808   -3.934  1.00 9.92  ? 110  PRO A N   1 
ATOM   871  C  CA  . PRO A 1 110 ? -4.696  5.636   -4.344  1.00 10.05 ? 110  PRO A CA  1 
ATOM   872  C  C   . PRO A 1 110 ? -4.949  6.460   -5.601  1.00 10.05 ? 110  PRO A C   1 
ATOM   873  O  O   . PRO A 1 110 ? -4.465  7.584   -5.698  1.00 9.50  ? 110  PRO A O   1 
ATOM   874  C  CB  . PRO A 1 110 ? -3.558  4.628   -4.525  1.00 10.83 ? 110  PRO A CB  1 
ATOM   875  C  CG  . PRO A 1 110 ? -4.316  3.362   -4.949  1.00 10.59 ? 110  PRO A CG  1 
ATOM   876  C  CD  . PRO A 1 110 ? -5.505  3.370   -4.015  1.00 10.19 ? 110  PRO A CD  1 
ATOM   877  N  N   . GLN A 1 111 ? -5.711  5.942   -6.566  1.00 9.92  ? 111  GLN A N   1 
ATOM   878  C  CA  . GLN A 1 111 ? -5.958  6.726   -7.785  1.00 9.58  ? 111  GLN A CA  1 
ATOM   879  C  C   . GLN A 1 111 ? -7.260  6.218   -8.392  1.00 10.59 ? 111  GLN A C   1 
ATOM   880  O  O   . GLN A 1 111 ? -7.253  5.490   -9.396  1.00 10.70 ? 111  GLN A O   1 
ATOM   881  C  CB  . GLN A 1 111 ? -4.804  6.561   -8.786  1.00 11.78 ? 111  GLN A CB  1 
ATOM   882  C  CG  . GLN A 1 111 ? -4.933  7.522   -9.970  1.00 14.41 ? 111  GLN A CG  1 
ATOM   883  C  CD  . GLN A 1 111 ? -3.769  7.480   -10.932 1.00 17.11 ? 111  GLN A CD  1 
ATOM   884  O  OE1 . GLN A 1 111 ? -3.005  6.531   -10.957 1.00 20.67 ? 111  GLN A OE1 1 
ATOM   885  N  NE2 . GLN A 1 111 ? -3.644  8.514   -11.742 1.00 19.70 ? 111  GLN A NE2 1 
ATOM   886  N  N   . PRO A 1 112 ? -8.388  6.598   -7.781  1.00 11.24 ? 112  PRO A N   1 
ATOM   887  C  CA  . PRO A 1 112 ? -9.712  6.168   -8.245  1.00 11.39 ? 112  PRO A CA  1 
ATOM   888  C  C   . PRO A 1 112 ? -10.078 6.468   -9.680  1.00 11.93 ? 112  PRO A C   1 
ATOM   889  O  O   . PRO A 1 112 ? -10.979 5.812   -10.219 1.00 12.99 ? 112  PRO A O   1 
ATOM   890  C  CB  . PRO A 1 112 ? -10.664 6.790   -7.224  1.00 12.70 ? 112  PRO A CB  1 
ATOM   891  C  CG  . PRO A 1 112 ? -9.916  8.014   -6.759  1.00 11.86 ? 112  PRO A CG  1 
ATOM   892  C  CD  . PRO A 1 112 ? -8.500  7.506   -6.628  1.00 10.77 ? 112  PRO A CD  1 
ATOM   893  N  N   . SER A 1 113 ? -9.393  7.428   -10.313 1.00 12.27 ? 113  SER A N   1 
ATOM   894  C  CA  . SER A 1 113 ? -9.653  7.739   -11.725 1.00 13.04 ? 113  SER A CA  1 
ATOM   895  C  C   . SER A 1 113 ? -9.158  6.629   -12.646 1.00 13.66 ? 113  SER A C   1 
ATOM   896  O  O   . SER A 1 113 ? -9.665  6.472   -13.767 1.00 13.65 ? 113  SER A O   1 
ATOM   897  C  CB  . SER A 1 113 ? -8.931  9.018   -12.157 1.00 14.08 ? 113  SER A CB  1 
ATOM   898  O  OG  . SER A 1 113 ? -7.527  8.819   -12.211 1.00 15.55 ? 113  SER A OG  1 
ATOM   899  N  N   . PHE A 1 114 ? -8.176  5.864   -12.179 1.00 13.52 ? 114  PHE A N   1 
ATOM   900  C  CA  . PHE A 1 114 ? -7.603  4.829   -13.016 1.00 13.74 ? 114  PHE A CA  1 
ATOM   901  C  C   . PHE A 1 114 ? -7.733  3.411   -12.506 1.00 13.96 ? 114  PHE A C   1 
ATOM   902  O  O   . PHE A 1 114 ? -7.811  2.468   -13.295 1.00 14.52 ? 114  PHE A O   1 
ATOM   903  C  CB  . PHE A 1 114 ? -6.117  5.099   -13.267 1.00 14.49 ? 114  PHE A CB  1 
ATOM   904  C  CG  . PHE A 1 114 ? -5.511  4.149   -14.254 1.00 16.32 ? 114  PHE A CG  1 
ATOM   905  C  CD1 . PHE A 1 114 ? -5.741  4.305   -15.621 1.00 17.27 ? 114  PHE A CD1 1 
ATOM   906  C  CD2 . PHE A 1 114 ? -4.797  3.035   -13.820 1.00 17.22 ? 114  PHE A CD2 1 
ATOM   907  C  CE1 . PHE A 1 114 ? -5.271  3.360   -16.548 1.00 17.89 ? 114  PHE A CE1 1 
ATOM   908  C  CE2 . PHE A 1 114 ? -4.328  2.090   -14.738 1.00 17.85 ? 114  PHE A CE2 1 
ATOM   909  C  CZ  . PHE A 1 114 ? -4.565  2.254   -16.101 1.00 17.99 ? 114  PHE A CZ  1 
ATOM   910  N  N   . THR A 1 115 ? -7.770  3.252   -11.197 1.00 13.31 ? 115  THR A N   1 
ATOM   911  C  CA  . THR A 1 115 ? -7.818  1.909   -10.657 1.00 13.71 ? 115  THR A CA  1 
ATOM   912  C  C   . THR A 1 115 ? -8.803  1.729   -9.538  1.00 13.97 ? 115  THR A C   1 
ATOM   913  O  O   . THR A 1 115 ? -9.040  2.606   -8.710  1.00 13.73 ? 115  THR A O   1 
ATOM   914  C  CB  . THR A 1 115 ? -6.413  1.477   -10.188 1.00 13.10 ? 115  THR A CB  1 
ATOM   915  O  OG1 . THR A 1 115 ? -6.509  0.265   -9.437  1.00 12.98 ? 115  THR A OG1 1 
ATOM   916  C  CG2 . THR A 1 115 ? -5.802  2.548   -9.296  1.00 12.91 ? 115  THR A CG2 1 
ATOM   917  N  N   . ALA A 1 116 ? -9.413  0.558   -9.526  1.00 12.74 ? 116  ALA A N   1 
ATOM   918  C  CA  . ALA A 1 116 ? -10.372 0.239   -8.506  1.00 13.17 ? 116  ALA A CA  1 
ATOM   919  C  C   . ALA A 1 116 ? -9.705  -0.136  -7.185  1.00 12.78 ? 116  ALA A C   1 
ATOM   920  O  O   . ALA A 1 116 ? -10.372 -0.195  -6.158  1.00 12.66 ? 116  ALA A O   1 
ATOM   921  C  CB  . ALA A 1 116 ? -11.236 -0.944  -8.987  1.00 13.70 ? 116  ALA A CB  1 
ATOM   922  N  N   . VAL A 1 117 ? -8.396  -0.351  -7.210  1.00 12.95 ? 117  VAL A N   1 
ATOM   923  C  CA  . VAL A 1 117 ? -7.719  -0.853  -6.010  1.00 12.78 ? 117  VAL A CA  1 
ATOM   924  C  C   . VAL A 1 117 ? -7.984  -0.097  -4.716  1.00 13.30 ? 117  VAL A C   1 
ATOM   925  O  O   . VAL A 1 117 ? -8.102  1.137   -4.703  1.00 12.08 ? 117  VAL A O   1 
ATOM   926  C  CB  . VAL A 1 117 ? -6.182  -0.998  -6.250  1.00 12.01 ? 117  VAL A CB  1 
ATOM   927  C  CG1 . VAL A 1 117 ? -5.469  0.339   -6.097  1.00 12.65 ? 117  VAL A CG1 1 
ATOM   928  C  CG2 . VAL A 1 117 ? -5.595  -2.027  -5.264  1.00 12.72 ? 117  VAL A CG2 1 
ATOM   929  N  N   . VAL A 1 118 ? -8.116  -0.847  -3.622  1.00 13.35 ? 118  VAL A N   1 
ATOM   930  C  CA  . VAL A 1 118 ? -8.308  -0.242  -2.308  1.00 13.14 ? 118  VAL A CA  1 
ATOM   931  C  C   . VAL A 1 118 ? -7.045  -0.604  -1.527  1.00 13.09 ? 118  VAL A C   1 
ATOM   932  O  O   . VAL A 1 118 ? -6.596  -1.758  -1.569  1.00 12.90 ? 118  VAL A O   1 
ATOM   933  C  CB  . VAL A 1 118 ? -9.536  -0.805  -1.550  1.00 14.31 ? 118  VAL A CB  1 
ATOM   934  C  CG1 . VAL A 1 118 ? -9.606  -0.225  -0.131  1.00 15.13 ? 118  VAL A CG1 1 
ATOM   935  C  CG2 . VAL A 1 118 ? -10.837 -0.453  -2.321  1.00 15.99 ? 118  VAL A CG2 1 
ATOM   936  N  N   . PHE A 1 119 ? -6.453  0.381   -0.853  1.00 11.74 ? 119  PHE A N   1 
ATOM   937  C  CA  . PHE A 1 119 ? -5.261  0.123   -0.038  1.00 10.75 ? 119  PHE A CA  1 
ATOM   938  C  C   . PHE A 1 119 ? -5.691  0.106   1.433   1.00 10.52 ? 119  PHE A C   1 
ATOM   939  O  O   . PHE A 1 119 ? -6.392  1.015   1.907   1.00 9.92  ? 119  PHE A O   1 
ATOM   940  C  CB  . PHE A 1 119 ? -4.203  1.225   -0.240  1.00 8.61  ? 119  PHE A CB  1 
ATOM   941  C  CG  . PHE A 1 119 ? -3.425  1.114   -1.515  1.00 9.40  ? 119  PHE A CG  1 
ATOM   942  C  CD1 . PHE A 1 119 ? -3.624  0.069   -2.422  1.00 7.79  ? 119  PHE A CD1 1 
ATOM   943  C  CD2 . PHE A 1 119 ? -2.445  2.058   -1.795  1.00 7.90  ? 119  PHE A CD2 1 
ATOM   944  C  CE1 . PHE A 1 119 ? -2.856  -0.033  -3.581  1.00 8.32  ? 119  PHE A CE1 1 
ATOM   945  C  CE2 . PHE A 1 119 ? -1.661  1.961   -2.962  1.00 8.69  ? 119  PHE A CE2 1 
ATOM   946  C  CZ  . PHE A 1 119 ? -1.870  0.905   -3.857  1.00 7.58  ? 119  PHE A CZ  1 
ATOM   947  N  N   . HIS A 1 120 ? -5.254  -0.916  2.167   1.00 10.42 ? 120  HIS A N   1 
ATOM   948  C  CA  . HIS A 1 120 ? -5.626  -1.071  3.579   1.00 10.96 ? 120  HIS A CA  1 
ATOM   949  C  C   . HIS A 1 120 ? -4.393  -0.881  4.463   1.00 10.02 ? 120  HIS A C   1 
ATOM   950  O  O   . HIS A 1 120 ? -3.507  -1.751  4.475   1.00 10.58 ? 120  HIS A O   1 
ATOM   951  C  CB  . HIS A 1 120 ? -6.186  -2.472  3.836   1.00 12.70 ? 120  HIS A CB  1 
ATOM   952  C  CG  . HIS A 1 120 ? -7.424  -2.785  3.059   1.00 13.71 ? 120  HIS A CG  1 
ATOM   953  N  ND1 . HIS A 1 120 ? -7.404  -3.439  1.847   1.00 17.14 ? 120  HIS A ND1 1 
ATOM   954  C  CD2 . HIS A 1 120 ? -8.721  -2.536  3.329   1.00 14.79 ? 120  HIS A CD2 1 
ATOM   955  C  CE1 . HIS A 1 120 ? -8.644  -3.580  1.406   1.00 15.26 ? 120  HIS A CE1 1 
ATOM   956  N  NE2 . HIS A 1 120 ? -9.460  -3.035  2.288   1.00 16.49 ? 120  HIS A NE2 1 
ATOM   957  N  N   . PRO A 1 121 ? -4.308  0.260   5.171   1.00 10.14 ? 121  PRO A N   1 
ATOM   958  C  CA  . PRO A 1 121 ? -3.166  0.553   6.049   1.00 10.77 ? 121  PRO A CA  1 
ATOM   959  C  C   . PRO A 1 121 ? -3.376  -0.004  7.448   1.00 11.97 ? 121  PRO A C   1 
ATOM   960  O  O   . PRO A 1 121 ? -4.509  -0.091  7.928   1.00 12.16 ? 121  PRO A O   1 
ATOM   961  C  CB  . PRO A 1 121 ? -3.106  2.080   6.052   1.00 10.89 ? 121  PRO A CB  1 
ATOM   962  C  CG  . PRO A 1 121 ? -4.551  2.478   5.979   1.00 11.56 ? 121  PRO A CG  1 
ATOM   963  C  CD  . PRO A 1 121 ? -5.179  1.448   5.028   1.00 10.14 ? 121  PRO A CD  1 
ATOM   964  N  N   . PHE A 1 122 ? -2.258  -0.368  8.070   1.00 11.62 ? 122  PHE A N   1 
ATOM   965  C  CA  . PHE A 1 122 ? -2.207  -0.942  9.414   1.00 12.29 ? 122  PHE A CA  1 
ATOM   966  C  C   . PHE A 1 122 ? -1.005  -0.409  10.178  1.00 12.39 ? 122  PHE A C   1 
ATOM   967  O  O   . PHE A 1 122 ? 0.042   -0.112  9.594   1.00 11.77 ? 122  PHE A O   1 
ATOM   968  C  CB  . PHE A 1 122 ? -2.018  -2.469  9.346   1.00 12.60 ? 122  PHE A CB  1 
ATOM   969  C  CG  . PHE A 1 122 ? -3.186  -3.219  8.772   1.00 12.94 ? 122  PHE A CG  1 
ATOM   970  C  CD1 . PHE A 1 122 ? -4.229  -3.640  9.590   1.00 13.46 ? 122  PHE A CD1 1 
ATOM   971  C  CD2 . PHE A 1 122 ? -3.257  -3.469  7.410   1.00 12.10 ? 122  PHE A CD2 1 
ATOM   972  C  CE1 . PHE A 1 122 ? -5.328  -4.291  9.043   1.00 12.24 ? 122  PHE A CE1 1 
ATOM   973  C  CE2 . PHE A 1 122 ? -4.351  -4.128  6.849   1.00 13.37 ? 122  PHE A CE2 1 
ATOM   974  C  CZ  . PHE A 1 122 ? -5.393  -4.535  7.669   1.00 13.33 ? 122  PHE A CZ  1 
ATOM   975  N  N   . LEU A 1 123 ? -1.154  -0.310  11.498  1.00 11.70 ? 123  LEU A N   1 
ATOM   976  C  CA  . LEU A 1 123 ? -0.042  0.089   12.360  1.00 11.84 ? 123  LEU A CA  1 
ATOM   977  C  C   . LEU A 1 123 ? 0.254   -1.198  13.120  1.00 13.17 ? 123  LEU A C   1 
ATOM   978  O  O   . LEU A 1 123 ? -0.632  -1.717  13.810  1.00 14.04 ? 123  LEU A O   1 
ATOM   979  C  CB  . LEU A 1 123 ? -0.450  1.189   13.345  1.00 11.66 ? 123  LEU A CB  1 
ATOM   980  C  CG  . LEU A 1 123 ? 0.496   1.396   14.547  1.00 11.63 ? 123  LEU A CG  1 
ATOM   981  C  CD1 . LEU A 1 123 ? 1.904   1.739   14.062  1.00 11.05 ? 123  LEU A CD1 1 
ATOM   982  C  CD2 . LEU A 1 123 ? -0.042  2.517   15.452  1.00 11.37 ? 123  LEU A CD2 1 
ATOM   983  N  N   . ALA A 1 124 ? 1.468   -1.735  12.965  1.00 12.37 ? 124  ALA A N   1 
ATOM   984  C  CA  . ALA A 1 124 ? 1.855   -2.990  13.633  1.00 12.98 ? 124  ALA A CA  1 
ATOM   985  C  C   . ALA A 1 124 ? 2.746   -2.676  14.815  1.00 12.86 ? 124  ALA A C   1 
ATOM   986  O  O   . ALA A 1 124 ? 3.746   -1.999  14.658  1.00 13.71 ? 124  ALA A O   1 
ATOM   987  C  CB  . ALA A 1 124 ? 2.594   -3.910  12.662  1.00 13.20 ? 124  ALA A CB  1 
ATOM   988  N  N   . LEU A 1 125 ? 2.373   -3.190  15.996  1.00 13.76 ? 125  LEU A N   1 
ATOM   989  C  CA  . LEU A 1 125 ? 3.116   -2.949  17.234  1.00 14.35 ? 125  LEU A CA  1 
ATOM   990  C  C   . LEU A 1 125 ? 4.021   -4.109  17.636  1.00 14.58 ? 125  LEU A C   1 
ATOM   991  O  O   . LEU A 1 125 ? 3.730   -5.264  17.333  1.00 14.13 ? 125  LEU A O   1 
ATOM   992  C  CB  . LEU A 1 125 ? 2.130   -2.693  18.372  1.00 14.74 ? 125  LEU A CB  1 
ATOM   993  C  CG  . LEU A 1 125 ? 1.108   -1.593  18.113  1.00 15.28 ? 125  LEU A CG  1 
ATOM   994  C  CD1 . LEU A 1 125 ? 0.203   -1.480  19.347  1.00 16.73 ? 125  LEU A CD1 1 
ATOM   995  C  CD2 . LEU A 1 125 ? 1.827   -0.275  17.836  1.00 15.14 ? 125  LEU A CD2 1 
ATOM   996  N  N   . LYS A 1 126 ? 5.097   -3.768  18.338  1.00 15.36 ? 126  LYS A N   1 
ATOM   997  C  CA  . LYS A 1 126 ? 6.091   -4.729  18.797  1.00 16.49 ? 126  LYS A CA  1 
ATOM   998  C  C   . LYS A 1 126 ? 6.676   -5.504  17.630  1.00 16.15 ? 126  LYS A C   1 
ATOM   999  O  O   . LYS A 1 126 ? 6.828   -6.732  17.691  1.00 15.25 ? 126  LYS A O   1 
ATOM   1000 C  CB  . LYS A 1 126 ? 5.469   -5.694  19.819  1.00 18.09 ? 126  LYS A CB  1 
ATOM   1001 C  CG  . LYS A 1 126 ? 4.880   -4.957  21.018  1.00 19.91 ? 126  LYS A CG  1 
ATOM   1002 C  CD  . LYS A 1 126 ? 4.635   -5.903  22.209  1.00 23.21 ? 126  LYS A CD  1 
ATOM   1003 C  CE  . LYS A 1 126 ? 4.107   -5.135  23.422  1.00 25.48 ? 126  LYS A CE  1 
ATOM   1004 N  NZ  . LYS A 1 126 ? 3.781   -6.037  24.582  1.00 26.82 ? 126  LYS A NZ  1 
ATOM   1005 N  N   . ALA A 1 127 ? 6.987   -4.782  16.551  1.00 15.28 ? 127  ALA A N   1 
ATOM   1006 C  CA  . ALA A 1 127 ? 7.568   -5.426  15.385  1.00 15.65 ? 127  ALA A CA  1 
ATOM   1007 C  C   . ALA A 1 127 ? 8.979   -5.843  15.729  1.00 14.82 ? 127  ALA A C   1 
ATOM   1008 O  O   . ALA A 1 127 ? 9.714   -5.126  16.442  1.00 14.35 ? 127  ALA A O   1 
ATOM   1009 C  CB  . ALA A 1 127 ? 7.602   -4.472  14.191  1.00 15.27 ? 127  ALA A CB  1 
ATOM   1010 N  N   . ARG A 1 128 ? 9.352   -7.000  15.204  1.00 15.53 ? 128  ARG A N   1 
ATOM   1011 C  CA  . ARG A 1 128 ? 10.670  -7.548  15.428  1.00 16.19 ? 128  ARG A CA  1 
ATOM   1012 C  C   . ARG A 1 128 ? 11.100  -8.434  14.278  1.00 15.12 ? 128  ARG A C   1 
ATOM   1013 O  O   . ARG A 1 128 ? 10.299  -9.181  13.719  1.00 14.84 ? 128  ARG A O   1 
ATOM   1014 C  CB  . ARG A 1 128 ? 10.669  -8.379  16.707  1.00 18.46 ? 128  ARG A CB  1 
ATOM   1015 C  CG  . ARG A 1 128 ? 9.639   -9.460  16.689  1.00 21.45 ? 128  ARG A CG  1 
ATOM   1016 C  CD  . ARG A 1 128 ? 9.735   -10.365 17.918  1.00 25.48 ? 128  ARG A CD  1 
ATOM   1017 N  NE  . ARG A 1 128 ? 9.686   -9.634  19.184  1.00 26.96 ? 128  ARG A NE  1 
ATOM   1018 C  CZ  . ARG A 1 128 ? 10.751  -9.153  19.828  1.00 28.89 ? 128  ARG A CZ  1 
ATOM   1019 N  NH1 . ARG A 1 128 ? 11.974  -9.315  19.332  1.00 29.62 ? 128  ARG A NH1 1 
ATOM   1020 N  NH2 . ARG A 1 128 ? 10.596  -8.518  20.983  1.00 29.30 ? 128  ARG A NH2 1 
ATOM   1021 N  N   . VAL A 1 129 ? 12.378  -8.344  13.929  1.00 14.40 ? 129  VAL A N   1 
ATOM   1022 C  CA  . VAL A 1 129 ? 12.934  -9.166  12.856  1.00 14.34 ? 129  VAL A CA  1 
ATOM   1023 C  C   . VAL A 1 129 ? 13.209  -10.554 13.419  1.00 14.72 ? 129  VAL A C   1 
ATOM   1024 O  O   . VAL A 1 129 ? 13.832  -10.694 14.467  1.00 13.92 ? 129  VAL A O   1 
ATOM   1025 C  CB  . VAL A 1 129 ? 14.243  -8.562  12.341  1.00 15.41 ? 129  VAL A CB  1 
ATOM   1026 C  CG1 . VAL A 1 129 ? 14.902  -9.488  11.320  1.00 16.27 ? 129  VAL A CG1 1 
ATOM   1027 C  CG2 . VAL A 1 129 ? 13.945  -7.211  11.717  1.00 14.64 ? 129  VAL A CG2 1 
ATOM   1028 N  N   . VAL A 1 130 ? 12.739  -11.569 12.710  1.00 13.26 ? 130  VAL A N   1 
ATOM   1029 C  CA  . VAL A 1 130 ? 12.909  -12.941 13.149  1.00 14.46 ? 130  VAL A CA  1 
ATOM   1030 C  C   . VAL A 1 130 ? 13.424  -13.873 12.065  1.00 14.37 ? 130  VAL A C   1 
ATOM   1031 O  O   . VAL A 1 130 ? 13.749  -15.032 12.339  1.00 14.54 ? 130  VAL A O   1 
ATOM   1032 C  CB  . VAL A 1 130 ? 11.567  -13.481 13.689  1.00 14.56 ? 130  VAL A CB  1 
ATOM   1033 C  CG1 . VAL A 1 130 ? 11.086  -12.579 14.814  1.00 16.17 ? 130  VAL A CG1 1 
ATOM   1034 C  CG2 . VAL A 1 130 ? 10.518  -13.531 12.561  1.00 17.67 ? 130  VAL A CG2 1 
ATOM   1035 N  N   . THR A 1 131 ? 13.538  -13.373 10.835  1.00 13.97 ? 131  THR A N   1 
ATOM   1036 C  CA  . THR A 1 131 ? 13.956  -14.238 9.748   1.00 14.75 ? 131  THR A CA  1 
ATOM   1037 C  C   . THR A 1 131 ? 14.516  -13.418 8.575   1.00 15.08 ? 131  THR A C   1 
ATOM   1038 O  O   . THR A 1 131 ? 14.369  -12.195 8.548   1.00 13.92 ? 131  THR A O   1 
ATOM   1039 C  CB  . THR A 1 131 ? 12.733  -15.062 9.275   1.00 15.72 ? 131  THR A CB  1 
ATOM   1040 O  OG1 . THR A 1 131 ? 13.174  -16.178 8.490   1.00 19.44 ? 131  THR A OG1 1 
ATOM   1041 C  CG2 . THR A 1 131 ? 11.776  -14.181 8.456   1.00 15.22 ? 131  THR A CG2 1 
ATOM   1042 N  N   . PRO A 1 132 ? 15.205  -14.067 7.621   1.00 15.65 ? 132  PRO A N   1 
ATOM   1043 C  CA  . PRO A 1 132 ? 15.705  -13.249 6.512   1.00 16.30 ? 132  PRO A CA  1 
ATOM   1044 C  C   . PRO A 1 132 ? 14.550  -12.912 5.573   1.00 16.22 ? 132  PRO A C   1 
ATOM   1045 O  O   . PRO A 1 132 ? 13.562  -13.650 5.495   1.00 15.46 ? 132  PRO A O   1 
ATOM   1046 C  CB  . PRO A 1 132 ? 16.685  -14.181 5.810   1.00 17.00 ? 132  PRO A CB  1 
ATOM   1047 C  CG  . PRO A 1 132 ? 17.241  -14.997 6.970   1.00 17.42 ? 132  PRO A CG  1 
ATOM   1048 C  CD  . PRO A 1 132 ? 15.953  -15.340 7.697   1.00 16.46 ? 132  PRO A CD  1 
ATOM   1049 N  N   . PRO A 1 133 ? 14.647  -11.787 4.861   1.00 17.08 ? 133  PRO A N   1 
ATOM   1050 C  CA  . PRO A 1 133 ? 13.560  -11.448 3.936   1.00 16.99 ? 133  PRO A CA  1 
ATOM   1051 C  C   . PRO A 1 133 ? 13.513  -12.485 2.810   1.00 18.53 ? 133  PRO A C   1 
ATOM   1052 O  O   . PRO A 1 133 ? 14.499  -13.185 2.559   1.00 17.61 ? 133  PRO A O   1 
ATOM   1053 C  CB  . PRO A 1 133 ? 13.969  -10.072 3.420   1.00 18.04 ? 133  PRO A CB  1 
ATOM   1054 C  CG  . PRO A 1 133 ? 14.691  -9.473  4.590   1.00 18.69 ? 133  PRO A CG  1 
ATOM   1055 C  CD  . PRO A 1 133 ? 15.551  -10.640 5.061   1.00 17.64 ? 133  PRO A CD  1 
ATOM   1056 N  N   . THR A 1 134 ? 12.370  -12.564 2.130   1.00 19.43 ? 134  THR A N   1 
ATOM   1057 C  CA  . THR A 1 134 ? 12.143  -13.497 1.027   1.00 21.53 ? 134  THR A CA  1 
ATOM   1058 C  C   . THR A 1 134 ? 11.450  -12.695 -0.060  1.00 22.63 ? 134  THR A C   1 
ATOM   1059 O  O   . THR A 1 134 ? 10.220  -12.650 -0.114  1.00 22.27 ? 134  THR A O   1 
ATOM   1060 C  CB  . THR A 1 134 ? 11.207  -14.636 1.455   1.00 23.23 ? 134  THR A CB  1 
ATOM   1061 O  OG1 . THR A 1 134 ? 11.844  -15.400 2.489   1.00 25.87 ? 134  THR A OG1 1 
ATOM   1062 C  CG2 . THR A 1 134 ? 10.890  -15.554 0.264   1.00 23.81 ? 134  THR A CG2 1 
ATOM   1063 N  N   . LEU A 1 135 ? 12.243  -12.074 -0.924  1.00 22.85 ? 135  LEU A N   1 
ATOM   1064 C  CA  . LEU A 1 135 ? 11.687  -11.233 -1.978  1.00 25.05 ? 135  LEU A CA  1 
ATOM   1065 C  C   . LEU A 1 135 ? 11.316  -11.963 -3.252  1.00 27.01 ? 135  LEU A C   1 
ATOM   1066 O  O   . LEU A 1 135 ? 11.928  -12.971 -3.613  1.00 26.98 ? 135  LEU A O   1 
ATOM   1067 C  CB  . LEU A 1 135 ? 12.664  -10.110 -2.318  1.00 23.97 ? 135  LEU A CB  1 
ATOM   1068 C  CG  . LEU A 1 135 ? 13.090  -9.199  -1.163  1.00 23.56 ? 135  LEU A CG  1 
ATOM   1069 C  CD1 . LEU A 1 135 ? 14.024  -8.126  -1.715  1.00 23.81 ? 135  LEU A CD1 1 
ATOM   1070 C  CD2 . LEU A 1 135 ? 11.871  -8.552  -0.510  1.00 23.56 ? 135  LEU A CD2 1 
ATOM   1071 N  N   . GLU A 1 136 ? 10.303  -11.436 -3.930  1.00 29.15 ? 136  GLU A N   1 
ATOM   1072 C  CA  . GLU A 1 136 ? 9.844   -12.009 -5.183  1.00 31.58 ? 136  GLU A CA  1 
ATOM   1073 C  C   . GLU A 1 136 ? 10.776  -11.592 -6.298  1.00 32.14 ? 136  GLU A C   1 
ATOM   1074 O  O   . GLU A 1 136 ? 11.531  -10.623 -6.166  1.00 31.69 ? 136  GLU A O   1 
ATOM   1075 C  CB  . GLU A 1 136 ? 8.447   -11.494 -5.530  1.00 33.47 ? 136  GLU A CB  1 
ATOM   1076 C  CG  . GLU A 1 136 ? 7.383   -11.803 -4.514  1.00 36.03 ? 136  GLU A CG  1 
ATOM   1077 C  CD  . GLU A 1 136 ? 5.997   -11.720 -5.119  1.00 37.77 ? 136  GLU A CD  1 
ATOM   1078 O  OE1 . GLU A 1 136 ? 5.738   -12.471 -6.086  1.00 39.88 ? 136  GLU A OE1 1 
ATOM   1079 O  OE2 . GLU A 1 136 ? 5.171   -10.912 -4.638  1.00 38.31 ? 136  GLU A OE2 1 
ATOM   1080 N  N   . GLU A 1 137 ? 10.740  -12.329 -7.401  1.00 32.73 ? 137  GLU A N   1 
ATOM   1081 C  CA  . GLU A 1 137 ? 11.550  -11.941 -8.536  1.00 33.52 ? 137  GLU A CA  1 
ATOM   1082 C  C   . GLU A 1 137 ? 10.833  -10.659 -8.932  1.00 32.32 ? 137  GLU A C   1 
ATOM   1083 O  O   . GLU A 1 137 ? 9.600   -10.627 -9.010  1.00 33.00 ? 137  GLU A O   1 
ATOM   1084 C  CB  . GLU A 1 137 ? 11.465  -12.978 -9.664  1.00 35.85 ? 137  GLU A CB  1 
ATOM   1085 C  CG  . GLU A 1 137 ? 12.581  -14.020 -9.633  1.00 38.95 ? 137  GLU A CG  1 
ATOM   1086 C  CD  . GLU A 1 137 ? 12.636  -14.793 -8.321  1.00 41.34 ? 137  GLU A CD  1 
ATOM   1087 O  OE1 . GLU A 1 137 ? 11.691  -15.568 -8.038  1.00 42.60 ? 137  GLU A OE1 1 
ATOM   1088 O  OE2 . GLU A 1 137 ? 13.624  -14.623 -7.567  1.00 42.79 ? 137  GLU A OE2 1 
ATOM   1089 N  N   . GLY A 1 138 ? 11.582  -9.594  -9.154  1.00 30.33 ? 138  GLY A N   1 
ATOM   1090 C  CA  . GLY A 1 138 ? 10.928  -8.351  -9.506  1.00 28.40 ? 138  GLY A CA  1 
ATOM   1091 C  C   . GLY A 1 138 ? 11.052  -7.319  -8.400  1.00 26.55 ? 138  GLY A C   1 
ATOM   1092 O  O   . GLY A 1 138 ? 11.100  -6.129  -8.680  1.00 27.56 ? 138  GLY A O   1 
ATOM   1093 N  N   . GLU A 1 139 ? 11.112  -7.759  -7.143  1.00 23.99 ? 139  GLU A N   1 
ATOM   1094 C  CA  . GLU A 1 139 ? 11.245  -6.812  -6.035  1.00 21.29 ? 139  GLU A CA  1 
ATOM   1095 C  C   . GLU A 1 139 ? 12.712  -6.494  -5.752  1.00 20.24 ? 139  GLU A C   1 
ATOM   1096 O  O   . GLU A 1 139 ? 13.528  -7.397  -5.569  1.00 20.95 ? 139  GLU A O   1 
ATOM   1097 C  CB  . GLU A 1 139 ? 10.610  -7.370  -4.752  1.00 21.59 ? 139  GLU A CB  1 
ATOM   1098 C  CG  . GLU A 1 139 ? 9.096   -7.459  -4.791  1.00 22.06 ? 139  GLU A CG  1 
ATOM   1099 C  CD  . GLU A 1 139 ? 8.522   -8.019  -3.508  1.00 22.51 ? 139  GLU A CD  1 
ATOM   1100 O  OE1 . GLU A 1 139 ? 9.095   -9.012  -3.005  1.00 22.53 ? 139  GLU A OE1 1 
ATOM   1101 O  OE2 . GLU A 1 139 ? 7.498   -7.485  -3.015  1.00 20.27 ? 139  GLU A OE2 1 
ATOM   1102 N  N   . LEU A 1 140 ? 13.046  -5.207  -5.737  1.00 17.10 ? 140  LEU A N   1 
ATOM   1103 C  CA  . LEU A 1 140 ? 14.399  -4.763  -5.440  1.00 15.68 ? 140  LEU A CA  1 
ATOM   1104 C  C   . LEU A 1 140 ? 14.269  -3.780  -4.270  1.00 14.67 ? 140  LEU A C   1 
ATOM   1105 O  O   . LEU A 1 140 ? 13.815  -2.639  -4.431  1.00 14.02 ? 140  LEU A O   1 
ATOM   1106 C  CB  . LEU A 1 140 ? 15.017  -4.068  -6.658  1.00 15.05 ? 140  LEU A CB  1 
ATOM   1107 C  CG  . LEU A 1 140 ? 16.421  -3.512  -6.458  1.00 15.27 ? 140  LEU A CG  1 
ATOM   1108 C  CD1 . LEU A 1 140 ? 17.364  -4.630  -5.972  1.00 16.40 ? 140  LEU A CD1 1 
ATOM   1109 C  CD2 . LEU A 1 140 ? 16.924  -2.933  -7.795  1.00 15.67 ? 140  LEU A CD2 1 
ATOM   1110 N  N   . LEU A 1 141 ? 14.651  -4.229  -3.079  1.00 13.61 ? 141  LEU A N   1 
ATOM   1111 C  CA  . LEU A 1 141 ? 14.516  -3.371  -1.915  1.00 14.26 ? 141  LEU A CA  1 
ATOM   1112 C  C   . LEU A 1 141 ? 15.435  -3.821  -0.805  1.00 14.29 ? 141  LEU A C   1 
ATOM   1113 O  O   . LEU A 1 141 ? 15.925  -4.950  -0.817  1.00 15.15 ? 141  LEU A O   1 
ATOM   1114 C  CB  . LEU A 1 141 ? 13.074  -3.423  -1.418  1.00 13.69 ? 141  LEU A CB  1 
ATOM   1115 C  CG  . LEU A 1 141 ? 12.570  -4.752  -0.847  1.00 15.00 ? 141  LEU A CG  1 
ATOM   1116 C  CD1 . LEU A 1 141 ? 12.926  -4.847  0.650   1.00 14.40 ? 141  LEU A CD1 1 
ATOM   1117 C  CD2 . LEU A 1 141 ? 11.052  -4.825  -1.007  1.00 14.40 ? 141  LEU A CD2 1 
ATOM   1118 N  N   . GLU A 1 142 ? 15.646  -2.928  0.153   1.00 15.60 ? 142  GLU A N   1 
ATOM   1119 C  CA  . GLU A 1 142 ? 16.480  -3.197  1.313   1.00 17.11 ? 142  GLU A CA  1 
ATOM   1120 C  C   . GLU A 1 142 ? 15.667  -2.722  2.496   1.00 17.63 ? 142  GLU A C   1 
ATOM   1121 O  O   . GLU A 1 142 ? 14.968  -1.718  2.390   1.00 15.21 ? 142  GLU A O   1 
ATOM   1122 C  CB  . GLU A 1 142 ? 17.753  -2.357  1.262   1.00 20.99 ? 142  GLU A CB  1 
ATOM   1123 C  CG  . GLU A 1 142 ? 18.717  -2.733  0.154   1.00 27.49 ? 142  GLU A CG  1 
ATOM   1124 C  CD  . GLU A 1 142 ? 19.827  -3.628  0.646   1.00 30.47 ? 142  GLU A CD  1 
ATOM   1125 O  OE1 . GLU A 1 142 ? 20.681  -3.130  1.414   1.00 33.50 ? 142  GLU A OE1 1 
ATOM   1126 O  OE2 . GLU A 1 142 ? 19.840  -4.827  0.274   1.00 33.73 ? 142  GLU A OE2 1 
ATOM   1127 N  N   . SER A 1 143 ? 15.769  -3.402  3.632   1.00 17.40 ? 143  SER A N   1 
ATOM   1128 C  CA  . SER A 1 143 ? 15.016  -2.933  4.781   1.00 18.44 ? 143  SER A CA  1 
ATOM   1129 C  C   . SER A 1 143 ? 15.940  -2.072  5.618   1.00 19.26 ? 143  SER A C   1 
ATOM   1130 O  O   . SER A 1 143 ? 17.172  -2.159  5.508   1.00 18.36 ? 143  SER A O   1 
ATOM   1131 C  CB  . SER A 1 143 ? 14.467  -4.115  5.605   1.00 20.22 ? 143  SER A CB  1 
ATOM   1132 O  OG  . SER A 1 143 ? 15.491  -5.028  5.905   1.00 21.77 ? 143  SER A OG  1 
ATOM   1133 N  N   . LEU A 1 144 ? 15.352  -1.186  6.408   1.00 18.62 ? 144  LEU A N   1 
ATOM   1134 C  CA  . LEU A 1 144 ? 16.148  -0.340  7.273   1.00 20.41 ? 144  LEU A CA  1 
ATOM   1135 C  C   . LEU A 1 144 ? 15.339  -0.003  8.500   1.00 19.60 ? 144  LEU A C   1 
ATOM   1136 O  O   . LEU A 1 144 ? 14.131  -0.270  8.566   1.00 20.31 ? 144  LEU A O   1 
ATOM   1137 C  CB  . LEU A 1 144 ? 16.577  0.949   6.568   1.00 21.27 ? 144  LEU A CB  1 
ATOM   1138 C  CG  . LEU A 1 144 ? 15.506  1.926   6.093   1.00 22.84 ? 144  LEU A CG  1 
ATOM   1139 C  CD1 . LEU A 1 144 ? 16.090  3.320   5.925   1.00 23.75 ? 144  LEU A CD1 1 
ATOM   1140 C  CD2 . LEU A 1 144 ? 14.919  1.422   4.799   1.00 22.99 ? 144  LEU A CD2 1 
ATOM   1141 N  N   . GLU A 1 145 ? 16.007  0.588   9.475   1.00 19.33 ? 145  GLU A N   1 
ATOM   1142 C  CA  . GLU A 1 145 ? 15.345  0.960   10.707  1.00 18.73 ? 145  GLU A CA  1 
ATOM   1143 C  C   . GLU A 1 145 ? 15.636  2.428   10.981  1.00 18.51 ? 145  GLU A C   1 
ATOM   1144 O  O   . GLU A 1 145 ? 16.789  2.880   10.881  1.00 18.34 ? 145  GLU A O   1 
ATOM   1145 C  CB  . GLU A 1 145 ? 15.862  0.094   11.856  1.00 20.15 ? 145  GLU A CB  1 
ATOM   1146 C  CG  . GLU A 1 145 ? 15.100  0.283   13.152  1.00 21.98 ? 145  GLU A CG  1 
ATOM   1147 C  CD  . GLU A 1 145 ? 15.709  -0.503  14.286  1.00 24.12 ? 145  GLU A CD  1 
ATOM   1148 O  OE1 . GLU A 1 145 ? 15.117  -0.523  15.381  1.00 23.02 ? 145  GLU A OE1 1 
ATOM   1149 O  OE2 . GLU A 1 145 ? 16.792  -1.098  14.071  1.00 26.05 ? 145  GLU A OE2 1 
ATOM   1150 N  N   . LEU A 1 146 ? 14.590  3.172   11.306  1.00 17.39 ? 146  LEU A N   1 
ATOM   1151 C  CA  . LEU A 1 146 ? 14.721  4.589   11.607  1.00 18.31 ? 146  LEU A CA  1 
ATOM   1152 C  C   . LEU A 1 146 ? 13.933  4.986   12.830  1.00 18.05 ? 146  LEU A C   1 
ATOM   1153 O  O   . LEU A 1 146 ? 12.828  4.497   13.053  1.00 18.12 ? 146  LEU A O   1 
ATOM   1154 C  CB  . LEU A 1 146 ? 14.188  5.454   10.463  1.00 18.31 ? 146  LEU A CB  1 
ATOM   1155 C  CG  . LEU A 1 146 ? 14.961  5.616   9.165   1.00 20.80 ? 146  LEU A CG  1 
ATOM   1156 C  CD1 . LEU A 1 146 ? 14.224  6.610   8.274   1.00 21.38 ? 146  LEU A CD1 1 
ATOM   1157 C  CD2 . LEU A 1 146 ? 16.360  6.115   9.462   1.00 20.78 ? 146  LEU A CD2 1 
ATOM   1158 N  N   . PRO A 1 147 ? 14.477  5.915   13.630  1.00 18.55 ? 147  PRO A N   1 
ATOM   1159 C  CA  . PRO A 1 147 ? 13.754  6.365   14.822  1.00 17.92 ? 147  PRO A CA  1 
ATOM   1160 C  C   . PRO A 1 147 ? 12.463  7.035   14.327  1.00 17.76 ? 147  PRO A C   1 
ATOM   1161 O  O   . PRO A 1 147 ? 12.487  7.760   13.329  1.00 16.27 ? 147  PRO A O   1 
ATOM   1162 C  CB  . PRO A 1 147 ? 14.700  7.397   15.438  1.00 18.96 ? 147  PRO A CB  1 
ATOM   1163 C  CG  . PRO A 1 147 ? 16.046  6.957   14.990  1.00 19.73 ? 147  PRO A CG  1 
ATOM   1164 C  CD  . PRO A 1 147 ? 15.821  6.516   13.551  1.00 19.49 ? 147  PRO A CD  1 
ATOM   1165 N  N   . LEU A 1 148 ? 11.346  6.822   15.016  1.00 17.93 ? 148  LEU A N   1 
ATOM   1166 C  CA  . LEU A 1 148 ? 10.086  7.444   14.598  1.00 17.46 ? 148  LEU A CA  1 
ATOM   1167 C  C   . LEU A 1 148 ? 10.194  8.957   14.518  1.00 18.34 ? 148  LEU A C   1 
ATOM   1168 O  O   . LEU A 1 148 ? 9.576   9.585   13.662  1.00 18.06 ? 148  LEU A O   1 
ATOM   1169 C  CB  . LEU A 1 148 ? 8.962   7.083   15.563  1.00 17.00 ? 148  LEU A CB  1 
ATOM   1170 C  CG  . LEU A 1 148 ? 8.401   5.674   15.452  1.00 17.65 ? 148  LEU A CG  1 
ATOM   1171 C  CD1 . LEU A 1 148 ? 7.410   5.445   16.578  1.00 17.24 ? 148  LEU A CD1 1 
ATOM   1172 C  CD2 . LEU A 1 148 ? 7.709   5.499   14.099  1.00 17.60 ? 148  LEU A CD2 1 
ATOM   1173 N  N   . THR A 1 149 ? 10.971  9.560   15.414  1.00 18.33 ? 149  THR A N   1 
ATOM   1174 C  CA  . THR A 1 149 ? 11.115  11.009  15.361  1.00 18.75 ? 149  THR A CA  1 
ATOM   1175 C  C   . THR A 1 149 ? 11.689  11.420  14.005  1.00 18.21 ? 149  THR A C   1 
ATOM   1176 O  O   . THR A 1 149 ? 11.281  12.435  13.437  1.00 18.61 ? 149  THR A O   1 
ATOM   1177 C  CB  . THR A 1 149 ? 12.032  11.520  16.491  1.00 19.42 ? 149  THR A CB  1 
ATOM   1178 O  OG1 . THR A 1 149 ? 13.270  10.801  16.451  1.00 20.13 ? 149  THR A OG1 1 
ATOM   1179 C  CG2 . THR A 1 149 ? 11.365  11.308  17.844  1.00 21.09 ? 149  THR A CG2 1 
ATOM   1180 N  N   . GLU A 1 150 ? 12.620  10.634  13.470  1.00 18.15 ? 150  GLU A N   1 
ATOM   1181 C  CA  . GLU A 1 150 ? 13.213  10.969  12.175  1.00 18.31 ? 150  GLU A CA  1 
ATOM   1182 C  C   . GLU A 1 150 ? 12.229  10.726  11.040  1.00 17.68 ? 150  GLU A C   1 
ATOM   1183 O  O   . GLU A 1 150 ? 12.186  11.499  10.078  1.00 17.07 ? 150  GLU A O   1 
ATOM   1184 C  CB  . GLU A 1 150 ? 14.483  10.152  11.916  1.00 21.03 ? 150  GLU A CB  1 
ATOM   1185 C  CG  . GLU A 1 150 ? 15.713  10.735  12.616  1.00 25.13 ? 150  GLU A CG  1 
ATOM   1186 C  CD  . GLU A 1 150 ? 16.913  9.812   12.557  1.00 27.35 ? 150  GLU A CD  1 
ATOM   1187 O  OE1 . GLU A 1 150 ? 17.096  9.138   11.514  1.00 28.10 ? 150  GLU A OE1 1 
ATOM   1188 O  OE2 . GLU A 1 150 ? 17.681  9.772   13.554  1.00 29.65 ? 150  GLU A OE2 1 
ATOM   1189 N  N   . VAL A 1 151 ? 11.467  9.642   11.141  1.00 15.92 ? 151  VAL A N   1 
ATOM   1190 C  CA  . VAL A 1 151 ? 10.479  9.336   10.098  1.00 15.35 ? 151  VAL A CA  1 
ATOM   1191 C  C   . VAL A 1 151 ? 9.453   10.453  10.032  1.00 15.12 ? 151  VAL A C   1 
ATOM   1192 O  O   . VAL A 1 151 ? 9.089   10.904  8.932   1.00 15.90 ? 151  VAL A O   1 
ATOM   1193 C  CB  . VAL A 1 151 ? 9.762   7.978   10.361  1.00 14.61 ? 151  VAL A CB  1 
ATOM   1194 C  CG1 . VAL A 1 151 ? 8.628   7.765   9.337   1.00 14.59 ? 151  VAL A CG1 1 
ATOM   1195 C  CG2 . VAL A 1 151 ? 10.763  6.832   10.264  1.00 14.21 ? 151  VAL A CG2 1 
ATOM   1196 N  N   . TYR A 1 152 ? 8.992   10.927  11.195  1.00 14.56 ? 152  TYR A N   1 
ATOM   1197 C  CA  . TYR A 1 152 ? 8.000   11.993  11.193  1.00 13.91 ? 152  TYR A CA  1 
ATOM   1198 C  C   . TYR A 1 152 ? 8.588   13.339  10.828  1.00 14.83 ? 152  TYR A C   1 
ATOM   1199 O  O   . TYR A 1 152 ? 7.869   14.209  10.355  1.00 14.64 ? 152  TYR A O   1 
ATOM   1200 C  CB  . TYR A 1 152 ? 7.222   12.042  12.520  1.00 13.19 ? 152  TYR A CB  1 
ATOM   1201 C  CG  . TYR A 1 152 ? 6.109   11.018  12.501  1.00 12.37 ? 152  TYR A CG  1 
ATOM   1202 C  CD1 . TYR A 1 152 ? 6.341   9.702   12.885  1.00 10.84 ? 152  TYR A CD1 1 
ATOM   1203 C  CD2 . TYR A 1 152 ? 4.855   11.346  11.971  1.00 11.62 ? 152  TYR A CD2 1 
ATOM   1204 C  CE1 . TYR A 1 152 ? 5.357   8.726   12.744  1.00 13.36 ? 152  TYR A CE1 1 
ATOM   1205 C  CE2 . TYR A 1 152 ? 3.852   10.377  11.821  1.00 13.38 ? 152  TYR A CE2 1 
ATOM   1206 C  CZ  . TYR A 1 152 ? 4.113   9.067   12.211  1.00 12.63 ? 152  TYR A CZ  1 
ATOM   1207 O  OH  . TYR A 1 152 ? 3.155   8.077   12.085  1.00 12.70 ? 152  TYR A OH  1 
ATOM   1208 N  N   . ALA A 1 153 ? 9.898   13.511  11.033  1.00 15.50 ? 153  ALA A N   1 
ATOM   1209 C  CA  . ALA A 1 153 ? 10.548  14.757  10.630  1.00 16.49 ? 153  ALA A CA  1 
ATOM   1210 C  C   . ALA A 1 153 ? 10.551  14.776  9.103   1.00 15.94 ? 153  ALA A C   1 
ATOM   1211 O  O   . ALA A 1 153 ? 10.255  15.804  8.494   1.00 16.86 ? 153  ALA A O   1 
ATOM   1212 C  CB  . ALA A 1 153 ? 12.003  14.819  11.172  1.00 16.92 ? 153  ALA A CB  1 
ATOM   1213 N  N   . LEU A 1 154 ? 10.884  13.642  8.483   1.00 14.62 ? 154  LEU A N   1 
ATOM   1214 C  CA  . LEU A 1 154 ? 10.887  13.555  7.025   1.00 14.47 ? 154  LEU A CA  1 
ATOM   1215 C  C   . LEU A 1 154 ? 9.484   13.825  6.488   1.00 14.51 ? 154  LEU A C   1 
ATOM   1216 O  O   . LEU A 1 154 ? 9.320   14.496  5.468   1.00 14.61 ? 154  LEU A O   1 
ATOM   1217 C  CB  . LEU A 1 154 ? 11.327  12.163  6.561   1.00 15.58 ? 154  LEU A CB  1 
ATOM   1218 C  CG  . LEU A 1 154 ? 12.776  11.786  6.861   1.00 15.85 ? 154  LEU A CG  1 
ATOM   1219 C  CD1 . LEU A 1 154 ? 13.015  10.289  6.582   1.00 17.43 ? 154  LEU A CD1 1 
ATOM   1220 C  CD2 . LEU A 1 154 ? 13.695  12.656  6.004   1.00 18.18 ? 154  LEU A CD2 1 
ATOM   1221 N  N   . LEU A 1 155 ? 8.479   13.275  7.159   1.00 13.61 ? 155  LEU A N   1 
ATOM   1222 C  CA  . LEU A 1 155 ? 7.093   13.483  6.738   1.00 14.09 ? 155  LEU A CA  1 
ATOM   1223 C  C   . LEU A 1 155 ? 6.759   14.974  6.749   1.00 15.33 ? 155  LEU A C   1 
ATOM   1224 O  O   . LEU A 1 155 ? 6.260   15.511  5.771   1.00 14.94 ? 155  LEU A O   1 
ATOM   1225 C  CB  . LEU A 1 155 ? 6.121   12.745  7.660   1.00 13.14 ? 155  LEU A CB  1 
ATOM   1226 C  CG  . LEU A 1 155 ? 4.637   12.878  7.267   1.00 12.91 ? 155  LEU A CG  1 
ATOM   1227 C  CD1 . LEU A 1 155 ? 4.376   12.057  5.971   1.00 12.45 ? 155  LEU A CD1 1 
ATOM   1228 C  CD2 . LEU A 1 155 ? 3.756   12.376  8.402   1.00 13.32 ? 155  LEU A CD2 1 
ATOM   1229 N  N   . ALA A 1 156 ? 7.037   15.633  7.867   1.00 16.84 ? 156  ALA A N   1 
ATOM   1230 C  CA  . ALA A 1 156 ? 6.762   17.064  8.003   1.00 18.41 ? 156  ALA A CA  1 
ATOM   1231 C  C   . ALA A 1 156 ? 7.539   17.911  7.003   1.00 19.91 ? 156  ALA A C   1 
ATOM   1232 O  O   . ALA A 1 156 ? 7.041   18.946  6.546   1.00 20.69 ? 156  ALA A O   1 
ATOM   1233 C  CB  . ALA A 1 156 ? 7.085   17.525  9.432   1.00 19.49 ? 156  ALA A CB  1 
ATOM   1234 N  N   . LYS A 1 157 ? 8.755   17.485  6.665   1.00 20.12 ? 157  LYS A N   1 
ATOM   1235 C  CA  . LYS A 1 157 ? 9.584   18.224  5.717   1.00 21.37 ? 157  LYS A CA  1 
ATOM   1236 C  C   . LYS A 1 157 ? 9.152   17.993  4.274   1.00 20.99 ? 157  LYS A C   1 
ATOM   1237 O  O   . LYS A 1 157 ? 9.688   18.613  3.351   1.00 21.31 ? 157  LYS A O   1 
ATOM   1238 C  CB  . LYS A 1 157 ? 11.059  17.842  5.879   1.00 22.95 ? 157  LYS A CB  1 
ATOM   1239 C  CG  . LYS A 1 157 ? 11.678  18.346  7.176   1.00 25.91 ? 157  LYS A CG  1 
ATOM   1240 C  CD  . LYS A 1 157 ? 13.086  17.781  7.392   1.00 28.59 ? 157  LYS A CD  1 
ATOM   1241 C  CE  . LYS A 1 157 ? 13.662  18.241  8.726   1.00 29.83 ? 157  LYS A CE  1 
ATOM   1242 N  NZ  . LYS A 1 157 ? 14.742  17.324  9.222   1.00 31.95 ? 157  LYS A NZ  1 
ATOM   1243 N  N   . GLY A 1 158 ? 8.186   17.092  4.091   1.00 19.40 ? 158  GLY A N   1 
ATOM   1244 C  CA  . GLY A 1 158 ? 7.681   16.788  2.767   1.00 18.46 ? 158  GLY A CA  1 
ATOM   1245 C  C   . GLY A 1 158 ? 8.560   15.873  1.932   1.00 17.48 ? 158  GLY A C   1 
ATOM   1246 O  O   . GLY A 1 158 ? 8.461   15.876  0.706   1.00 17.39 ? 158  GLY A O   1 
ATOM   1247 N  N   . GLU A 1 159 ? 9.399   15.072  2.594   1.00 16.43 ? 159  GLU A N   1 
ATOM   1248 C  CA  . GLU A 1 159 ? 10.317  14.173  1.908   1.00 16.69 ? 159  GLU A CA  1 
ATOM   1249 C  C   . GLU A 1 159 ? 9.839   12.745  1.661   1.00 16.04 ? 159  GLU A C   1 
ATOM   1250 O  O   . GLU A 1 159 ? 10.562  11.954  1.052   1.00 15.40 ? 159  GLU A O   1 
ATOM   1251 C  CB  . GLU A 1 159 ? 11.658  14.148  2.648   1.00 19.11 ? 159  GLU A CB  1 
ATOM   1252 C  CG  . GLU A 1 159 ? 12.427  15.459  2.502   1.00 24.05 ? 159  GLU A CG  1 
ATOM   1253 C  CD  . GLU A 1 159 ? 13.797  15.413  3.148   1.00 26.99 ? 159  GLU A CD  1 
ATOM   1254 O  OE1 . GLU A 1 159 ? 14.467  14.353  3.084   1.00 29.11 ? 159  GLU A OE1 1 
ATOM   1255 O  OE2 . GLU A 1 159 ? 14.213  16.448  3.702   1.00 30.13 ? 159  GLU A OE2 1 
ATOM   1256 N  N   . ILE A 1 160 ? 8.643   12.406  2.138   1.00 13.26 ? 160  ILE A N   1 
ATOM   1257 C  CA  . ILE A 1 160 ? 8.082   11.071  1.910   1.00 13.43 ? 160  ILE A CA  1 
ATOM   1258 C  C   . ILE A 1 160 ? 7.266   11.142  0.610   1.00 13.07 ? 160  ILE A C   1 
ATOM   1259 O  O   . ILE A 1 160 ? 6.117   11.575  0.626   1.00 16.45 ? 160  ILE A O   1 
ATOM   1260 C  CB  . ILE A 1 160 ? 7.153   10.658  3.069   1.00 13.58 ? 160  ILE A CB  1 
ATOM   1261 C  CG1 . ILE A 1 160 ? 7.932   10.678  4.383   1.00 14.29 ? 160  ILE A CG1 1 
ATOM   1262 C  CG2 . ILE A 1 160 ? 6.571   9.252   2.806   1.00 13.52 ? 160  ILE A CG2 1 
ATOM   1263 C  CD1 . ILE A 1 160 ? 9.047   9.660   4.456   1.00 15.03 ? 160  ILE A CD1 1 
ATOM   1264 N  N   . GLN A 1 161 ? 7.856   10.688  -0.492  1.00 12.54 ? 161  GLN A N   1 
ATOM   1265 C  CA  . GLN A 1 161 ? 7.236   10.756  -1.815  1.00 12.25 ? 161  GLN A CA  1 
ATOM   1266 C  C   . GLN A 1 161 ? 6.152   9.739   -2.104  1.00 10.73 ? 161  GLN A C   1 
ATOM   1267 O  O   . GLN A 1 161 ? 5.265   9.999   -2.916  1.00 10.77 ? 161  GLN A O   1 
ATOM   1268 C  CB  . GLN A 1 161 ? 8.322   10.645  -2.887  1.00 15.64 ? 161  GLN A CB  1 
ATOM   1269 C  CG  . GLN A 1 161 ? 9.360   11.741  -2.766  1.00 20.46 ? 161  GLN A CG  1 
ATOM   1270 C  CD  . GLN A 1 161 ? 10.320  11.728  -3.934  1.00 23.07 ? 161  GLN A CD  1 
ATOM   1271 O  OE1 . GLN A 1 161 ? 9.909   11.493  -5.069  1.00 26.32 ? 161  GLN A OE1 1 
ATOM   1272 N  NE2 . GLN A 1 161 ? 11.592  11.987  -3.671  1.00 25.56 ? 161  GLN A NE2 1 
ATOM   1273 N  N   . ASP A 1 162 ? 6.218   8.571   -1.477  1.00 9.14  ? 162  ASP A N   1 
ATOM   1274 C  CA  . ASP A 1 162 ? 5.177   7.577   -1.727  1.00 8.24  ? 162  ASP A CA  1 
ATOM   1275 C  C   . ASP A 1 162 ? 3.925   8.012   -0.972  1.00 8.76  ? 162  ASP A C   1 
ATOM   1276 O  O   . ASP A 1 162 ? 3.933   8.081   0.260   1.00 7.14  ? 162  ASP A O   1 
ATOM   1277 C  CB  . ASP A 1 162 ? 5.609   6.186   -1.254  1.00 8.98  ? 162  ASP A CB  1 
ATOM   1278 C  CG  . ASP A 1 162 ? 4.507   5.165   -1.428  1.00 11.60 ? 162  ASP A CG  1 
ATOM   1279 O  OD1 . ASP A 1 162 ? 4.064   4.970   -2.581  1.00 12.61 ? 162  ASP A OD1 1 
ATOM   1280 O  OD2 . ASP A 1 162 ? 4.054   4.564   -0.422  1.00 11.17 ? 162  ASP A OD2 1 
ATOM   1281 N  N   . ALA A 1 163 ? 2.836   8.252   -1.698  1.00 8.34  ? 163  ALA A N   1 
ATOM   1282 C  CA  . ALA A 1 163 ? 1.628   8.749   -1.059  1.00 8.56  ? 163  ALA A CA  1 
ATOM   1283 C  C   . ALA A 1 163 ? 1.060   7.824   -0.008  1.00 8.36  ? 163  ALA A C   1 
ATOM   1284 O  O   . ALA A 1 163 ? 0.613   8.270   1.044   1.00 9.10  ? 163  ALA A O   1 
ATOM   1285 C  CB  . ALA A 1 163 ? 0.547   9.032   -2.110  1.00 11.01 ? 163  ALA A CB  1 
ATOM   1286 N  N   . SER A 1 164 ? 1.085   6.528   -0.291  1.00 8.32  ? 164  SER A N   1 
ATOM   1287 C  CA  . SER A 1 164 ? 0.485   5.571   0.632   1.00 9.02  ? 164  SER A CA  1 
ATOM   1288 C  C   . SER A 1 164 ? 1.217   5.496   1.953   1.00 8.21  ? 164  SER A C   1 
ATOM   1289 O  O   . SER A 1 164 ? 0.589   5.393   3.017   1.00 9.31  ? 164  SER A O   1 
ATOM   1290 C  CB  . SER A 1 164 ? 0.421   4.206   -0.050  1.00 9.74  ? 164  SER A CB  1 
ATOM   1291 O  OG  . SER A 1 164 ? -0.439  4.312   -1.190  1.00 12.39 ? 164  SER A OG  1 
ATOM   1292 N  N   . THR A 1 165 ? 2.534   5.569   1.873   1.00 7.57  ? 165  THR A N   1 
ATOM   1293 C  CA  . THR A 1 165 ? 3.382   5.570   3.051   1.00 7.89  ? 165  THR A CA  1 
ATOM   1294 C  C   . THR A 1 165 ? 3.117   6.853   3.830   1.00 7.95  ? 165  THR A C   1 
ATOM   1295 O  O   . THR A 1 165 ? 2.954   6.812   5.034   1.00 8.30  ? 165  THR A O   1 
ATOM   1296 C  CB  . THR A 1 165 ? 4.854   5.485   2.627   1.00 6.86  ? 165  THR A CB  1 
ATOM   1297 O  OG1 . THR A 1 165 ? 5.074   4.194   2.030   1.00 7.63  ? 165  THR A OG1 1 
ATOM   1298 C  CG2 . THR A 1 165 ? 5.797   5.632   3.835   1.00 8.39  ? 165  THR A CG2 1 
ATOM   1299 N  N   . ALA A 1 166 ? 3.054   7.988   3.130   1.00 7.24  ? 166  ALA A N   1 
ATOM   1300 C  CA  . ALA A 1 166 ? 2.792   9.261   3.803   1.00 8.07  ? 166  ALA A CA  1 
ATOM   1301 C  C   . ALA A 1 166 ? 1.445   9.231   4.521   1.00 8.03  ? 166  ALA A C   1 
ATOM   1302 O  O   . ALA A 1 166 ? 1.358   9.609   5.684   1.00 8.74  ? 166  ALA A O   1 
ATOM   1303 C  CB  . ALA A 1 166 ? 2.827   10.432  2.783   1.00 9.03  ? 166  ALA A CB  1 
ATOM   1304 N  N   . LEU A 1 167 ? 0.404   8.782   3.823   1.00 7.93  ? 167  LEU A N   1 
ATOM   1305 C  CA  . LEU A 1 167 ? -0.924  8.725   4.409   1.00 8.94  ? 167  LEU A CA  1 
ATOM   1306 C  C   . LEU A 1 167 ? -0.992  7.755   5.575   1.00 8.60  ? 167  LEU A C   1 
ATOM   1307 O  O   . LEU A 1 167 ? -1.651  8.042   6.578   1.00 9.77  ? 167  LEU A O   1 
ATOM   1308 C  CB  . LEU A 1 167 ? -1.952  8.359   3.329   1.00 9.83  ? 167  LEU A CB  1 
ATOM   1309 C  CG  . LEU A 1 167 ? -3.433  8.491   3.729   1.00 10.70 ? 167  LEU A CG  1 
ATOM   1310 C  CD1 . LEU A 1 167 ? -3.726  9.872   4.326   1.00 9.91  ? 167  LEU A CD1 1 
ATOM   1311 C  CD2 . LEU A 1 167 ? -4.309  8.279   2.489   1.00 10.86 ? 167  LEU A CD2 1 
ATOM   1312 N  N   . THR A 1 168 ? -0.327  6.607   5.459   1.00 7.65  ? 168  THR A N   1 
ATOM   1313 C  CA  . THR A 1 168 ? -0.297  5.640   6.575   1.00 8.64  ? 168  THR A CA  1 
ATOM   1314 C  C   . THR A 1 168 ? 0.342   6.334   7.796   1.00 8.64  ? 168  THR A C   1 
ATOM   1315 O  O   . THR A 1 168 ? -0.159  6.218   8.923   1.00 8.43  ? 168  THR A O   1 
ATOM   1316 C  CB  . THR A 1 168 ? 0.508   4.382   6.173   1.00 8.38  ? 168  THR A CB  1 
ATOM   1317 O  OG1 . THR A 1 168 ? -0.158  3.728   5.076   1.00 9.73  ? 168  THR A OG1 1 
ATOM   1318 C  CG2 . THR A 1 168 ? 0.619   3.378   7.340   1.00 8.58  ? 168  THR A CG2 1 
ATOM   1319 N  N   . LEU A 1 169 ? 1.429   7.070   7.580   1.00 8.59  ? 169  LEU A N   1 
ATOM   1320 C  CA  . LEU A 1 169 ? 2.078   7.763   8.697   1.00 9.70  ? 169  LEU A CA  1 
ATOM   1321 C  C   . LEU A 1 169 ? 1.131   8.770   9.327   1.00 10.09 ? 169  LEU A C   1 
ATOM   1322 O  O   . LEU A 1 169 ? 1.054   8.873   10.553  1.00 10.58 ? 169  LEU A O   1 
ATOM   1323 C  CB  . LEU A 1 169 ? 3.352   8.489   8.233   1.00 8.75  ? 169  LEU A CB  1 
ATOM   1324 C  CG  . LEU A 1 169 ? 4.489   7.536   7.850   1.00 9.63  ? 169  LEU A CG  1 
ATOM   1325 C  CD1 . LEU A 1 169 ? 5.578   8.321   7.147   1.00 10.40 ? 169  LEU A CD1 1 
ATOM   1326 C  CD2 . LEU A 1 169 ? 5.063   6.873   9.100   1.00 11.57 ? 169  LEU A CD2 1 
ATOM   1327 N  N   . PHE A 1 170 ? 0.417   9.537   8.512   1.00 9.46  ? 170  PHE A N   1 
ATOM   1328 C  CA  . PHE A 1 170 ? -0.499  10.516  9.090   1.00 8.18  ? 170  PHE A CA  1 
ATOM   1329 C  C   . PHE A 1 170 ? -1.607  9.843   9.913   1.00 9.51  ? 170  PHE A C   1 
ATOM   1330 O  O   . PHE A 1 170 ? -1.944  10.305  11.022  1.00 10.68 ? 170  PHE A O   1 
ATOM   1331 C  CB  . PHE A 1 170 ? -1.118  11.413  7.996   1.00 8.42  ? 170  PHE A CB  1 
ATOM   1332 C  CG  . PHE A 1 170 ? -0.239  12.575  7.584   1.00 9.05  ? 170  PHE A CG  1 
ATOM   1333 C  CD1 . PHE A 1 170 ? 0.104   13.565  8.503   1.00 9.82  ? 170  PHE A CD1 1 
ATOM   1334 C  CD2 . PHE A 1 170 ? 0.198   12.706  6.259   1.00 9.87  ? 170  PHE A CD2 1 
ATOM   1335 C  CE1 . PHE A 1 170 ? 0.871   14.676  8.109   1.00 11.49 ? 170  PHE A CE1 1 
ATOM   1336 C  CE2 . PHE A 1 170 ? 0.960   13.809  5.851   1.00 10.73 ? 170  PHE A CE2 1 
ATOM   1337 C  CZ  . PHE A 1 170 ? 1.301   14.798  6.774   1.00 10.79 ? 170  PHE A CZ  1 
ATOM   1338 N  N   . TYR A 1 171 ? -2.173  8.761   9.403   1.00 9.61  ? 171  TYR A N   1 
ATOM   1339 C  CA  . TYR A 1 171 ? -3.227  8.083   10.149  1.00 9.08  ? 171  TYR A CA  1 
ATOM   1340 C  C   . TYR A 1 171 ? -2.666  7.397   11.403  1.00 11.30 ? 171  TYR A C   1 
ATOM   1341 O  O   . TYR A 1 171 ? -3.372  7.262   12.418  1.00 11.11 ? 171  TYR A O   1 
ATOM   1342 C  CB  . TYR A 1 171 ? -3.936  7.038   9.278   1.00 9.75  ? 171  TYR A CB  1 
ATOM   1343 C  CG  . TYR A 1 171 ? -4.907  7.623   8.276   1.00 9.15  ? 171  TYR A CG  1 
ATOM   1344 C  CD1 . TYR A 1 171 ? -5.787  8.636   8.641   1.00 8.13  ? 171  TYR A CD1 1 
ATOM   1345 C  CD2 . TYR A 1 171 ? -4.992  7.095   6.988   1.00 8.85  ? 171  TYR A CD2 1 
ATOM   1346 C  CE1 . TYR A 1 171 ? -6.748  9.122   7.731   1.00 9.60  ? 171  TYR A CE1 1 
ATOM   1347 C  CE2 . TYR A 1 171 ? -5.963  7.554   6.072   1.00 10.86 ? 171  TYR A CE2 1 
ATOM   1348 C  CZ  . TYR A 1 171 ? -6.828  8.560   6.452   1.00 8.71  ? 171  TYR A CZ  1 
ATOM   1349 O  OH  . TYR A 1 171 ? -7.812  8.952   5.572   1.00 9.59  ? 171  TYR A OH  1 
ATOM   1350 N  N   . ALA A 1 172 ? -1.408  6.973   11.348  1.00 10.55 ? 172  ALA A N   1 
ATOM   1351 C  CA  . ALA A 1 172 ? -0.817  6.267   12.494  1.00 11.62 ? 172  ALA A CA  1 
ATOM   1352 C  C   . ALA A 1 172 ? -0.434  7.190   13.635  1.00 12.03 ? 172  ALA A C   1 
ATOM   1353 O  O   . ALA A 1 172 ? -0.443  6.785   14.810  1.00 14.46 ? 172  ALA A O   1 
ATOM   1354 C  CB  . ALA A 1 172 ? 0.445   5.493   12.050  1.00 10.46 ? 172  ALA A CB  1 
ATOM   1355 N  N   . GLU A 1 173 ? -0.085  8.423   13.290  1.00 12.75 ? 173  GLU A N   1 
ATOM   1356 C  CA  . GLU A 1 173 ? 0.403   9.382   14.267  1.00 14.48 ? 173  GLU A CA  1 
ATOM   1357 C  C   . GLU A 1 173 ? -0.384  9.501   15.580  1.00 15.22 ? 173  GLU A C   1 
ATOM   1358 O  O   . GLU A 1 173 ? 0.206   9.369   16.659  1.00 15.11 ? 173  GLU A O   1 
ATOM   1359 C  CB  . GLU A 1 173 ? 0.593   10.749  13.605  1.00 14.93 ? 173  GLU A CB  1 
ATOM   1360 C  CG  . GLU A 1 173 ? 1.287   11.750  14.522  1.00 17.85 ? 173  GLU A CG  1 
ATOM   1361 C  CD  . GLU A 1 173 ? 1.730   12.994  13.814  1.00 19.98 ? 173  GLU A CD  1 
ATOM   1362 O  OE1 . GLU A 1 173 ? 1.342   13.197  12.648  1.00 20.03 ? 173  GLU A OE1 1 
ATOM   1363 O  OE2 . GLU A 1 173 ? 2.476   13.783  14.429  1.00 21.38 ? 173  GLU A OE2 1 
ATOM   1364 N  N   . PRO A 1 174 ? -1.708  9.717   15.521  1.00 15.57 ? 174  PRO A N   1 
ATOM   1365 C  CA  . PRO A 1 174 ? -2.426  9.820   16.811  1.00 15.99 ? 174  PRO A CA  1 
ATOM   1366 C  C   . PRO A 1 174 ? -2.316  8.562   17.688  1.00 16.43 ? 174  PRO A C   1 
ATOM   1367 O  O   . PRO A 1 174 ? -2.273  8.651   18.930  1.00 15.94 ? 174  PRO A O   1 
ATOM   1368 C  CB  . PRO A 1 174 ? -3.866  10.127  16.393  1.00 16.15 ? 174  PRO A CB  1 
ATOM   1369 C  CG  . PRO A 1 174 ? -3.969  9.594   14.984  1.00 17.78 ? 174  PRO A CG  1 
ATOM   1370 C  CD  . PRO A 1 174 ? -2.620  9.938   14.382  1.00 15.94 ? 174  PRO A CD  1 
ATOM   1371 N  N   . HIS A 1 175 ? -2.283  7.390   17.059  1.00 15.02 ? 175  HIS A N   1 
ATOM   1372 C  CA  . HIS A 1 175 ? -2.155  6.145   17.811  1.00 15.43 ? 175  HIS A CA  1 
ATOM   1373 C  C   . HIS A 1 175 ? -0.770  6.049   18.440  1.00 15.39 ? 175  HIS A C   1 
ATOM   1374 O  O   . HIS A 1 175 ? -0.626  5.620   19.590  1.00 15.34 ? 175  HIS A O   1 
ATOM   1375 C  CB  . HIS A 1 175 ? -2.350  4.948   16.890  1.00 16.11 ? 175  HIS A CB  1 
ATOM   1376 C  CG  . HIS A 1 175 ? -3.755  4.773   16.416  1.00 17.38 ? 175  HIS A CG  1 
ATOM   1377 N  ND1 . HIS A 1 175 ? -4.732  4.193   17.194  1.00 17.75 ? 175  HIS A ND1 1 
ATOM   1378 C  CD2 . HIS A 1 175 ? -4.332  5.035   15.220  1.00 18.40 ? 175  HIS A CD2 1 
ATOM   1379 C  CE1 . HIS A 1 175 ? -5.851  4.094   16.496  1.00 18.73 ? 175  HIS A CE1 1 
ATOM   1380 N  NE2 . HIS A 1 175 ? -5.634  4.599   15.293  1.00 19.25 ? 175  HIS A NE2 1 
ATOM   1381 N  N   . LEU A 1 176 ? 0.258   6.424   17.681  1.00 14.10 ? 176  LEU A N   1 
ATOM   1382 C  CA  . LEU A 1 176 ? 1.616   6.369   18.211  1.00 14.92 ? 176  LEU A CA  1 
ATOM   1383 C  C   . LEU A 1 176 ? 1.776   7.301   19.400  1.00 15.44 ? 176  LEU A C   1 
ATOM   1384 O  O   . LEU A 1 176 ? 2.461   6.948   20.362  1.00 15.97 ? 176  LEU A O   1 
ATOM   1385 C  CB  . LEU A 1 176 ? 2.635   6.742   17.143  1.00 15.14 ? 176  LEU A CB  1 
ATOM   1386 C  CG  . LEU A 1 176 ? 2.698   5.680   16.047  1.00 14.87 ? 176  LEU A CG  1 
ATOM   1387 C  CD1 . LEU A 1 176 ? 3.536   6.197   14.882  1.00 15.71 ? 176  LEU A CD1 1 
ATOM   1388 C  CD2 . LEU A 1 176 ? 3.327   4.398   16.608  1.00 13.81 ? 176  LEU A CD2 1 
ATOM   1389 N  N   . LYS A 1 177 ? 1.150   8.476   19.337  1.00 14.84 ? 177  LYS A N   1 
ATOM   1390 C  CA  . LYS A 1 177 ? 1.248   9.428   20.452  1.00 15.98 ? 177  LYS A CA  1 
ATOM   1391 C  C   . LYS A 1 177 ? 0.483   8.905   21.649  1.00 16.71 ? 177  LYS A C   1 
ATOM   1392 O  O   . LYS A 1 177 ? 0.944   9.048   22.790  1.00 16.63 ? 177  LYS A O   1 
ATOM   1393 C  CB  . LYS A 1 177 ? 0.723   10.800  20.026  1.00 16.87 ? 177  LYS A CB  1 
ATOM   1394 C  CG  . LYS A 1 177 ? 1.757   11.545  19.176  1.00 18.04 ? 177  LYS A CG  1 
ATOM   1395 C  CD  . LYS A 1 177 ? 1.219   12.810  18.537  1.00 20.27 ? 177  LYS A CD  1 
ATOM   1396 C  CE  . LYS A 1 177 ? 2.365   13.525  17.822  1.00 22.16 ? 177  LYS A CE  1 
ATOM   1397 N  NZ  . LYS A 1 177 ? 2.036   14.909  17.381  1.00 25.20 ? 177  LYS A NZ  1 
ATOM   1398 N  N   . ARG A 1 178 ? -0.661  8.274   21.389  1.00 15.77 ? 178  ARG A N   1 
ATOM   1399 C  CA  . ARG A 1 178 ? -1.505  7.699   22.436  1.00 17.29 ? 178  ARG A CA  1 
ATOM   1400 C  C   . ARG A 1 178 ? -0.765  6.588   23.164  1.00 17.92 ? 178  ARG A C   1 
ATOM   1401 O  O   . ARG A 1 178 ? -0.814  6.482   24.397  1.00 17.80 ? 178  ARG A O   1 
ATOM   1402 C  CB  . ARG A 1 178 ? -2.799  7.149   21.812  1.00 18.01 ? 178  ARG A CB  1 
ATOM   1403 C  CG  . ARG A 1 178 ? -3.705  6.376   22.745  1.00 18.46 ? 178  ARG A CG  1 
ATOM   1404 C  CD  . ARG A 1 178 ? -5.006  5.986   22.052  1.00 20.81 ? 178  ARG A CD  1 
ATOM   1405 N  NE  . ARG A 1 178 ? -4.791  5.081   20.919  1.00 20.38 ? 178  ARG A NE  1 
ATOM   1406 C  CZ  . ARG A 1 178 ? -4.508  3.785   21.032  1.00 21.38 ? 178  ARG A CZ  1 
ATOM   1407 N  NH1 . ARG A 1 178 ? -4.407  3.215   22.228  1.00 22.64 ? 178  ARG A NH1 1 
ATOM   1408 N  NH2 . ARG A 1 178 ? -4.322  3.051   19.942  1.00 21.65 ? 178  ARG A NH2 1 
ATOM   1409 N  N   . LEU A 1 179 ? -0.063  5.759   22.401  1.00 17.65 ? 179  LEU A N   1 
ATOM   1410 C  CA  . LEU A 1 179 ? 0.665   4.641   22.979  1.00 17.74 ? 179  LEU A CA  1 
ATOM   1411 C  C   . LEU A 1 179 ? 2.015   5.045   23.595  1.00 18.21 ? 179  LEU A C   1 
ATOM   1412 O  O   . LEU A 1 179 ? 2.694   4.216   24.180  1.00 18.79 ? 179  LEU A O   1 
ATOM   1413 C  CB  . LEU A 1 179 ? 0.846   3.545   21.909  1.00 18.81 ? 179  LEU A CB  1 
ATOM   1414 C  CG  . LEU A 1 179 ? -0.473  2.983   21.355  1.00 18.33 ? 179  LEU A CG  1 
ATOM   1415 C  CD1 . LEU A 1 179 ? -0.215  2.159   20.080  1.00 19.92 ? 179  LEU A CD1 1 
ATOM   1416 C  CD2 . LEU A 1 179 ? -1.151  2.121   22.412  1.00 20.30 ? 179  LEU A CD2 1 
ATOM   1417 N  N   . GLY A 1 180 ? 2.398   6.312   23.467  1.00 16.36 ? 180  GLY A N   1 
ATOM   1418 C  CA  . GLY A 1 180 ? 3.653   6.767   24.047  1.00 17.41 ? 180  GLY A CA  1 
ATOM   1419 C  C   . GLY A 1 180 ? 4.892   6.403   23.247  1.00 18.49 ? 180  GLY A C   1 
ATOM   1420 O  O   . GLY A 1 180 ? 6.019   6.457   23.761  1.00 19.10 ? 180  GLY A O   1 
ATOM   1421 N  N   . LEU A 1 181 ? 4.685   6.056   21.976  1.00 18.17 ? 181  LEU A N   1 
ATOM   1422 C  CA  . LEU A 1 181 ? 5.785   5.683   21.094  1.00 19.21 ? 181  LEU A CA  1 
ATOM   1423 C  C   . LEU A 1 181 ? 6.297   6.870   20.275  1.00 20.24 ? 181  LEU A C   1 
ATOM   1424 O  O   . LEU A 1 181 ? 7.349   6.783   19.640  1.00 20.88 ? 181  LEU A O   1 
ATOM   1425 C  CB  . LEU A 1 181 ? 5.333   4.547   20.177  1.00 19.32 ? 181  LEU A CB  1 
ATOM   1426 C  CG  . LEU A 1 181 ? 5.013   3.210   20.863  1.00 19.56 ? 181  LEU A CG  1 
ATOM   1427 C  CD1 . LEU A 1 181 ? 4.259   2.313   19.900  1.00 19.31 ? 181  LEU A CD1 1 
ATOM   1428 C  CD2 . LEU A 1 181 ? 6.295   2.533   21.339  1.00 20.34 ? 181  LEU A CD2 1 
ATOM   1429 N  N   . LEU A 1 182 ? 5.569   7.983   20.312  1.00 20.82 ? 182  LEU A N   1 
ATOM   1430 C  CA  . LEU A 1 182 ? 5.938   9.194   19.590  1.00 21.72 ? 182  LEU A CA  1 
ATOM   1431 C  C   . LEU A 1 182 ? 5.594   10.421  20.427  1.00 22.69 ? 182  LEU A C   1 
ATOM   1432 O  O   . LEU A 1 182 ? 4.696   10.312  21.287  1.00 24.08 ? 182  LEU A O   1 
ATOM   1433 C  CB  . LEU A 1 182 ? 5.173   9.254   18.253  1.00 21.17 ? 182  LEU A CB  1 
ATOM   1434 C  CG  . LEU A 1 182 ? 5.495   10.405  17.289  1.00 21.19 ? 182  LEU A CG  1 
ATOM   1435 C  CD1 . LEU A 1 182 ? 6.939   10.285  16.820  1.00 20.51 ? 182  LEU A CD1 1 
ATOM   1436 C  CD2 . LEU A 1 182 ? 4.540   10.373  16.108  1.00 21.36 ? 182  LEU A CD2 1 
ATOM   1437 O  OXT . LEU A 1 182 ? 6.193   11.485  20.196  1.00 24.99 ? 182  LEU A OXT 1 
HETATM 1438 MG MG  . MG  B 2 .   ? 6.130   -7.849  -1.498  1.00 19.06 ? 1001 MG  A MG  1 
HETATM 1439 MG MG  . MG  C 2 .   ? 5.694   -4.779  -1.572  1.00 18.48 ? 1002 MG  A MG  1 
HETATM 1440 O  O   . HOH D 3 .   ? -7.668  3.504   -6.466  1.00 7.41  ? 1003 HOH A O   1 
HETATM 1441 O  O   . HOH D 3 .   ? 6.680   -3.258  -0.798  1.00 10.94 ? 1004 HOH A O   1 
HETATM 1442 O  O   . HOH D 3 .   ? 8.716   7.792   -0.093  1.00 13.35 ? 1005 HOH A O   1 
HETATM 1443 O  O   . HOH D 3 .   ? -10.286 10.066  6.121   1.00 13.99 ? 1006 HOH A O   1 
HETATM 1444 O  O   . HOH D 3 .   ? 7.221   -9.233  -0.874  1.00 15.56 ? 1007 HOH A O   1 
HETATM 1445 O  O   . HOH D 3 .   ? 5.787   -0.619  -0.051  1.00 13.16 ? 1008 HOH A O   1 
HETATM 1446 O  O   . HOH D 3 .   ? 1.398   5.081   -2.915  1.00 18.59 ? 1009 HOH A O   1 
HETATM 1447 O  O   . HOH D 3 .   ? 11.341  8.412   -0.846  1.00 15.42 ? 1010 HOH A O   1 
HETATM 1448 O  O   . HOH D 3 .   ? 4.698   -10.855 9.902   1.00 17.31 ? 1011 HOH A O   1 
HETATM 1449 O  O   . HOH D 3 .   ? 10.830  -13.838 4.953   1.00 16.40 ? 1012 HOH A O   1 
HETATM 1450 O  O   . HOH D 3 .   ? 4.545   -3.524  -3.003  1.00 14.74 ? 1013 HOH A O   1 
HETATM 1451 O  O   . HOH D 3 .   ? -6.917  -1.124  7.081   1.00 16.18 ? 1014 HOH A O   1 
HETATM 1452 O  O   . HOH D 3 .   ? 5.020   -6.546  -2.377  1.00 12.48 ? 1015 HOH A O   1 
HETATM 1453 O  O   . HOH D 3 .   ? -7.824  9.677   -9.101  1.00 15.93 ? 1016 HOH A O   1 
HETATM 1454 O  O   . HOH D 3 .   ? 11.853  7.955   17.888  1.00 22.16 ? 1017 HOH A O   1 
HETATM 1455 O  O   . HOH D 3 .   ? -3.786  -0.833  -9.299  1.00 15.63 ? 1018 HOH A O   1 
HETATM 1456 O  O   . HOH D 3 .   ? 3.080   -10.620 12.358  1.00 18.02 ? 1019 HOH A O   1 
HETATM 1457 O  O   . HOH D 3 .   ? -6.397  -8.282  -4.477  1.00 21.11 ? 1020 HOH A O   1 
HETATM 1458 O  O   . HOH D 3 .   ? -0.274  -13.822 6.941   1.00 19.01 ? 1021 HOH A O   1 
HETATM 1459 O  O   . HOH D 3 .   ? -5.490  7.237   18.737  1.00 23.17 ? 1022 HOH A O   1 
HETATM 1460 O  O   . HOH D 3 .   ? 6.297   6.599   26.441  1.00 18.72 ? 1023 HOH A O   1 
HETATM 1461 O  O   . HOH D 3 .   ? -8.047  -7.781  7.802   1.00 23.16 ? 1024 HOH A O   1 
HETATM 1462 O  O   . HOH D 3 .   ? 11.886  9.820   1.638   1.00 24.69 ? 1025 HOH A O   1 
HETATM 1463 O  O   . HOH D 3 .   ? 5.714   -1.346  19.652  1.00 16.94 ? 1026 HOH A O   1 
HETATM 1464 O  O   . HOH D 3 .   ? -11.316 -2.913  -5.652  1.00 18.76 ? 1027 HOH A O   1 
HETATM 1465 O  O   . HOH D 3 .   ? 9.894   -1.580  -9.553  1.00 17.68 ? 1028 HOH A O   1 
HETATM 1466 O  O   . HOH D 3 .   ? -12.639 9.634   -13.442 1.00 20.19 ? 1029 HOH A O   1 
HETATM 1467 O  O   . HOH D 3 .   ? -6.285  -14.870 5.177   1.00 23.01 ? 1030 HOH A O   1 
HETATM 1468 O  O   . HOH D 3 .   ? 10.680  -3.335  -6.172  1.00 19.72 ? 1031 HOH A O   1 
HETATM 1469 O  O   . HOH D 3 .   ? -8.384  7.489   3.623   1.00 18.38 ? 1032 HOH A O   1 
HETATM 1470 O  O   . HOH D 3 .   ? -6.959  -12.242 9.285   1.00 28.48 ? 1033 HOH A O   1 
HETATM 1471 O  O   . HOH D 3 .   ? 13.637  -17.628 12.009  1.00 21.77 ? 1034 HOH A O   1 
HETATM 1472 O  O   . HOH D 3 .   ? -7.939  -6.962  -26.339 1.00 22.70 ? 1035 HOH A O   1 
HETATM 1473 O  O   . HOH D 3 .   ? 5.080   -9.252  -2.767  1.00 21.43 ? 1036 HOH A O   1 
HETATM 1474 O  O   . HOH D 3 .   ? 7.056   -4.859  -3.326  1.00 23.10 ? 1037 HOH A O   1 
HETATM 1475 O  O   . HOH D 3 .   ? 16.556  6.898   -6.252  1.00 23.00 ? 1038 HOH A O   1 
HETATM 1476 O  O   . HOH D 3 .   ? -1.630  12.931  11.838  1.00 21.77 ? 1039 HOH A O   1 
HETATM 1477 O  O   . HOH D 3 .   ? 14.679  -6.511  3.216   1.00 20.92 ? 1040 HOH A O   1 
HETATM 1478 O  O   . HOH D 3 .   ? -6.015  7.559   12.826  1.00 31.72 ? 1041 HOH A O   1 
HETATM 1479 O  O   . HOH D 3 .   ? -5.987  11.029  -11.146 1.00 30.33 ? 1042 HOH A O   1 
HETATM 1480 O  O   . HOH D 3 .   ? -3.957  -7.690  15.705  1.00 30.31 ? 1043 HOH A O   1 
HETATM 1481 O  O   . HOH D 3 .   ? 4.340   2.293   -3.112  1.00 19.36 ? 1044 HOH A O   1 
HETATM 1482 O  O   . HOH D 3 .   ? -2.831  9.089   -4.133  1.00 22.88 ? 1045 HOH A O   1 
HETATM 1483 O  O   . HOH D 3 .   ? 18.794  -0.130  9.354   1.00 27.27 ? 1046 HOH A O   1 
HETATM 1484 O  O   . HOH D 3 .   ? -19.398 -0.855  -15.959 1.00 26.81 ? 1047 HOH A O   1 
HETATM 1485 O  O   . HOH D 3 .   ? 12.296  4.046   -15.264 1.00 27.55 ? 1048 HOH A O   1 
HETATM 1486 O  O   . HOH D 3 .   ? -13.927 -8.508  -21.491 1.00 32.28 ? 1049 HOH A O   1 
HETATM 1487 O  O   . HOH D 3 .   ? 5.300   -15.511 2.059   1.00 25.63 ? 1050 HOH A O   1 
HETATM 1488 O  O   . HOH D 3 .   ? -7.474  5.421   12.964  1.00 31.18 ? 1051 HOH A O   1 
HETATM 1489 O  O   . HOH D 3 .   ? 17.433  -0.195  -1.593  1.00 23.54 ? 1052 HOH A O   1 
HETATM 1490 O  O   . HOH D 3 .   ? 15.084  -6.800  7.953   1.00 28.09 ? 1053 HOH A O   1 
HETATM 1491 O  O   . HOH D 3 .   ? 2.116   15.444  11.400  1.00 33.11 ? 1054 HOH A O   1 
HETATM 1492 O  O   . HOH D 3 .   ? 1.302   -9.935  -2.519  1.00 29.32 ? 1055 HOH A O   1 
HETATM 1493 O  O   . HOH D 3 .   ? 14.170  -6.809  15.689  1.00 32.29 ? 1056 HOH A O   1 
HETATM 1494 O  O   . HOH D 3 .   ? -1.533  -15.118 4.253   1.00 28.97 ? 1057 HOH A O   1 
HETATM 1495 O  O   . HOH D 3 .   ? 9.882   -4.757  19.154  1.00 28.08 ? 1058 HOH A O   1 
HETATM 1496 O  O   . HOH D 3 .   ? -3.268  10.823  20.269  1.00 21.52 ? 1059 HOH A O   1 
HETATM 1497 O  O   . HOH D 3 .   ? 3.966   -14.468 -1.725  1.00 42.09 ? 1060 HOH A O   1 
HETATM 1498 O  O   . HOH D 3 .   ? 8.482   6.303   -16.786 1.00 25.06 ? 1061 HOH A O   1 
HETATM 1499 O  O   . HOH D 3 .   ? 9.719   14.354  14.685  1.00 26.77 ? 1062 HOH A O   1 
HETATM 1500 O  O   . HOH D 3 .   ? -8.538  6.236   -16.673 1.00 34.02 ? 1063 HOH A O   1 
HETATM 1501 O  O   . HOH D 3 .   ? -11.627 2.329   6.178   1.00 26.84 ? 1064 HOH A O   1 
HETATM 1502 O  O   . HOH D 3 .   ? -9.863  6.351   -19.414 1.00 26.69 ? 1065 HOH A O   1 
HETATM 1503 O  O   . HOH D 3 .   ? 9.626   8.340   19.468  1.00 28.11 ? 1066 HOH A O   1 
HETATM 1504 O  O   . HOH D 3 .   ? -9.248  -10.910 -0.754  1.00 39.43 ? 1067 HOH A O   1 
HETATM 1505 O  O   . HOH D 3 .   ? 17.834  -5.372  3.649   1.00 33.44 ? 1068 HOH A O   1 
HETATM 1506 O  O   . HOH D 3 .   ? 2.303   -7.388  -4.157  1.00 27.47 ? 1069 HOH A O   1 
HETATM 1507 O  O   . HOH D 3 .   ? -27.289 4.529   -20.689 1.00 38.39 ? 1070 HOH A O   1 
HETATM 1508 O  O   . HOH D 3 .   ? 3.853   0.145   -1.949  1.00 28.47 ? 1071 HOH A O   1 
HETATM 1509 O  O   . HOH D 3 .   ? -8.834  0.919   14.412  1.00 26.60 ? 1072 HOH A O   1 
HETATM 1510 O  O   . HOH D 3 .   ? -8.756  -2.930  6.986   1.00 30.90 ? 1073 HOH A O   1 
HETATM 1511 O  O   . HOH D 3 .   ? 7.502   13.195  -5.485  1.00 34.55 ? 1074 HOH A O   1 
HETATM 1512 O  O   . HOH D 3 .   ? 13.535  -10.316 17.164  1.00 24.39 ? 1075 HOH A O   1 
HETATM 1513 O  O   . HOH D 3 .   ? -6.802  9.804   11.825  1.00 37.57 ? 1076 HOH A O   1 
HETATM 1514 O  O   . HOH D 3 .   ? 13.126  -16.435 5.719   1.00 28.51 ? 1077 HOH A O   1 
HETATM 1515 O  O   . HOH D 3 .   ? 14.518  -9.882  -6.116  1.00 29.59 ? 1078 HOH A O   1 
HETATM 1516 O  O   . HOH D 3 .   ? -14.240 -1.090  -25.525 1.00 29.29 ? 1079 HOH A O   1 
HETATM 1517 O  O   . HOH D 3 .   ? -14.290 -2.375  -6.369  1.00 33.12 ? 1080 HOH A O   1 
HETATM 1518 O  O   . HOH D 3 .   ? 16.510  4.983   -12.533 1.00 34.67 ? 1081 HOH A O   1 
HETATM 1519 O  O   . HOH D 3 .   ? -3.003  11.288  -13.586 1.00 28.33 ? 1082 HOH A O   1 
HETATM 1520 O  O   . HOH D 3 .   ? 5.044   -1.126  22.138  1.00 31.89 ? 1083 HOH A O   1 
HETATM 1521 O  O   . HOH D 3 .   ? -6.695  7.607   16.080  1.00 33.34 ? 1084 HOH A O   1 
HETATM 1522 O  O   . HOH D 3 .   ? -18.738 -7.823  -20.350 1.00 30.45 ? 1085 HOH A O   1 
HETATM 1523 O  O   . HOH D 3 .   ? -10.349 -12.824 -21.413 1.00 26.76 ? 1086 HOH A O   1 
HETATM 1524 O  O   . HOH D 3 .   ? -7.089  -13.793 -24.259 1.00 31.41 ? 1087 HOH A O   1 
HETATM 1525 O  O   . HOH D 3 .   ? 4.603   -3.804  -5.847  1.00 38.93 ? 1088 HOH A O   1 
HETATM 1526 O  O   . HOH D 3 .   ? 2.516   -14.439 7.511   1.00 27.85 ? 1089 HOH A O   1 
HETATM 1527 O  O   . HOH D 3 .   ? -10.860 -4.009  -0.274  1.00 32.60 ? 1090 HOH A O   1 
HETATM 1528 O  O   . HOH D 3 .   ? -13.467 8.413   -25.442 1.00 36.82 ? 1091 HOH A O   1 
HETATM 1529 O  O   . HOH D 3 .   ? 7.375   -13.035 16.599  1.00 42.67 ? 1092 HOH A O   1 
HETATM 1530 O  O   . HOH D 3 .   ? -11.959 5.463   4.095   1.00 22.76 ? 1093 HOH A O   1 
HETATM 1531 O  O   . HOH D 3 .   ? 16.181  -7.038  1.160   1.00 29.21 ? 1094 HOH A O   1 
HETATM 1532 O  O   . HOH D 3 .   ? 0.796   -5.318  20.899  1.00 24.38 ? 1095 HOH A O   1 
HETATM 1533 O  O   . HOH D 3 .   ? 16.637  10.049  9.398   1.00 41.86 ? 1096 HOH A O   1 
HETATM 1534 O  O   . HOH D 3 .   ? -20.640 1.088   -11.728 1.00 40.08 ? 1097 HOH A O   1 
HETATM 1535 O  O   . HOH D 3 .   ? -21.380 0.823   -14.898 1.00 37.14 ? 1098 HOH A O   1 
HETATM 1536 O  O   . HOH D 3 .   ? -17.947 -1.085  -13.874 1.00 33.14 ? 1099 HOH A O   1 
HETATM 1537 O  O   . HOH D 3 .   ? -26.083 6.210   -19.182 1.00 40.83 ? 1100 HOH A O   1 
HETATM 1538 O  O   . HOH D 3 .   ? -24.028 -1.191  -17.392 1.00 33.36 ? 1101 HOH A O   1 
HETATM 1539 O  O   . HOH D 3 .   ? -12.487 -8.652  -19.045 1.00 39.21 ? 1102 HOH A O   1 
HETATM 1540 O  O   . HOH D 3 .   ? -16.241 -9.379  -19.757 1.00 38.40 ? 1103 HOH A O   1 
HETATM 1541 O  O   . HOH D 3 .   ? -6.461  -11.333 -22.579 1.00 43.06 ? 1104 HOH A O   1 
HETATM 1542 O  O   . HOH D 3 .   ? -11.442 8.110   -20.831 1.00 38.78 ? 1105 HOH A O   1 
HETATM 1543 O  O   . HOH D 3 .   ? -21.621 9.174   -28.647 1.00 34.44 ? 1106 HOH A O   1 
HETATM 1544 O  O   . HOH D 3 .   ? -18.634 11.437  -24.334 1.00 42.38 ? 1107 HOH A O   1 
HETATM 1545 O  O   . HOH D 3 .   ? -11.528 -4.164  -2.929  1.00 44.38 ? 1108 HOH A O   1 
HETATM 1546 O  O   . HOH D 3 .   ? -8.279  -8.619  -2.686  1.00 33.22 ? 1109 HOH A O   1 
HETATM 1547 O  O   . HOH D 3 .   ? 1.795   1.881   25.216  1.00 38.54 ? 1110 HOH A O   1 
HETATM 1548 O  O   . HOH D 3 .   ? 14.215  9.648   18.958  1.00 41.63 ? 1111 HOH A O   1 
HETATM 1549 O  O   . HOH D 3 .   ? 7.617   -4.845  -7.310  1.00 39.05 ? 1112 HOH A O   1 
HETATM 1550 O  O   . HOH D 3 .   ? 9.775   -4.072  -8.572  1.00 33.85 ? 1113 HOH A O   1 
HETATM 1551 O  O   . HOH D 3 .   ? 17.704  5.650   -8.877  1.00 35.39 ? 1114 HOH A O   1 
HETATM 1552 O  O   . HOH D 3 .   ? 13.931  9.029   -4.260  1.00 36.40 ? 1115 HOH A O   1 
HETATM 1553 O  O   . HOH D 3 .   ? 20.104  6.252   -6.065  1.00 35.05 ? 1116 HOH A O   1 
HETATM 1554 O  O   . HOH D 3 .   ? 14.526  9.525   2.294   1.00 37.11 ? 1117 HOH A O   1 
HETATM 1555 O  O   . HOH D 3 .   ? 2.069   -13.068 -2.973  1.00 41.83 ? 1118 HOH A O   1 
HETATM 1556 O  O   . HOH D 3 .   ? 4.212   -6.589  -4.108  1.00 15.97 ? 1119 HOH A O   1 
HETATM 1557 O  O   . HOH D 3 .   ? -3.921  -12.351 10.177  1.00 37.85 ? 1120 HOH A O   1 
HETATM 1558 O  O   . HOH D 3 .   ? -3.969  -16.264 4.721   1.00 37.81 ? 1121 HOH A O   1 
HETATM 1559 O  O   . HOH D 3 .   ? -1.826  -13.922 9.336   1.00 41.28 ? 1122 HOH A O   1 
HETATM 1560 O  O   . HOH D 3 .   ? -6.188  -5.702  12.377  1.00 35.37 ? 1123 HOH A O   1 
HETATM 1561 O  O   . HOH D 3 .   ? 2.928   -13.199 13.364  1.00 34.30 ? 1124 HOH A O   1 
HETATM 1562 O  O   . HOH D 3 .   ? 4.127   -13.601 9.907   1.00 37.51 ? 1125 HOH A O   1 
HETATM 1563 O  O   . HOH D 3 .   ? -6.437  8.565   -14.820 1.00 33.75 ? 1126 HOH A O   1 
HETATM 1564 O  O   . HOH D 3 .   ? -2.693  4.281   -11.341 1.00 43.53 ? 1127 HOH A O   1 
HETATM 1565 O  O   . HOH D 3 .   ? 6.765   -8.980  19.069  1.00 27.64 ? 1128 HOH A O   1 
HETATM 1566 O  O   . HOH D 3 .   ? 12.258  12.653  -0.837  1.00 32.41 ? 1129 HOH A O   1 
HETATM 1567 O  O   . HOH D 3 .   ? 9.774   10.455  20.757  1.00 36.31 ? 1130 HOH A O   1 
HETATM 1568 O  O   . HOH D 3 .   ? 17.367  4.355   2.383   1.00 37.10 ? 1131 HOH A O   1 
# 
